data_6KLP
# 
_entry.id   6KLP 
# 
_audit_conform.dict_name       mmcif_pdbx.dic 
_audit_conform.dict_version    5.387 
_audit_conform.dict_location   http://mmcif.pdb.org/dictionaries/ascii/mmcif_pdbx.dic 
# 
loop_
_database_2.database_id 
_database_2.database_code 
_database_2.pdbx_database_accession 
_database_2.pdbx_DOI 
PDB   6KLP         pdb_00006klp 10.2210/pdb6klp/pdb 
WWPDB D_1300013256 ?            ?                   
EMDB  EMD-0714     ?            ?                   
# 
loop_
_pdbx_audit_revision_history.ordinal 
_pdbx_audit_revision_history.data_content_type 
_pdbx_audit_revision_history.major_revision 
_pdbx_audit_revision_history.minor_revision 
_pdbx_audit_revision_history.revision_date 
1 'Structure model' 1 0 2020-01-15 
2 'Structure model' 1 1 2020-01-29 
3 'Structure model' 1 2 2020-03-11 
4 'Structure model' 1 3 2024-03-27 
# 
_pdbx_audit_revision_details.ordinal             1 
_pdbx_audit_revision_details.revision_ordinal    1 
_pdbx_audit_revision_details.data_content_type   'Structure model' 
_pdbx_audit_revision_details.provider            repository 
_pdbx_audit_revision_details.type                'Initial release' 
_pdbx_audit_revision_details.description         ? 
_pdbx_audit_revision_details.details             ? 
# 
loop_
_pdbx_audit_revision_group.ordinal 
_pdbx_audit_revision_group.revision_ordinal 
_pdbx_audit_revision_group.data_content_type 
_pdbx_audit_revision_group.group 
1 2 'Structure model' 'Database references'    
2 3 'Structure model' 'Database references'    
3 4 'Structure model' 'Database references'    
4 4 'Structure model' 'Refinement description' 
# 
loop_
_pdbx_audit_revision_category.ordinal 
_pdbx_audit_revision_category.revision_ordinal 
_pdbx_audit_revision_category.data_content_type 
_pdbx_audit_revision_category.category 
1 2 'Structure model' citation                      
2 3 'Structure model' citation                      
3 4 'Structure model' database_2                    
4 4 'Structure model' em_3d_fitting_list            
5 4 'Structure model' pdbx_initial_refinement_model 
# 
loop_
_pdbx_audit_revision_item.ordinal 
_pdbx_audit_revision_item.revision_ordinal 
_pdbx_audit_revision_item.data_content_type 
_pdbx_audit_revision_item.item 
1  2 'Structure model' '_citation.country'                               
2  2 'Structure model' '_citation.journal_abbrev'                        
3  2 'Structure model' '_citation.journal_id_ASTM'                       
4  2 'Structure model' '_citation.journal_id_CSD'                        
5  2 'Structure model' '_citation.journal_id_ISSN'                       
6  2 'Structure model' '_citation.page_first'                            
7  2 'Structure model' '_citation.page_last'                             
8  2 'Structure model' '_citation.pdbx_database_id_DOI'                  
9  2 'Structure model' '_citation.pdbx_database_id_PubMed'               
10 2 'Structure model' '_citation.title'                                 
11 2 'Structure model' '_citation.year'                                  
12 3 'Structure model' '_citation.journal_volume'                        
13 4 'Structure model' '_database_2.pdbx_DOI'                            
14 4 'Structure model' '_database_2.pdbx_database_accession'             
15 4 'Structure model' '_em_3d_fitting_list.accession_code'              
16 4 'Structure model' '_em_3d_fitting_list.initial_refinement_model_id' 
17 4 'Structure model' '_em_3d_fitting_list.source_name'                 
18 4 'Structure model' '_em_3d_fitting_list.type'                        
# 
_pdbx_database_status.status_code                     REL 
_pdbx_database_status.status_code_sf                  ? 
_pdbx_database_status.status_code_mr                  ? 
_pdbx_database_status.entry_id                        6KLP 
_pdbx_database_status.recvd_initial_deposition_date   2019-07-30 
_pdbx_database_status.SG_entry                        N 
_pdbx_database_status.deposit_site                    PDBJ 
_pdbx_database_status.process_site                    PDBJ 
_pdbx_database_status.status_code_cs                  ? 
_pdbx_database_status.methods_development_category    ? 
_pdbx_database_status.pdb_format_compatible           Y 
_pdbx_database_status.status_code_nmr_data            ? 
# 
loop_
_pdbx_database_related.db_name 
_pdbx_database_related.details 
_pdbx_database_related.db_id 
_pdbx_database_related.content_type 
EMDB .                                                           EMD-0711 'other EM volume'      
EMDB .                                                           EMD-0712 'other EM volume'      
EMDB 'Tropomyosin of cardiac thin filament in low-calcium state' EMD-0714 'associated EM volume' 
# 
loop_
_audit_author.name 
_audit_author.pdbx_ordinal 
_audit_author.identifier_ORCID 
'Oda, T.'         1 0000-0001-8090-2159 
'Yanagisawa, H.'  2 0000-0003-0313-2343 
'Wakabayashi, T.' 3 ?                   
# 
_citation.abstract                  ? 
_citation.abstract_id_CAS           ? 
_citation.book_id_ISBN              ? 
_citation.book_publisher            ? 
_citation.book_publisher_city       ? 
_citation.book_title                ? 
_citation.coordinate_linkage        ? 
_citation.country                   US 
_citation.database_id_Medline       ? 
_citation.details                   ? 
_citation.id                        primary 
_citation.journal_abbrev            J.Struct.Biol. 
_citation.journal_id_ASTM           JSBIEM 
_citation.journal_id_CSD            0803 
_citation.journal_id_ISSN           1095-8657 
_citation.journal_full              ? 
_citation.journal_issue             ? 
_citation.journal_volume            209 
_citation.language                  ? 
_citation.page_first                107450 
_citation.page_last                 107450 
_citation.title                     'Cryo-EM structures of cardiac thin filaments reveal the 3D architecture of troponin.' 
_citation.year                      2020 
_citation.database_id_CSD           ? 
_citation.pdbx_database_id_DOI      10.1016/j.jsb.2020.107450 
_citation.pdbx_database_id_PubMed   31954841 
_citation.unpublished_flag          ? 
# 
loop_
_citation_author.citation_id 
_citation_author.name 
_citation_author.ordinal 
_citation_author.identifier_ORCID 
primary 'Oda, T.'         1 ? 
primary 'Yanagisawa, H.'  2 ? 
primary 'Wakabayashi, T.' 3 ? 
# 
_entity.id                         1 
_entity.type                       polymer 
_entity.src_method                 nat 
_entity.pdbx_description           Tropomyosin 
_entity.formula_weight             11507.176 
_entity.pdbx_number_of_molecules   2 
_entity.pdbx_ec                    ? 
_entity.pdbx_mutation              ? 
_entity.pdbx_fragment              ? 
_entity.details                    ? 
# 
_entity_poly.entity_id                      1 
_entity_poly.type                           'polypeptide(L)' 
_entity_poly.nstd_linkage                   no 
_entity_poly.nstd_monomer                   no 
_entity_poly.pdbx_seq_one_letter_code       
;(UNK)(UNK)(UNK)(UNK)(UNK)(UNK)(UNK)(UNK)(UNK)(UNK)(UNK)(UNK)(UNK)(UNK)(UNK)(UNK)
(UNK)(UNK)(UNK)(UNK)(UNK)(UNK)(UNK)(UNK)(UNK)(UNK)(UNK)(UNK)(UNK)(UNK)(UNK)(UNK)
(UNK)(UNK)(UNK)(UNK)(UNK)(UNK)(UNK)(UNK)(UNK)(UNK)(UNK)(UNK)(UNK)(UNK)(UNK)(UNK)
(UNK)(UNK)(UNK)(UNK)(UNK)(UNK)(UNK)(UNK)(UNK)(UNK)(UNK)(UNK)(UNK)(UNK)(UNK)(UNK)
(UNK)(UNK)(UNK)(UNK)(UNK)(UNK)(UNK)(UNK)(UNK)(UNK)(UNK)(UNK)(UNK)(UNK)(UNK)(UNK)
(UNK)(UNK)(UNK)(UNK)(UNK)(UNK)(UNK)(UNK)(UNK)(UNK)(UNK)(UNK)(UNK)(UNK)(UNK)(UNK)
(UNK)(UNK)(UNK)(UNK)(UNK)(UNK)(UNK)(UNK)(UNK)(UNK)(UNK)(UNK)(UNK)(UNK)(UNK)(UNK)
(UNK)(UNK)(UNK)(UNK)(UNK)(UNK)(UNK)(UNK)(UNK)(UNK)(UNK)(UNK)(UNK)(UNK)(UNK)(UNK)
(UNK)(UNK)(UNK)(UNK)(UNK)(UNK)(UNK)
;
_entity_poly.pdbx_seq_one_letter_code_can   
;XXXXXXXXXXXXXXXXXXXXXXXXXXXXXXXXXXXXXXXXXXXXXXXXXXXXXXXXXXXXXXXXXXXXXXXXXXXXXXXX
XXXXXXXXXXXXXXXXXXXXXXXXXXXXXXXXXXXXXXXXXXXXXXXXXXXXXXX
;
_entity_poly.pdbx_strand_id                 B,A 
_entity_poly.pdbx_target_identifier         ? 
# 
loop_
_entity_poly_seq.entity_id 
_entity_poly_seq.num 
_entity_poly_seq.mon_id 
_entity_poly_seq.hetero 
1 1   UNK n 
1 2   UNK n 
1 3   UNK n 
1 4   UNK n 
1 5   UNK n 
1 6   UNK n 
1 7   UNK n 
1 8   UNK n 
1 9   UNK n 
1 10  UNK n 
1 11  UNK n 
1 12  UNK n 
1 13  UNK n 
1 14  UNK n 
1 15  UNK n 
1 16  UNK n 
1 17  UNK n 
1 18  UNK n 
1 19  UNK n 
1 20  UNK n 
1 21  UNK n 
1 22  UNK n 
1 23  UNK n 
1 24  UNK n 
1 25  UNK n 
1 26  UNK n 
1 27  UNK n 
1 28  UNK n 
1 29  UNK n 
1 30  UNK n 
1 31  UNK n 
1 32  UNK n 
1 33  UNK n 
1 34  UNK n 
1 35  UNK n 
1 36  UNK n 
1 37  UNK n 
1 38  UNK n 
1 39  UNK n 
1 40  UNK n 
1 41  UNK n 
1 42  UNK n 
1 43  UNK n 
1 44  UNK n 
1 45  UNK n 
1 46  UNK n 
1 47  UNK n 
1 48  UNK n 
1 49  UNK n 
1 50  UNK n 
1 51  UNK n 
1 52  UNK n 
1 53  UNK n 
1 54  UNK n 
1 55  UNK n 
1 56  UNK n 
1 57  UNK n 
1 58  UNK n 
1 59  UNK n 
1 60  UNK n 
1 61  UNK n 
1 62  UNK n 
1 63  UNK n 
1 64  UNK n 
1 65  UNK n 
1 66  UNK n 
1 67  UNK n 
1 68  UNK n 
1 69  UNK n 
1 70  UNK n 
1 71  UNK n 
1 72  UNK n 
1 73  UNK n 
1 74  UNK n 
1 75  UNK n 
1 76  UNK n 
1 77  UNK n 
1 78  UNK n 
1 79  UNK n 
1 80  UNK n 
1 81  UNK n 
1 82  UNK n 
1 83  UNK n 
1 84  UNK n 
1 85  UNK n 
1 86  UNK n 
1 87  UNK n 
1 88  UNK n 
1 89  UNK n 
1 90  UNK n 
1 91  UNK n 
1 92  UNK n 
1 93  UNK n 
1 94  UNK n 
1 95  UNK n 
1 96  UNK n 
1 97  UNK n 
1 98  UNK n 
1 99  UNK n 
1 100 UNK n 
1 101 UNK n 
1 102 UNK n 
1 103 UNK n 
1 104 UNK n 
1 105 UNK n 
1 106 UNK n 
1 107 UNK n 
1 108 UNK n 
1 109 UNK n 
1 110 UNK n 
1 111 UNK n 
1 112 UNK n 
1 113 UNK n 
1 114 UNK n 
1 115 UNK n 
1 116 UNK n 
1 117 UNK n 
1 118 UNK n 
1 119 UNK n 
1 120 UNK n 
1 121 UNK n 
1 122 UNK n 
1 123 UNK n 
1 124 UNK n 
1 125 UNK n 
1 126 UNK n 
1 127 UNK n 
1 128 UNK n 
1 129 UNK n 
1 130 UNK n 
1 131 UNK n 
1 132 UNK n 
1 133 UNK n 
1 134 UNK n 
1 135 UNK n 
# 
_entity_src_nat.entity_id                  1 
_entity_src_nat.pdbx_src_id                1 
_entity_src_nat.pdbx_alt_source_flag       sample 
_entity_src_nat.pdbx_beg_seq_num           1 
_entity_src_nat.pdbx_end_seq_num           135 
_entity_src_nat.common_name                ? 
_entity_src_nat.pdbx_organism_scientific   'Mus musculus' 
_entity_src_nat.pdbx_ncbi_taxonomy_id      10090 
_entity_src_nat.genus                      ? 
_entity_src_nat.species                    ? 
_entity_src_nat.strain                     ICR 
_entity_src_nat.tissue                     ? 
_entity_src_nat.tissue_fraction            ? 
_entity_src_nat.pdbx_secretion             ? 
_entity_src_nat.pdbx_fragment              ? 
_entity_src_nat.pdbx_variant               ? 
_entity_src_nat.pdbx_cell_line             ? 
_entity_src_nat.pdbx_atcc                  ? 
_entity_src_nat.pdbx_cellular_location     ? 
_entity_src_nat.pdbx_organ                 Heart 
_entity_src_nat.pdbx_organelle             ? 
_entity_src_nat.pdbx_cell                  ? 
_entity_src_nat.pdbx_plasmid_name          ? 
_entity_src_nat.pdbx_plasmid_details       ? 
_entity_src_nat.details                    ? 
# 
_chem_comp.id               UNK 
_chem_comp.type             'L-peptide linking' 
_chem_comp.mon_nstd_flag    . 
_chem_comp.name             UNKNOWN 
_chem_comp.pdbx_synonyms    ? 
_chem_comp.formula          'C4 H9 N O2' 
_chem_comp.formula_weight   103.120 
# 
loop_
_pdbx_poly_seq_scheme.asym_id 
_pdbx_poly_seq_scheme.entity_id 
_pdbx_poly_seq_scheme.seq_id 
_pdbx_poly_seq_scheme.mon_id 
_pdbx_poly_seq_scheme.ndb_seq_num 
_pdbx_poly_seq_scheme.pdb_seq_num 
_pdbx_poly_seq_scheme.auth_seq_num 
_pdbx_poly_seq_scheme.pdb_mon_id 
_pdbx_poly_seq_scheme.auth_mon_id 
_pdbx_poly_seq_scheme.pdb_strand_id 
_pdbx_poly_seq_scheme.pdb_ins_code 
_pdbx_poly_seq_scheme.hetero 
A 1 1   UNK 1   97  97  UNK UNK B . n 
A 1 2   UNK 2   98  98  UNK UNK B . n 
A 1 3   UNK 3   99  99  UNK UNK B . n 
A 1 4   UNK 4   100 100 UNK UNK B . n 
A 1 5   UNK 5   101 101 UNK UNK B . n 
A 1 6   UNK 6   102 102 UNK UNK B . n 
A 1 7   UNK 7   103 103 UNK UNK B . n 
A 1 8   UNK 8   104 104 UNK UNK B . n 
A 1 9   UNK 9   105 105 UNK UNK B . n 
A 1 10  UNK 10  106 106 UNK UNK B . n 
A 1 11  UNK 11  107 107 UNK UNK B . n 
A 1 12  UNK 12  108 108 UNK UNK B . n 
A 1 13  UNK 13  109 109 UNK UNK B . n 
A 1 14  UNK 14  110 110 UNK UNK B . n 
A 1 15  UNK 15  111 111 UNK UNK B . n 
A 1 16  UNK 16  112 112 UNK UNK B . n 
A 1 17  UNK 17  113 113 UNK UNK B . n 
A 1 18  UNK 18  114 114 UNK UNK B . n 
A 1 19  UNK 19  115 115 UNK UNK B . n 
A 1 20  UNK 20  116 116 UNK UNK B . n 
A 1 21  UNK 21  117 117 UNK UNK B . n 
A 1 22  UNK 22  118 118 UNK UNK B . n 
A 1 23  UNK 23  119 119 UNK UNK B . n 
A 1 24  UNK 24  120 120 UNK UNK B . n 
A 1 25  UNK 25  121 121 UNK UNK B . n 
A 1 26  UNK 26  122 122 UNK UNK B . n 
A 1 27  UNK 27  123 123 UNK UNK B . n 
A 1 28  UNK 28  124 124 UNK UNK B . n 
A 1 29  UNK 29  125 125 UNK UNK B . n 
A 1 30  UNK 30  126 126 UNK UNK B . n 
A 1 31  UNK 31  127 127 UNK UNK B . n 
A 1 32  UNK 32  128 128 UNK UNK B . n 
A 1 33  UNK 33  129 129 UNK UNK B . n 
A 1 34  UNK 34  130 130 UNK UNK B . n 
A 1 35  UNK 35  131 131 UNK UNK B . n 
A 1 36  UNK 36  132 132 UNK UNK B . n 
A 1 37  UNK 37  133 133 UNK UNK B . n 
A 1 38  UNK 38  134 134 UNK UNK B . n 
A 1 39  UNK 39  135 135 UNK UNK B . n 
A 1 40  UNK 40  136 136 UNK UNK B . n 
A 1 41  UNK 41  137 137 UNK UNK B . n 
A 1 42  UNK 42  138 138 UNK UNK B . n 
A 1 43  UNK 43  139 139 UNK UNK B . n 
A 1 44  UNK 44  140 140 UNK UNK B . n 
A 1 45  UNK 45  141 141 UNK UNK B . n 
A 1 46  UNK 46  142 142 UNK UNK B . n 
A 1 47  UNK 47  143 143 UNK UNK B . n 
A 1 48  UNK 48  144 144 UNK UNK B . n 
A 1 49  UNK 49  145 145 UNK UNK B . n 
A 1 50  UNK 50  146 146 UNK UNK B . n 
A 1 51  UNK 51  147 147 UNK UNK B . n 
A 1 52  UNK 52  148 148 UNK UNK B . n 
A 1 53  UNK 53  149 149 UNK UNK B . n 
A 1 54  UNK 54  150 150 UNK UNK B . n 
A 1 55  UNK 55  151 151 UNK UNK B . n 
A 1 56  UNK 56  152 152 UNK UNK B . n 
A 1 57  UNK 57  153 153 UNK UNK B . n 
A 1 58  UNK 58  154 154 UNK UNK B . n 
A 1 59  UNK 59  155 155 UNK UNK B . n 
A 1 60  UNK 60  156 156 UNK UNK B . n 
A 1 61  UNK 61  157 157 UNK UNK B . n 
A 1 62  UNK 62  158 158 UNK UNK B . n 
A 1 63  UNK 63  159 159 UNK UNK B . n 
A 1 64  UNK 64  160 160 UNK UNK B . n 
A 1 65  UNK 65  161 161 UNK UNK B . n 
A 1 66  UNK 66  162 162 UNK UNK B . n 
A 1 67  UNK 67  163 163 UNK UNK B . n 
A 1 68  UNK 68  164 164 UNK UNK B . n 
A 1 69  UNK 69  165 165 UNK UNK B . n 
A 1 70  UNK 70  166 166 UNK UNK B . n 
A 1 71  UNK 71  167 167 UNK UNK B . n 
A 1 72  UNK 72  168 168 UNK UNK B . n 
A 1 73  UNK 73  169 169 UNK UNK B . n 
A 1 74  UNK 74  170 170 UNK UNK B . n 
A 1 75  UNK 75  171 171 UNK UNK B . n 
A 1 76  UNK 76  172 172 UNK UNK B . n 
A 1 77  UNK 77  173 173 UNK UNK B . n 
A 1 78  UNK 78  174 174 UNK UNK B . n 
A 1 79  UNK 79  175 175 UNK UNK B . n 
A 1 80  UNK 80  176 176 UNK UNK B . n 
A 1 81  UNK 81  177 177 UNK UNK B . n 
A 1 82  UNK 82  178 178 UNK UNK B . n 
A 1 83  UNK 83  179 179 UNK UNK B . n 
A 1 84  UNK 84  180 180 UNK UNK B . n 
A 1 85  UNK 85  181 181 UNK UNK B . n 
A 1 86  UNK 86  182 182 UNK UNK B . n 
A 1 87  UNK 87  183 183 UNK UNK B . n 
A 1 88  UNK 88  184 184 UNK UNK B . n 
A 1 89  UNK 89  185 185 UNK UNK B . n 
A 1 90  UNK 90  186 186 UNK UNK B . n 
A 1 91  UNK 91  187 187 UNK UNK B . n 
A 1 92  UNK 92  188 188 UNK UNK B . n 
A 1 93  UNK 93  189 189 UNK UNK B . n 
A 1 94  UNK 94  190 190 UNK UNK B . n 
A 1 95  UNK 95  191 191 UNK UNK B . n 
A 1 96  UNK 96  192 192 UNK UNK B . n 
A 1 97  UNK 97  193 193 UNK UNK B . n 
A 1 98  UNK 98  194 194 UNK UNK B . n 
A 1 99  UNK 99  195 195 UNK UNK B . n 
A 1 100 UNK 100 196 196 UNK UNK B . n 
A 1 101 UNK 101 197 197 UNK UNK B . n 
A 1 102 UNK 102 198 198 UNK UNK B . n 
A 1 103 UNK 103 199 199 UNK UNK B . n 
A 1 104 UNK 104 200 200 UNK UNK B . n 
A 1 105 UNK 105 201 201 UNK UNK B . n 
A 1 106 UNK 106 202 202 UNK UNK B . n 
A 1 107 UNK 107 203 203 UNK UNK B . n 
A 1 108 UNK 108 204 204 UNK UNK B . n 
A 1 109 UNK 109 205 205 UNK UNK B . n 
A 1 110 UNK 110 206 206 UNK UNK B . n 
A 1 111 UNK 111 207 207 UNK UNK B . n 
A 1 112 UNK 112 208 208 UNK UNK B . n 
A 1 113 UNK 113 209 209 UNK UNK B . n 
A 1 114 UNK 114 210 210 UNK UNK B . n 
A 1 115 UNK 115 211 211 UNK UNK B . n 
A 1 116 UNK 116 212 212 UNK UNK B . n 
A 1 117 UNK 117 213 213 UNK UNK B . n 
A 1 118 UNK 118 214 214 UNK UNK B . n 
A 1 119 UNK 119 215 215 UNK UNK B . n 
A 1 120 UNK 120 216 216 UNK UNK B . n 
A 1 121 UNK 121 217 217 UNK UNK B . n 
A 1 122 UNK 122 218 218 UNK UNK B . n 
A 1 123 UNK 123 219 219 UNK UNK B . n 
A 1 124 UNK 124 220 220 UNK UNK B . n 
A 1 125 UNK 125 221 221 UNK UNK B . n 
A 1 126 UNK 126 222 222 UNK UNK B . n 
A 1 127 UNK 127 223 223 UNK UNK B . n 
A 1 128 UNK 128 224 224 UNK UNK B . n 
A 1 129 UNK 129 225 225 UNK UNK B . n 
A 1 130 UNK 130 226 226 UNK UNK B . n 
A 1 131 UNK 131 227 227 UNK UNK B . n 
A 1 132 UNK 132 228 228 UNK UNK B . n 
A 1 133 UNK 133 229 229 UNK UNK B . n 
A 1 134 UNK 134 230 ?   ?   ?   B . n 
A 1 135 UNK 135 231 ?   ?   ?   B . n 
B 1 1   UNK 1   97  97  UNK UNK A . n 
B 1 2   UNK 2   98  98  UNK UNK A . n 
B 1 3   UNK 3   99  99  UNK UNK A . n 
B 1 4   UNK 4   100 100 UNK UNK A . n 
B 1 5   UNK 5   101 101 UNK UNK A . n 
B 1 6   UNK 6   102 102 UNK UNK A . n 
B 1 7   UNK 7   103 103 UNK UNK A . n 
B 1 8   UNK 8   104 104 UNK UNK A . n 
B 1 9   UNK 9   105 105 UNK UNK A . n 
B 1 10  UNK 10  106 106 UNK UNK A . n 
B 1 11  UNK 11  107 107 UNK UNK A . n 
B 1 12  UNK 12  108 108 UNK UNK A . n 
B 1 13  UNK 13  109 109 UNK UNK A . n 
B 1 14  UNK 14  110 110 UNK UNK A . n 
B 1 15  UNK 15  111 111 UNK UNK A . n 
B 1 16  UNK 16  112 112 UNK UNK A . n 
B 1 17  UNK 17  113 113 UNK UNK A . n 
B 1 18  UNK 18  114 114 UNK UNK A . n 
B 1 19  UNK 19  115 115 UNK UNK A . n 
B 1 20  UNK 20  116 116 UNK UNK A . n 
B 1 21  UNK 21  117 117 UNK UNK A . n 
B 1 22  UNK 22  118 118 UNK UNK A . n 
B 1 23  UNK 23  119 119 UNK UNK A . n 
B 1 24  UNK 24  120 120 UNK UNK A . n 
B 1 25  UNK 25  121 121 UNK UNK A . n 
B 1 26  UNK 26  122 122 UNK UNK A . n 
B 1 27  UNK 27  123 123 UNK UNK A . n 
B 1 28  UNK 28  124 124 UNK UNK A . n 
B 1 29  UNK 29  125 125 UNK UNK A . n 
B 1 30  UNK 30  126 126 UNK UNK A . n 
B 1 31  UNK 31  127 127 UNK UNK A . n 
B 1 32  UNK 32  128 128 UNK UNK A . n 
B 1 33  UNK 33  129 129 UNK UNK A . n 
B 1 34  UNK 34  130 130 UNK UNK A . n 
B 1 35  UNK 35  131 131 UNK UNK A . n 
B 1 36  UNK 36  132 132 UNK UNK A . n 
B 1 37  UNK 37  133 133 UNK UNK A . n 
B 1 38  UNK 38  134 134 UNK UNK A . n 
B 1 39  UNK 39  135 135 UNK UNK A . n 
B 1 40  UNK 40  136 136 UNK UNK A . n 
B 1 41  UNK 41  137 137 UNK UNK A . n 
B 1 42  UNK 42  138 138 UNK UNK A . n 
B 1 43  UNK 43  139 139 UNK UNK A . n 
B 1 44  UNK 44  140 140 UNK UNK A . n 
B 1 45  UNK 45  141 141 UNK UNK A . n 
B 1 46  UNK 46  142 142 UNK UNK A . n 
B 1 47  UNK 47  143 143 UNK UNK A . n 
B 1 48  UNK 48  144 144 UNK UNK A . n 
B 1 49  UNK 49  145 145 UNK UNK A . n 
B 1 50  UNK 50  146 146 UNK UNK A . n 
B 1 51  UNK 51  147 147 UNK UNK A . n 
B 1 52  UNK 52  148 148 UNK UNK A . n 
B 1 53  UNK 53  149 149 UNK UNK A . n 
B 1 54  UNK 54  150 150 UNK UNK A . n 
B 1 55  UNK 55  151 151 UNK UNK A . n 
B 1 56  UNK 56  152 152 UNK UNK A . n 
B 1 57  UNK 57  153 153 UNK UNK A . n 
B 1 58  UNK 58  154 154 UNK UNK A . n 
B 1 59  UNK 59  155 155 UNK UNK A . n 
B 1 60  UNK 60  156 156 UNK UNK A . n 
B 1 61  UNK 61  157 157 UNK UNK A . n 
B 1 62  UNK 62  158 158 UNK UNK A . n 
B 1 63  UNK 63  159 159 UNK UNK A . n 
B 1 64  UNK 64  160 160 UNK UNK A . n 
B 1 65  UNK 65  161 161 UNK UNK A . n 
B 1 66  UNK 66  162 162 UNK UNK A . n 
B 1 67  UNK 67  163 163 UNK UNK A . n 
B 1 68  UNK 68  164 164 UNK UNK A . n 
B 1 69  UNK 69  165 165 UNK UNK A . n 
B 1 70  UNK 70  166 166 UNK UNK A . n 
B 1 71  UNK 71  167 167 UNK UNK A . n 
B 1 72  UNK 72  168 168 UNK UNK A . n 
B 1 73  UNK 73  169 169 UNK UNK A . n 
B 1 74  UNK 74  170 170 UNK UNK A . n 
B 1 75  UNK 75  171 171 UNK UNK A . n 
B 1 76  UNK 76  172 172 UNK UNK A . n 
B 1 77  UNK 77  173 173 UNK UNK A . n 
B 1 78  UNK 78  174 174 UNK UNK A . n 
B 1 79  UNK 79  175 175 UNK UNK A . n 
B 1 80  UNK 80  176 176 UNK UNK A . n 
B 1 81  UNK 81  177 177 UNK UNK A . n 
B 1 82  UNK 82  178 178 UNK UNK A . n 
B 1 83  UNK 83  179 179 UNK UNK A . n 
B 1 84  UNK 84  180 180 UNK UNK A . n 
B 1 85  UNK 85  181 181 UNK UNK A . n 
B 1 86  UNK 86  182 182 UNK UNK A . n 
B 1 87  UNK 87  183 183 UNK UNK A . n 
B 1 88  UNK 88  184 184 UNK UNK A . n 
B 1 89  UNK 89  185 185 UNK UNK A . n 
B 1 90  UNK 90  186 186 UNK UNK A . n 
B 1 91  UNK 91  187 187 UNK UNK A . n 
B 1 92  UNK 92  188 188 UNK UNK A . n 
B 1 93  UNK 93  189 189 UNK UNK A . n 
B 1 94  UNK 94  190 190 UNK UNK A . n 
B 1 95  UNK 95  191 191 UNK UNK A . n 
B 1 96  UNK 96  192 192 UNK UNK A . n 
B 1 97  UNK 97  193 193 UNK UNK A . n 
B 1 98  UNK 98  194 194 UNK UNK A . n 
B 1 99  UNK 99  195 195 UNK UNK A . n 
B 1 100 UNK 100 196 196 UNK UNK A . n 
B 1 101 UNK 101 197 197 UNK UNK A . n 
B 1 102 UNK 102 198 198 UNK UNK A . n 
B 1 103 UNK 103 199 199 UNK UNK A . n 
B 1 104 UNK 104 200 200 UNK UNK A . n 
B 1 105 UNK 105 201 201 UNK UNK A . n 
B 1 106 UNK 106 202 202 UNK UNK A . n 
B 1 107 UNK 107 203 203 UNK UNK A . n 
B 1 108 UNK 108 204 204 UNK UNK A . n 
B 1 109 UNK 109 205 205 UNK UNK A . n 
B 1 110 UNK 110 206 206 UNK UNK A . n 
B 1 111 UNK 111 207 207 UNK UNK A . n 
B 1 112 UNK 112 208 208 UNK UNK A . n 
B 1 113 UNK 113 209 209 UNK UNK A . n 
B 1 114 UNK 114 210 210 UNK UNK A . n 
B 1 115 UNK 115 211 211 UNK UNK A . n 
B 1 116 UNK 116 212 212 UNK UNK A . n 
B 1 117 UNK 117 213 213 UNK UNK A . n 
B 1 118 UNK 118 214 214 UNK UNK A . n 
B 1 119 UNK 119 215 215 UNK UNK A . n 
B 1 120 UNK 120 216 216 UNK UNK A . n 
B 1 121 UNK 121 217 217 UNK UNK A . n 
B 1 122 UNK 122 218 218 UNK UNK A . n 
B 1 123 UNK 123 219 219 UNK UNK A . n 
B 1 124 UNK 124 220 220 UNK UNK A . n 
B 1 125 UNK 125 221 221 UNK UNK A . n 
B 1 126 UNK 126 222 222 UNK UNK A . n 
B 1 127 UNK 127 223 223 UNK UNK A . n 
B 1 128 UNK 128 224 224 UNK UNK A . n 
B 1 129 UNK 129 225 225 UNK UNK A . n 
B 1 130 UNK 130 226 226 UNK UNK A . n 
B 1 131 UNK 131 227 227 UNK UNK A . n 
B 1 132 UNK 132 228 228 UNK UNK A . n 
B 1 133 UNK 133 229 229 UNK UNK A . n 
B 1 134 UNK 134 230 230 UNK UNK A . n 
B 1 135 UNK 135 231 231 UNK UNK A . n 
# 
_exptl.absorpt_coefficient_mu     ? 
_exptl.absorpt_correction_T_max   ? 
_exptl.absorpt_correction_T_min   ? 
_exptl.absorpt_correction_type    ? 
_exptl.absorpt_process_details    ? 
_exptl.entry_id                   6KLP 
_exptl.crystals_number            ? 
_exptl.details                    ? 
_exptl.method                     'ELECTRON MICROSCOPY' 
_exptl.method_details             ? 
# 
_struct.entry_id                     6KLP 
_struct.title                        'Tropomyosin of cardiac thin filament in low-calcium state' 
_struct.pdbx_model_details           ? 
_struct.pdbx_formula_weight          ? 
_struct.pdbx_formula_weight_method   ? 
_struct.pdbx_model_type_details      ? 
_struct.pdbx_CASP_flag               N 
# 
_struct_keywords.entry_id        6KLP 
_struct_keywords.text            'Cardiac thin filament, CONTRACTILE PROTEIN' 
_struct_keywords.pdbx_keywords   'CONTRACTILE PROTEIN' 
# 
loop_
_struct_asym.id 
_struct_asym.pdbx_blank_PDB_chainid_flag 
_struct_asym.pdbx_modified 
_struct_asym.entity_id 
_struct_asym.details 
A N N 1 ? 
B N N 1 ? 
# 
_struct_ref.id                         1 
_struct_ref.db_name                    PDB 
_struct_ref.db_code                    6KLP 
_struct_ref.pdbx_db_accession          6KLP 
_struct_ref.pdbx_db_isoform            ? 
_struct_ref.entity_id                  1 
_struct_ref.pdbx_seq_one_letter_code   ? 
_struct_ref.pdbx_align_begin           1 
# 
loop_
_struct_ref_seq.align_id 
_struct_ref_seq.ref_id 
_struct_ref_seq.pdbx_PDB_id_code 
_struct_ref_seq.pdbx_strand_id 
_struct_ref_seq.seq_align_beg 
_struct_ref_seq.pdbx_seq_align_beg_ins_code 
_struct_ref_seq.seq_align_end 
_struct_ref_seq.pdbx_seq_align_end_ins_code 
_struct_ref_seq.pdbx_db_accession 
_struct_ref_seq.db_align_beg 
_struct_ref_seq.pdbx_db_align_beg_ins_code 
_struct_ref_seq.db_align_end 
_struct_ref_seq.pdbx_db_align_end_ins_code 
_struct_ref_seq.pdbx_auth_seq_align_beg 
_struct_ref_seq.pdbx_auth_seq_align_end 
1 1 6KLP B 1 ? 135 ? 6KLP 97 ? 231 ? 97 231 
2 1 6KLP A 1 ? 135 ? 6KLP 97 ? 231 ? 97 231 
# 
_pdbx_struct_assembly.id                   1 
_pdbx_struct_assembly.details              author_defined_assembly 
_pdbx_struct_assembly.method_details       ? 
_pdbx_struct_assembly.oligomeric_details   dimeric 
_pdbx_struct_assembly.oligomeric_count     2 
# 
loop_
_pdbx_struct_assembly_prop.biol_id 
_pdbx_struct_assembly_prop.type 
_pdbx_struct_assembly_prop.value 
_pdbx_struct_assembly_prop.details 
1 'ABSA (A^2)' 2530  ? 
1 MORE         -38   ? 
1 'SSA (A^2)'  14570 ? 
# 
_pdbx_struct_assembly_gen.assembly_id       1 
_pdbx_struct_assembly_gen.oper_expression   1 
_pdbx_struct_assembly_gen.asym_id_list      A,B 
# 
_pdbx_struct_oper_list.id                   1 
_pdbx_struct_oper_list.type                 'identity operation' 
_pdbx_struct_oper_list.name                 1_555 
_pdbx_struct_oper_list.symmetry_operation   ? 
_pdbx_struct_oper_list.matrix[1][1]         1.0000000000 
_pdbx_struct_oper_list.matrix[1][2]         0.0000000000 
_pdbx_struct_oper_list.matrix[1][3]         0.0000000000 
_pdbx_struct_oper_list.vector[1]            0.0000000000 
_pdbx_struct_oper_list.matrix[2][1]         0.0000000000 
_pdbx_struct_oper_list.matrix[2][2]         1.0000000000 
_pdbx_struct_oper_list.matrix[2][3]         0.0000000000 
_pdbx_struct_oper_list.vector[2]            0.0000000000 
_pdbx_struct_oper_list.matrix[3][1]         0.0000000000 
_pdbx_struct_oper_list.matrix[3][2]         0.0000000000 
_pdbx_struct_oper_list.matrix[3][3]         1.0000000000 
_pdbx_struct_oper_list.vector[3]            0.0000000000 
# 
loop_
_struct_conf.conf_type_id 
_struct_conf.id 
_struct_conf.pdbx_PDB_helix_id 
_struct_conf.beg_label_comp_id 
_struct_conf.beg_label_asym_id 
_struct_conf.beg_label_seq_id 
_struct_conf.pdbx_beg_PDB_ins_code 
_struct_conf.end_label_comp_id 
_struct_conf.end_label_asym_id 
_struct_conf.end_label_seq_id 
_struct_conf.pdbx_end_PDB_ins_code 
_struct_conf.beg_auth_comp_id 
_struct_conf.beg_auth_asym_id 
_struct_conf.beg_auth_seq_id 
_struct_conf.end_auth_comp_id 
_struct_conf.end_auth_asym_id 
_struct_conf.end_auth_seq_id 
_struct_conf.pdbx_PDB_helix_class 
_struct_conf.details 
_struct_conf.pdbx_PDB_helix_length 
HELX_P HELX_P1 AA1 UNK A 1 ? UNK A 133 ? UNK B 97 UNK B 229 1 ? 133 
HELX_P HELX_P2 AA2 UNK B 2 ? UNK B 133 ? UNK A 98 UNK A 229 1 ? 132 
# 
_struct_conf_type.id          HELX_P 
_struct_conf_type.criteria    ? 
_struct_conf_type.reference   ? 
# 
loop_
_pdbx_validate_torsion.id 
_pdbx_validate_torsion.PDB_model_num 
_pdbx_validate_torsion.auth_comp_id 
_pdbx_validate_torsion.auth_asym_id 
_pdbx_validate_torsion.auth_seq_id 
_pdbx_validate_torsion.PDB_ins_code 
_pdbx_validate_torsion.label_alt_id 
_pdbx_validate_torsion.phi 
_pdbx_validate_torsion.psi 
1  1 UNK B 128 ? ? -55.46 -83.24  
2  1 UNK B 130 ? ? -49.78 -89.76  
3  1 UNK B 132 ? ? -46.60 -92.08  
4  1 UNK B 134 ? ? -46.39 -87.29  
5  1 UNK B 136 ? ? -49.14 -76.05  
6  1 UNK B 158 ? ? -56.47 -80.87  
7  1 UNK B 159 ? ? -37.75 -37.99  
8  1 UNK B 160 ? ? -52.00 -79.63  
9  1 UNK B 162 ? ? -53.41 -84.61  
10 1 UNK B 164 ? ? -50.76 -72.13  
11 1 UNK B 172 ? ? -56.03 -81.68  
12 1 UNK B 174 ? ? -56.97 -74.29  
13 1 UNK B 176 ? ? -53.17 -91.30  
14 1 UNK B 183 ? ? -45.73 -77.56  
15 1 UNK B 184 ? ? -24.69 -55.65  
16 1 UNK B 195 ? ? -53.80 -76.94  
17 1 UNK B 199 ? ? -51.11 -75.77  
18 1 UNK B 203 ? ? -52.09 -70.21  
19 1 UNK B 205 ? ? -53.70 -70.67  
20 1 UNK A 132 ? ? -49.02 -79.40  
21 1 UNK A 142 ? ? -52.15 -72.55  
22 1 UNK A 146 ? ? -54.80 -72.97  
23 1 UNK A 157 ? ? -53.55 -74.90  
24 1 UNK A 158 ? ? -27.15 -50.99  
25 1 UNK A 159 ? ? -52.20 -76.06  
26 1 UNK A 163 ? ? -48.59 -88.91  
27 1 UNK A 165 ? ? -49.63 -82.27  
28 1 UNK A 167 ? ? -53.50 -72.28  
29 1 UNK A 225 ? ? -50.40 -94.70  
30 1 UNK A 229 ? ? -60.48 26.25   
31 1 UNK A 230 ? ? -55.88 -117.07 
# 
_pdbx_entry_details.compound_details         ? 
_pdbx_entry_details.entry_id                 6KLP 
_pdbx_entry_details.has_ligand_of_interest   ? 
_pdbx_entry_details.nonpolymer_details       ? 
_pdbx_entry_details.sequence_details         
;Protein used in this study is tropomyosin 1alpha. Sequence details can be found at 
https://www.ncbi.nlm.nih.gov/gene/22003.
;
_pdbx_entry_details.source_details           ? 
# 
_em_3d_fitting.entry_id          6KLP 
_em_3d_fitting.id                1 
_em_3d_fitting.details           ? 
_em_3d_fitting.overall_b_value   ? 
_em_3d_fitting.ref_protocol      ? 
_em_3d_fitting.ref_space         ? 
_em_3d_fitting.target_criteria   ? 
_em_3d_fitting.method            ? 
# 
_em_3d_fitting_list.3d_fitting_id                 1 
_em_3d_fitting_list.id                            1 
_em_3d_fitting_list.details                       ? 
_em_3d_fitting_list.pdb_chain_id                  ? 
_em_3d_fitting_list.pdb_chain_residue_range       ? 
_em_3d_fitting_list.pdb_entry_id                  3J8A 
_em_3d_fitting_list.initial_refinement_model_id   1 
_em_3d_fitting_list.chain_id                      ? 
_em_3d_fitting_list.chain_residue_range           ? 
_em_3d_fitting_list.source_name                   PDB 
_em_3d_fitting_list.type                          'experimental model' 
_em_3d_fitting_list.accession_code                3J8A 
# 
_em_3d_reconstruction.entry_id                    6KLP 
_em_3d_reconstruction.id                          1 
_em_3d_reconstruction.algorithm                   ? 
_em_3d_reconstruction.details                     ? 
_em_3d_reconstruction.refinement_type             ? 
_em_3d_reconstruction.image_processing_id         1 
_em_3d_reconstruction.num_class_averages          ? 
_em_3d_reconstruction.num_particles               515775 
_em_3d_reconstruction.resolution                  6.6 
_em_3d_reconstruction.resolution_method           'FSC 0.5 CUT-OFF' 
_em_3d_reconstruction.symmetry_type               POINT 
_em_3d_reconstruction.method                      ? 
_em_3d_reconstruction.nominal_pixel_size          ? 
_em_3d_reconstruction.actual_pixel_size           ? 
_em_3d_reconstruction.magnification_calibration   ? 
# 
_em_buffer.id            1 
_em_buffer.details       ? 
_em_buffer.pH            7.2 
_em_buffer.specimen_id   1 
_em_buffer.name          ? 
# 
_em_entity_assembly.id                   1 
_em_entity_assembly.parent_id            0 
_em_entity_assembly.details              ? 
_em_entity_assembly.name                 'Cardiac thin filament' 
_em_entity_assembly.source               NATURAL 
_em_entity_assembly.type                 COMPLEX 
_em_entity_assembly.entity_id_list       1 
_em_entity_assembly.synonym              ? 
_em_entity_assembly.oligomeric_details   ? 
# 
_em_imaging.id                              1 
_em_imaging.entry_id                        6KLP 
_em_imaging.accelerating_voltage            300 
_em_imaging.alignment_procedure             ? 
_em_imaging.c2_aperture_diameter            ? 
_em_imaging.calibrated_defocus_max          ? 
_em_imaging.calibrated_defocus_min          ? 
_em_imaging.calibrated_magnification        ? 
_em_imaging.cryogen                         ? 
_em_imaging.details                         ? 
_em_imaging.electron_source                 'FIELD EMISSION GUN' 
_em_imaging.illumination_mode               'FLOOD BEAM' 
_em_imaging.microscope_model                'FEI TITAN KRIOS' 
_em_imaging.mode                            'BRIGHT FIELD' 
_em_imaging.nominal_cs                      ? 
_em_imaging.nominal_defocus_max             ? 
_em_imaging.nominal_defocus_min             ? 
_em_imaging.nominal_magnification           ? 
_em_imaging.recording_temperature_maximum   ? 
_em_imaging.recording_temperature_minimum   ? 
_em_imaging.residual_tilt                   ? 
_em_imaging.specimen_holder_model           ? 
_em_imaging.specimen_id                     1 
_em_imaging.citation_id                     ? 
_em_imaging.date                            ? 
_em_imaging.temperature                     ? 
_em_imaging.tilt_angle_min                  ? 
_em_imaging.tilt_angle_max                  ? 
_em_imaging.astigmatism                     ? 
_em_imaging.detector_distance               ? 
_em_imaging.electron_beam_tilt_params       ? 
_em_imaging.specimen_holder_type            ? 
# 
_em_sample_support.id               1 
_em_sample_support.specimen_id      1 
_em_sample_support.method           ? 
_em_sample_support.film_material    ? 
_em_sample_support.grid_material    ? 
_em_sample_support.grid_mesh_size   ? 
_em_sample_support.grid_type        ? 
_em_sample_support.details          ? 
# 
_em_vitrification.id                    1 
_em_vitrification.specimen_id           1 
_em_vitrification.chamber_temperature   ? 
_em_vitrification.cryogen_name          ETHANE 
_em_vitrification.details               ? 
_em_vitrification.humidity              ? 
_em_vitrification.instrument            ? 
_em_vitrification.entry_id              6KLP 
_em_vitrification.citation_id           ? 
_em_vitrification.method                ? 
_em_vitrification.temp                  ? 
_em_vitrification.time_resolved_state   ? 
# 
_em_experiment.entry_id                6KLP 
_em_experiment.id                      1 
_em_experiment.aggregation_state       FILAMENT 
_em_experiment.reconstruction_method   'SINGLE PARTICLE' 
_em_experiment.entity_assembly_id      1 
# 
_em_single_particle_entity.entry_id              6KLP 
_em_single_particle_entity.id                    1 
_em_single_particle_entity.image_processing_id   1 
_em_single_particle_entity.point_symmetry        C1 
# 
loop_
_pdbx_unobs_or_zero_occ_residues.id 
_pdbx_unobs_or_zero_occ_residues.PDB_model_num 
_pdbx_unobs_or_zero_occ_residues.polymer_flag 
_pdbx_unobs_or_zero_occ_residues.occupancy_flag 
_pdbx_unobs_or_zero_occ_residues.auth_asym_id 
_pdbx_unobs_or_zero_occ_residues.auth_comp_id 
_pdbx_unobs_or_zero_occ_residues.auth_seq_id 
_pdbx_unobs_or_zero_occ_residues.PDB_ins_code 
_pdbx_unobs_or_zero_occ_residues.label_asym_id 
_pdbx_unobs_or_zero_occ_residues.label_comp_id 
_pdbx_unobs_or_zero_occ_residues.label_seq_id 
1 1 Y 1 B UNK 230 ? A UNK 134 
2 1 Y 1 B UNK 231 ? A UNK 135 
# 
_em_ctf_correction.id                       1 
_em_ctf_correction.em_image_processing_id   1 
_em_ctf_correction.type                     'PHASE FLIPPING AND AMPLITUDE CORRECTION' 
_em_ctf_correction.details                  ? 
# 
_em_entity_assembly_naturalsource.id                   1 
_em_entity_assembly_naturalsource.entity_assembly_id   1 
_em_entity_assembly_naturalsource.cell                 ? 
_em_entity_assembly_naturalsource.cellular_location    ? 
_em_entity_assembly_naturalsource.ncbi_tax_id          10090 
_em_entity_assembly_naturalsource.organ                Heart 
_em_entity_assembly_naturalsource.organelle            ? 
_em_entity_assembly_naturalsource.organism             'Mus musculus' 
_em_entity_assembly_naturalsource.strain               ? 
_em_entity_assembly_naturalsource.tissue               ? 
# 
_em_image_processing.id                   1 
_em_image_processing.image_recording_id   1 
_em_image_processing.details              ? 
# 
_em_image_recording.id                            1 
_em_image_recording.imaging_id                    1 
_em_image_recording.avg_electron_dose_per_image   60 
_em_image_recording.average_exposure_time         5.6 
_em_image_recording.details                       ? 
_em_image_recording.detector_mode                 ? 
_em_image_recording.film_or_detector_model        'GATAN K3 (6k x 4k)' 
_em_image_recording.num_diffraction_images        ? 
_em_image_recording.num_grids_imaged              ? 
_em_image_recording.num_real_images               ? 
# 
loop_
_em_software.id 
_em_software.category 
_em_software.details 
_em_software.name 
_em_software.version 
_em_software.image_processing_id 
_em_software.fitting_id 
_em_software.imaging_id 
1  'PARTICLE SELECTION'       ? RELION 3.0.6     1 ? ? 
2  'IMAGE ACQUISITION'        ? ?      ?         ? ? 1 
3  MASKING                    ? ?      ?         ? ? ? 
4  'CTF CORRECTION'           ? Gctf   1.18      1 ? ? 
5  'LAYERLINE INDEXING'       ? ?      ?         ? ? ? 
6  'DIFFRACTION INDEXING'     ? ?      ?         ? ? ? 
7  'MODEL FITTING'            ? PHENIX 1.15-3459 ? 1 ? 
8  OTHER                      ? ?      ?         ? ? ? 
9  'MODEL REFINEMENT'         ? PHENIX 1.15-3459 ? 1 ? 
10 'INITIAL EULER ASSIGNMENT' ? RELION 3.0.6     1 ? ? 
11 'FINAL EULER ASSIGNMENT'   ? RELION 3.0.6     1 ? ? 
12 CLASSIFICATION             ? RELION 3.0.6     1 ? ? 
13 RECONSTRUCTION             ? RELION 3.0.6     1 ? ? 
# 
_em_specimen.id                      1 
_em_specimen.experiment_id           1 
_em_specimen.concentration           0.1 
_em_specimen.details                 ? 
_em_specimen.embedding_applied       NO 
_em_specimen.shadowing_applied       NO 
_em_specimen.staining_applied        NO 
_em_specimen.vitrification_applied   YES 
# 
_pdbx_initial_refinement_model.id               1 
_pdbx_initial_refinement_model.type             'experimental model' 
_pdbx_initial_refinement_model.source_name      PDB 
_pdbx_initial_refinement_model.accession_code   3J8A 
# 
_atom_sites.entry_id                    6KLP 
_atom_sites.Cartn_transf_matrix[1][1]   ? 
_atom_sites.Cartn_transf_matrix[1][2]   ? 
_atom_sites.Cartn_transf_matrix[1][3]   ? 
_atom_sites.Cartn_transf_matrix[2][1]   ? 
_atom_sites.Cartn_transf_matrix[2][2]   ? 
_atom_sites.Cartn_transf_matrix[2][3]   ? 
_atom_sites.Cartn_transf_matrix[3][1]   ? 
_atom_sites.Cartn_transf_matrix[3][2]   ? 
_atom_sites.Cartn_transf_matrix[3][3]   ? 
_atom_sites.Cartn_transf_vector[1]      ? 
_atom_sites.Cartn_transf_vector[2]      ? 
_atom_sites.Cartn_transf_vector[3]      ? 
_atom_sites.fract_transf_matrix[1][1]   1.000000 
_atom_sites.fract_transf_matrix[1][2]   0.000000 
_atom_sites.fract_transf_matrix[1][3]   0.000000 
_atom_sites.fract_transf_matrix[2][1]   0.000000 
_atom_sites.fract_transf_matrix[2][2]   1.000000 
_atom_sites.fract_transf_matrix[2][3]   0.000000 
_atom_sites.fract_transf_matrix[3][1]   0.000000 
_atom_sites.fract_transf_matrix[3][2]   0.000000 
_atom_sites.fract_transf_matrix[3][3]   1.000000 
_atom_sites.fract_transf_vector[1]      0.00000 
_atom_sites.fract_transf_vector[2]      0.00000 
_atom_sites.fract_transf_vector[3]      0.00000 
_atom_sites.solution_primary            ? 
_atom_sites.solution_secondary          ? 
_atom_sites.solution_hydrogens          ? 
_atom_sites.special_details             ? 
# 
loop_
_atom_type.symbol 
C 
N 
O 
# 
loop_
_atom_site.group_PDB 
_atom_site.id 
_atom_site.type_symbol 
_atom_site.label_atom_id 
_atom_site.label_alt_id 
_atom_site.label_comp_id 
_atom_site.label_asym_id 
_atom_site.label_entity_id 
_atom_site.label_seq_id 
_atom_site.pdbx_PDB_ins_code 
_atom_site.Cartn_x 
_atom_site.Cartn_y 
_atom_site.Cartn_z 
_atom_site.occupancy 
_atom_site.B_iso_or_equiv 
_atom_site.pdbx_formal_charge 
_atom_site.auth_seq_id 
_atom_site.auth_comp_id 
_atom_site.auth_asym_id 
_atom_site.auth_atom_id 
_atom_site.pdbx_PDB_model_num 
ATOM 1    N N  . UNK A 1 1   ? 33.699  -28.172 -91.174 1.00 682.24 ? 97  UNK B N  1 
ATOM 2    C CA . UNK A 1 1   ? 34.730  -29.030 -90.623 1.00 682.24 ? 97  UNK B CA 1 
ATOM 3    C C  . UNK A 1 1   ? 34.956  -28.683 -89.166 1.00 682.24 ? 97  UNK B C  1 
ATOM 4    O O  . UNK A 1 1   ? 34.097  -28.909 -88.308 1.00 682.24 ? 97  UNK B O  1 
ATOM 5    C CB . UNK A 1 1   ? 36.033  -28.886 -91.411 1.00 682.24 ? 97  UNK B CB 1 
ATOM 6    N N  . UNK A 1 2   ? 36.128  -28.131 -88.895 1.00 657.11 ? 98  UNK B N  1 
ATOM 7    C CA . UNK A 1 2   ? 36.495  -27.742 -87.545 1.00 657.11 ? 98  UNK B CA 1 
ATOM 8    C C  . UNK A 1 2   ? 35.453  -26.805 -86.977 1.00 657.11 ? 98  UNK B C  1 
ATOM 9    O O  . UNK A 1 2   ? 34.928  -26.987 -85.878 1.00 657.11 ? 98  UNK B O  1 
ATOM 10   C CB . UNK A 1 2   ? 37.864  -27.071 -87.540 1.00 657.11 ? 98  UNK B CB 1 
ATOM 11   N N  . UNK A 1 3   ? 35.144  -25.788 -87.763 1.00 571.10 ? 99  UNK B N  1 
ATOM 12   C CA . UNK A 1 3   ? 34.161  -24.806 -87.364 1.00 571.10 ? 99  UNK B CA 1 
ATOM 13   C C  . UNK A 1 3   ? 32.803  -25.459 -87.192 1.00 571.10 ? 99  UNK B C  1 
ATOM 14   O O  . UNK A 1 3   ? 32.003  -25.023 -86.378 1.00 571.10 ? 99  UNK B O  1 
ATOM 15   C CB . UNK A 1 3   ? 34.084  -23.683 -88.394 1.00 571.10 ? 99  UNK B CB 1 
ATOM 16   N N  . UNK A 1 4   ? 32.540  -26.508 -87.959 1.00 709.25 ? 100 UNK B N  1 
ATOM 17   C CA . UNK A 1 4   ? 31.270  -27.200 -87.835 1.00 709.25 ? 100 UNK B CA 1 
ATOM 18   C C  . UNK A 1 4   ? 31.171  -27.805 -86.446 1.00 709.25 ? 100 UNK B C  1 
ATOM 19   O O  . UNK A 1 4   ? 30.161  -27.685 -85.737 1.00 709.25 ? 100 UNK B O  1 
ATOM 20   C CB . UNK A 1 4   ? 31.138  -28.280 -88.903 1.00 709.25 ? 100 UNK B CB 1 
ATOM 21   N N  . UNK A 1 5   ? 32.255  -28.463 -86.062 1.00 776.65 ? 101 UNK B N  1 
ATOM 22   C CA . UNK A 1 5   ? 32.352  -29.056 -84.741 1.00 776.65 ? 101 UNK B CA 1 
ATOM 23   C C  . UNK A 1 5   ? 32.127  -27.985 -83.695 1.00 776.65 ? 101 UNK B C  1 
ATOM 24   O O  . UNK A 1 5   ? 31.430  -28.174 -82.690 1.00 776.65 ? 101 UNK B O  1 
ATOM 25   C CB . UNK A 1 5   ? 33.718  -29.705 -84.546 1.00 776.65 ? 101 UNK B CB 1 
ATOM 26   N N  . UNK A 1 6   ? 32.748  -26.845 -83.953 1.00 720.76 ? 102 UNK B N  1 
ATOM 27   C CA . UNK A 1 6   ? 32.651  -25.706 -83.063 1.00 720.76 ? 102 UNK B CA 1 
ATOM 28   C C  . UNK A 1 6   ? 31.192  -25.326 -82.880 1.00 720.76 ? 102 UNK B C  1 
ATOM 29   O O  . UNK A 1 6   ? 30.732  -25.086 -81.773 1.00 720.76 ? 102 UNK B O  1 
ATOM 30   C CB . UNK A 1 6   ? 33.449  -24.523 -83.612 1.00 720.76 ? 102 UNK B CB 1 
ATOM 31   N N  . UNK A 1 7   ? 30.472  -25.287 -83.988 1.00 734.08 ? 103 UNK B N  1 
ATOM 32   C CA . UNK A 1 7   ? 29.072  -24.901 -83.985 1.00 734.08 ? 103 UNK B CA 1 
ATOM 33   C C  . UNK A 1 7   ? 28.281  -25.870 -83.134 1.00 734.08 ? 103 UNK B C  1 
ATOM 34   O O  . UNK A 1 7   ? 27.382  -25.503 -82.383 1.00 734.08 ? 103 UNK B O  1 
ATOM 35   C CB . UNK A 1 7   ? 28.523  -24.873 -85.410 1.00 734.08 ? 103 UNK B CB 1 
ATOM 36   N N  . UNK A 1 8   ? 28.632  -27.136 -83.274 1.00 812.20 ? 104 UNK B N  1 
ATOM 37   C CA . UNK A 1 8   ? 27.972  -28.180 -82.509 1.00 812.20 ? 104 UNK B CA 1 
ATOM 38   C C  . UNK A 1 8   ? 28.113  -27.893 -81.027 1.00 812.20 ? 104 UNK B C  1 
ATOM 39   O O  . UNK A 1 8   ? 27.172  -27.889 -80.216 1.00 812.20 ? 104 UNK B O  1 
ATOM 40   C CB . UNK A 1 8   ? 28.577  -29.539 -82.842 1.00 812.20 ? 104 UNK B CB 1 
ATOM 41   N N  . UNK A 1 9   ? 29.361  -27.648 -80.678 1.00 803.85 ? 105 UNK B N  1 
ATOM 42   C CA . UNK A 1 9   ? 29.700  -27.358 -79.308 1.00 803.85 ? 105 UNK B CA 1 
ATOM 43   C C  . UNK A 1 9   ? 28.890  -26.166 -78.850 1.00 803.85 ? 105 UNK B C  1 
ATOM 44   O O  . UNK A 1 9   ? 28.406  -26.112 -77.735 1.00 803.85 ? 105 UNK B O  1 
ATOM 45   C CB . UNK A 1 9   ? 31.192  -27.081 -79.175 1.00 803.85 ? 105 UNK B CB 1 
ATOM 46   N N  . UNK A 1 10  ? 28.741  -25.208 -79.749 1.00 729.08 ? 106 UNK B N  1 
ATOM 47   C CA . UNK A 1 10  ? 28.061  -23.969 -79.432 1.00 729.08 ? 106 UNK B CA 1 
ATOM 48   C C  . UNK A 1 10  ? 26.621  -24.261 -79.114 1.00 729.08 ? 106 UNK B C  1 
ATOM 49   O O  . UNK A 1 10  ? 25.980  -23.619 -78.291 1.00 729.08 ? 106 UNK B O  1 
ATOM 50   C CB . UNK A 1 10  ? 28.160  -22.996 -80.601 1.00 729.08 ? 106 UNK B CB 1 
ATOM 51   N N  . UNK A 1 11  ? 26.105  -25.244 -79.822 1.00 843.20 ? 107 UNK B N  1 
ATOM 52   C CA . UNK A 1 11  ? 24.748  -25.663 -79.598 1.00 843.20 ? 107 UNK B CA 1 
ATOM 53   C C  . UNK A 1 11  ? 24.670  -26.120 -78.165 1.00 843.20 ? 107 UNK B C  1 
ATOM 54   O O  . UNK A 1 11  ? 23.802  -25.713 -77.391 1.00 843.20 ? 107 UNK B O  1 
ATOM 55   C CB . UNK A 1 11  ? 24.358  -26.782 -80.551 1.00 843.20 ? 107 UNK B CB 1 
ATOM 56   N N  . UNK A 1 12  ? 25.621  -26.976 -77.829 1.00 847.99 ? 108 UNK B N  1 
ATOM 57   C CA . UNK A 1 12  ? 25.685  -27.541 -76.491 1.00 847.99 ? 108 UNK B CA 1 
ATOM 58   C C  . UNK A 1 12  ? 25.699  -26.425 -75.469 1.00 847.99 ? 108 UNK B C  1 
ATOM 59   O O  . UNK A 1 12  ? 25.084  -26.449 -74.401 1.00 847.99 ? 108 UNK B O  1 
ATOM 60   C CB . UNK A 1 12  ? 26.927  -28.407 -76.339 1.00 847.99 ? 108 UNK B CB 1 
ATOM 61   N N  . UNK A 1 13  ? 26.445  -25.409 -75.847 1.00 795.81 ? 109 UNK B N  1 
ATOM 62   C CA . UNK A 1 13  ? 26.659  -24.267 -75.005 1.00 795.81 ? 109 UNK B CA 1 
ATOM 63   C C  . UNK A 1 13  ? 25.332  -23.629 -74.713 1.00 795.81 ? 109 UNK B C  1 
ATOM 64   O O  . UNK A 1 13  ? 24.911  -23.537 -73.576 1.00 795.81 ? 109 UNK B O  1 
ATOM 65   C CB . UNK A 1 13  ? 27.588  -23.272 -75.687 1.00 795.81 ? 109 UNK B CB 1 
ATOM 66   N N  . UNK A 1 14  ? 24.671  -23.211 -75.777 1.00 830.50 ? 110 UNK B N  1 
ATOM 67   C CA . UNK A 1 14  ? 23.415  -22.499 -75.670 1.00 830.50 ? 110 UNK B CA 1 
ATOM 68   C C  . UNK A 1 14  ? 22.438  -23.323 -74.865 1.00 830.50 ? 110 UNK B C  1 
ATOM 69   O O  . UNK A 1 14  ? 21.582  -22.807 -74.153 1.00 830.50 ? 110 UNK B O  1 
ATOM 70   C CB . UNK A 1 14  ? 22.855  -22.203 -77.055 1.00 830.50 ? 110 UNK B CB 1 
ATOM 71   N N  . UNK A 1 15  ? 22.583  -24.631 -74.984 1.00 840.11 ? 111 UNK B N  1 
ATOM 72   C CA . UNK A 1 15  ? 21.756  -25.538 -74.222 1.00 840.11 ? 111 UNK B CA 1 
ATOM 73   C C  . UNK A 1 15  ? 21.982  -25.282 -72.749 1.00 840.11 ? 111 UNK B C  1 
ATOM 74   O O  . UNK A 1 15  ? 21.058  -25.049 -71.953 1.00 840.11 ? 111 UNK B O  1 
ATOM 75   C CB . UNK A 1 15  ? 22.087  -26.983 -74.571 1.00 840.11 ? 111 UNK B CB 1 
ATOM 76   N N  . UNK A 1 16  ? 23.254  -25.328 -72.396 1.00 848.79 ? 112 UNK B N  1 
ATOM 77   C CA . UNK A 1 16  ? 23.646  -25.096 -71.025 1.00 848.79 ? 112 UNK B CA 1 
ATOM 78   C C  . UNK A 1 16  ? 23.118  -23.738 -70.593 1.00 848.79 ? 112 UNK B C  1 
ATOM 79   O O  . UNK A 1 16  ? 22.727  -23.547 -69.454 1.00 848.79 ? 112 UNK B O  1 
ATOM 80   C CB . UNK A 1 16  ? 25.161  -25.166 -70.879 1.00 848.79 ? 112 UNK B CB 1 
ATOM 81   N N  . UNK A 1 17  ? 23.090  -22.811 -71.539 1.00 832.91 ? 113 UNK B N  1 
ATOM 82   C CA . UNK A 1 17  ? 22.692  -21.431 -71.281 1.00 832.91 ? 113 UNK B CA 1 
ATOM 83   C C  . UNK A 1 17  ? 21.240  -21.372 -70.862 1.00 832.91 ? 113 UNK B C  1 
ATOM 84   O O  . UNK A 1 17  ? 20.817  -20.640 -69.962 1.00 832.91 ? 113 UNK B O  1 
ATOM 85   C CB . UNK A 1 17  ? 22.907  -20.569 -72.522 1.00 832.91 ? 113 UNK B CB 1 
ATOM 86   N N  . UNK A 1 18  ? 20.462  -22.164 -71.572 1.00 851.96 ? 114 UNK B N  1 
ATOM 87   C CA . UNK A 1 18  ? 19.056  -22.296 -71.273 1.00 851.96 ? 114 UNK B CA 1 
ATOM 88   C C  . UNK A 1 18  ? 18.917  -22.816 -69.860 1.00 851.96 ? 114 UNK B C  1 
ATOM 89   O O  . UNK A 1 18  ? 18.176  -22.268 -69.038 1.00 851.96 ? 114 UNK B O  1 
ATOM 90   C CB . UNK A 1 18  ? 18.383  -23.240 -72.259 1.00 851.96 ? 114 UNK B CB 1 
ATOM 91   N N  . UNK A 1 19  ? 19.652  -23.890 -69.598 1.00 814.15 ? 115 UNK B N  1 
ATOM 92   C CA . UNK A 1 19  ? 19.633  -24.537 -68.291 1.00 814.15 ? 115 UNK B CA 1 
ATOM 93   C C  . UNK A 1 19  ? 19.914  -23.519 -67.206 1.00 814.15 ? 115 UNK B C  1 
ATOM 94   O O  . UNK A 1 19  ? 19.345  -23.506 -66.113 1.00 814.15 ? 115 UNK B O  1 
ATOM 95   C CB . UNK A 1 19  ? 20.669  -25.655 -68.236 1.00 814.15 ? 115 UNK B CB 1 
ATOM 96   N N  . UNK A 1 20  ? 20.830  -22.635 -67.555 1.00 817.35 ? 116 UNK B N  1 
ATOM 97   C CA . UNK A 1 20  ? 21.285  -21.600 -66.661 1.00 817.35 ? 116 UNK B CA 1 
ATOM 98   C C  . UNK A 1 20  ? 20.161  -20.650 -66.329 1.00 817.35 ? 116 UNK B C  1 
ATOM 99   O O  . UNK A 1 20  ? 19.868  -20.417 -65.159 1.00 817.35 ? 116 UNK B O  1 
ATOM 100  C CB . UNK A 1 20  ? 22.441  -20.833 -67.294 1.00 817.35 ? 116 UNK B CB 1 
ATOM 101  N N  . UNK A 1 21  ? 19.564  -20.090 -67.370 1.00 886.23 ? 117 UNK B N  1 
ATOM 102  C CA . UNK A 1 21  ? 18.481  -19.140 -67.195 1.00 886.23 ? 117 UNK B CA 1 
ATOM 103  C C  . UNK A 1 21  ? 17.424  -19.782 -66.312 1.00 886.23 ? 117 UNK B C  1 
ATOM 104  O O  . UNK A 1 21  ? 16.825  -19.150 -65.436 1.00 886.23 ? 117 UNK B O  1 
ATOM 105  C CB . UNK A 1 21  ? 17.895  -18.733 -68.541 1.00 886.23 ? 117 UNK B CB 1 
ATOM 106  N N  . UNK A 1 22  ? 17.233  -21.075 -66.538 1.00 824.50 ? 118 UNK B N  1 
ATOM 107  C CA . UNK A 1 22  ? 16.262  -21.858 -65.793 1.00 824.50 ? 118 UNK B CA 1 
ATOM 108  C C  . UNK A 1 22  ? 16.561  -21.855 -64.308 1.00 824.50 ? 118 UNK B C  1 
ATOM 109  O O  . UNK A 1 22  ? 15.712  -21.570 -63.451 1.00 824.50 ? 118 UNK B O  1 
ATOM 110  C CB . UNK A 1 22  ? 16.247  -23.294 -66.309 1.00 824.50 ? 118 UNK B CB 1 
ATOM 111  N N  . UNK A 1 23  ? 17.798  -22.213 -64.009 1.00 816.08 ? 119 UNK B N  1 
ATOM 112  C CA . UNK A 1 23  ? 18.244  -22.264 -62.636 1.00 816.08 ? 119 UNK B CA 1 
ATOM 113  C C  . UNK A 1 23  ? 18.062  -20.894 -62.002 1.00 816.08 ? 119 UNK B C  1 
ATOM 114  O O  . UNK A 1 23  ? 17.668  -20.784 -60.848 1.00 816.08 ? 119 UNK B O  1 
ATOM 115  C CB . UNK A 1 23  ? 19.702  -22.709 -62.565 1.00 816.08 ? 119 UNK B CB 1 
ATOM 116  N N  . UNK A 1 24  ? 18.340  -19.857 -62.783 1.00 847.40 ? 120 UNK B N  1 
ATOM 117  C CA . UNK A 1 24  ? 18.284  -18.482 -62.300 1.00 847.40 ? 120 UNK B CA 1 
ATOM 118  C C  . UNK A 1 24  ? 16.880  -18.169 -61.848 1.00 847.40 ? 120 UNK B C  1 
ATOM 119  O O  . UNK A 1 24  ? 16.616  -17.550 -60.807 1.00 847.40 ? 120 UNK B O  1 
ATOM 120  C CB . UNK A 1 24  ? 18.711  -17.507 -63.395 1.00 847.40 ? 120 UNK B CB 1 
ATOM 121  N N  . UNK A 1 25  ? 15.964  -18.606 -62.692 1.00 863.52 ? 121 UNK B N  1 
ATOM 122  C CA . UNK A 1 25  ? 14.559  -18.457 -62.411 1.00 863.52 ? 121 UNK B CA 1 
ATOM 123  C C  . UNK A 1 25  ? 14.245  -19.120 -61.085 1.00 863.52 ? 121 UNK B C  1 
ATOM 124  O O  . UNK A 1 25  ? 13.674  -18.496 -60.194 1.00 863.52 ? 121 UNK B O  1 
ATOM 125  C CB . UNK A 1 25  ? 13.725  -19.072 -63.528 1.00 863.52 ? 121 UNK B CB 1 
ATOM 126  N N  . UNK A 1 26  ? 14.634  -20.383 -60.979 1.00 831.19 ? 122 UNK B N  1 
ATOM 127  C CA . UNK A 1 26  ? 14.356  -21.171 -59.787 1.00 831.19 ? 122 UNK B CA 1 
ATOM 128  C C  . UNK A 1 26  ? 14.870  -20.452 -58.555 1.00 831.19 ? 122 UNK B C  1 
ATOM 129  O O  . UNK A 1 26  ? 14.270  -20.448 -57.480 1.00 831.19 ? 122 UNK B O  1 
ATOM 130  C CB . UNK A 1 26  ? 15.001  -22.546 -59.901 1.00 831.19 ? 122 UNK B CB 1 
ATOM 131  N N  . UNK A 1 27  ? 16.016  -19.822 -58.744 1.00 829.11 ? 123 UNK B N  1 
ATOM 132  C CA . UNK A 1 27  ? 16.692  -19.125 -57.676 1.00 829.11 ? 123 UNK B CA 1 
ATOM 133  C C  . UNK A 1 27  ? 15.850  -17.975 -57.193 1.00 829.11 ? 123 UNK B C  1 
ATOM 134  O O  . UNK A 1 27  ? 15.586  -17.844 -56.003 1.00 829.11 ? 123 UNK B O  1 
ATOM 135  C CB . UNK A 1 27  ? 18.048  -18.614 -58.148 1.00 829.11 ? 123 UNK B CB 1 
ATOM 136  N N  . UNK A 1 28  ? 15.455  -17.135 -58.136 1.00 880.76 ? 124 UNK B N  1 
ATOM 137  C CA . UNK A 1 28  ? 14.655  -15.968 -57.813 1.00 880.76 ? 124 UNK B CA 1 
ATOM 138  C C  . UNK A 1 28  ? 13.388  -16.434 -57.127 1.00 880.76 ? 124 UNK B C  1 
ATOM 139  O O  . UNK A 1 28  ? 12.869  -15.806 -56.205 1.00 880.76 ? 124 UNK B O  1 
ATOM 140  C CB . UNK A 1 28  ? 14.328  -15.170 -59.069 1.00 880.76 ? 124 UNK B CB 1 
ATOM 141  N N  . UNK A 1 29  ? 12.907  -17.576 -57.589 1.00 877.83 ? 125 UNK B N  1 
ATOM 142  C CA . UNK A 1 29  ? 11.690  -18.160 -57.072 1.00 877.83 ? 125 UNK B CA 1 
ATOM 143  C C  . UNK A 1 29  ? 11.840  -18.421 -55.596 1.00 877.83 ? 125 UNK B C  1 
ATOM 144  O O  . UNK A 1 29  ? 11.026  -18.005 -54.776 1.00 877.83 ? 125 UNK B O  1 
ATOM 145  C CB . UNK A 1 29  ? 11.370  -19.457 -57.808 1.00 877.83 ? 125 UNK B CB 1 
ATOM 146  N N  . UNK A 1 30  ? 12.901  -19.138 -55.272 1.00 866.76 ? 126 UNK B N  1 
ATOM 147  C CA . UNK A 1 30  ? 13.223  -19.424 -53.892 1.00 866.76 ? 126 UNK B CA 1 
ATOM 148  C C  . UNK A 1 30  ? 13.240  -18.118 -53.142 1.00 866.76 ? 126 UNK B C  1 
ATOM 149  O O  . UNK A 1 30  ? 12.419  -17.863 -52.261 1.00 866.76 ? 126 UNK B O  1 
ATOM 150  C CB . UNK A 1 30  ? 14.574  -20.119 -53.786 1.00 866.76 ? 126 UNK B CB 1 
ATOM 151  N N  . UNK A 1 31  ? 14.172  -17.282 -53.579 1.00 885.85 ? 127 UNK B N  1 
ATOM 152  C CA . UNK A 1 31  ? 14.425  -15.959 -53.043 1.00 885.85 ? 127 UNK B CA 1 
ATOM 153  C C  . UNK A 1 31  ? 13.162  -15.282 -52.596 1.00 885.85 ? 127 UNK B C  1 
ATOM 154  O O  . UNK A 1 31  ? 13.098  -14.658 -51.547 1.00 885.85 ? 127 UNK B O  1 
ATOM 155  C CB . UNK A 1 31  ? 15.113  -15.104 -54.103 1.00 885.85 ? 127 UNK B CB 1 
ATOM 156  N N  . UNK A 1 32  ? 12.150  -15.416 -53.432 1.00 889.83 ? 128 UNK B N  1 
ATOM 157  C CA . UNK A 1 32  ? 10.843  -14.916 -53.102 1.00 889.83 ? 128 UNK B CA 1 
ATOM 158  C C  . UNK A 1 32  ? 10.405  -15.511 -51.783 1.00 889.83 ? 128 UNK B C  1 
ATOM 159  O O  . UNK A 1 32  ? 10.595  -14.894 -50.738 1.00 889.83 ? 128 UNK B O  1 
ATOM 160  C CB . UNK A 1 32  ? 9.849   -15.262 -54.200 1.00 889.83 ? 128 UNK B CB 1 
ATOM 161  N N  . UNK A 1 33  ? 9.865   -16.723 -51.858 1.00 883.58 ? 129 UNK B N  1 
ATOM 162  C CA . UNK A 1 33  ? 9.309   -17.443 -50.719 1.00 883.58 ? 129 UNK B CA 1 
ATOM 163  C C  . UNK A 1 33  ? 10.087  -17.167 -49.463 1.00 883.58 ? 129 UNK B C  1 
ATOM 164  O O  . UNK A 1 33  ? 9.554   -16.934 -48.376 1.00 883.58 ? 129 UNK B O  1 
ATOM 165  C CB . UNK A 1 33  ? 9.313   -18.939 -50.999 1.00 883.58 ? 129 UNK B CB 1 
ATOM 166  N N  . UNK A 1 34  ? 11.391  -17.200 -49.659 1.00 880.41 ? 130 UNK B N  1 
ATOM 167  C CA . UNK A 1 34  ? 12.344  -16.796 -48.665 1.00 880.41 ? 130 UNK B CA 1 
ATOM 168  C C  . UNK A 1 34  ? 11.972  -15.443 -48.113 1.00 880.41 ? 130 UNK B C  1 
ATOM 169  O O  . UNK A 1 34  ? 11.213  -15.349 -47.148 1.00 880.41 ? 130 UNK B O  1 
ATOM 170  C CB . UNK A 1 34  ? 13.739  -16.749 -49.275 1.00 880.41 ? 130 UNK B CB 1 
ATOM 171  N N  . UNK A 1 35  ? 12.498  -14.414 -48.769 1.00 915.27 ? 131 UNK B N  1 
ATOM 172  C CA . UNK A 1 35  ? 12.352  -13.022 -48.375 1.00 915.27 ? 131 UNK B CA 1 
ATOM 173  C C  . UNK A 1 35  ? 11.013  -12.781 -47.740 1.00 915.27 ? 131 UNK B C  1 
ATOM 174  O O  . UNK A 1 35  ? 10.888  -12.133 -46.707 1.00 915.27 ? 131 UNK B O  1 
ATOM 175  C CB . UNK A 1 35  ? 12.515  -12.118 -49.592 1.00 915.27 ? 131 UNK B CB 1 
ATOM 176  N N  . UNK A 1 36  ? 10.015  -13.354 -48.393 1.00 881.79 ? 132 UNK B N  1 
ATOM 177  C CA . UNK A 1 36  ? 8.670   -13.419 -47.888 1.00 881.79 ? 132 UNK B CA 1 
ATOM 178  C C  . UNK A 1 36  ? 8.647   -13.861 -46.447 1.00 881.79 ? 132 UNK B C  1 
ATOM 179  O O  . UNK A 1 36  ? 8.783   -13.039 -45.533 1.00 881.79 ? 132 UNK B O  1 
ATOM 180  C CB . UNK A 1 36  ? 7.852   -14.388 -48.732 1.00 881.79 ? 132 UNK B CB 1 
ATOM 181  N N  . UNK A 1 37  ? 8.518   -15.173 -46.274 1.00 860.16 ? 133 UNK B N  1 
ATOM 182  C CA . UNK A 1 37  ? 8.321   -15.782 -44.966 1.00 860.16 ? 133 UNK B CA 1 
ATOM 183  C C  . UNK A 1 37  ? 9.230   -15.141 -43.947 1.00 860.16 ? 133 UNK B C  1 
ATOM 184  O O  . UNK A 1 37  ? 8.845   -14.853 -42.810 1.00 860.16 ? 133 UNK B O  1 
ATOM 185  C CB . UNK A 1 37  ? 8.585   -17.282 -45.035 1.00 860.16 ? 133 UNK B CB 1 
ATOM 186  N N  . UNK A 1 38  ? 10.452  -14.910 -44.407 1.00 863.25 ? 134 UNK B N  1 
ATOM 187  C CA . UNK A 1 38  ? 11.467  -14.205 -43.666 1.00 863.25 ? 134 UNK B CA 1 
ATOM 188  C C  . UNK A 1 38  ? 10.912  -12.947 -43.054 1.00 863.25 ? 134 UNK B C  1 
ATOM 189  O O  . UNK A 1 38  ? 10.449  -12.961 -41.918 1.00 863.25 ? 134 UNK B O  1 
ATOM 190  C CB . UNK A 1 38  ? 12.633  -13.860 -44.587 1.00 863.25 ? 134 UNK B CB 1 
ATOM 191  N N  . UNK A 1 39  ? 10.950  -11.877 -43.837 1.00 874.24 ? 135 UNK B N  1 
ATOM 192  C CA . UNK A 1 39  ? 10.540  -10.563 -43.396 1.00 874.24 ? 135 UNK B CA 1 
ATOM 193  C C  . UNK A 1 39  ? 9.244   -10.633 -42.634 1.00 874.24 ? 135 UNK B C  1 
ATOM 194  O O  . UNK A 1 39  ? 9.059   -9.946  -41.637 1.00 874.24 ? 135 UNK B O  1 
ATOM 195  C CB . UNK A 1 39  ? 10.387  -9.636  -44.595 1.00 874.24 ? 135 UNK B CB 1 
ATOM 196  N N  . UNK A 1 40  ? 8.352   -11.480 -43.124 1.00 865.97 ? 136 UNK B N  1 
ATOM 197  C CA . UNK A 1 40  ? 7.068   -11.694 -42.502 1.00 865.97 ? 136 UNK B CA 1 
ATOM 198  C C  . UNK A 1 40  ? 7.219   -11.944 -41.024 1.00 865.97 ? 136 UNK B C  1 
ATOM 199  O O  . UNK A 1 40  ? 6.973   -11.094 -40.158 1.00 865.97 ? 136 UNK B O  1 
ATOM 200  C CB . UNK A 1 40  ? 6.372   -12.885 -43.150 1.00 865.97 ? 136 UNK B CB 1 
ATOM 201  N N  . UNK A 1 41  ? 7.653   -13.156 -40.746 1.00 860.47 ? 137 UNK B N  1 
ATOM 202  C CA . UNK A 1 41  ? 7.781   -13.598 -39.385 1.00 860.47 ? 137 UNK B CA 1 
ATOM 203  C C  . UNK A 1 41  ? 8.740   -12.695 -38.631 1.00 860.47 ? 137 UNK B C  1 
ATOM 204  O O  . UNK A 1 41  ? 8.652   -12.575 -37.425 1.00 860.47 ? 137 UNK B O  1 
ATOM 205  C CB . UNK A 1 41  ? 8.257   -15.041 -39.347 1.00 860.47 ? 137 UNK B CB 1 
ATOM 206  N N  . UNK A 1 42  ? 9.644   -12.046 -39.345 1.00 842.86 ? 138 UNK B N  1 
ATOM 207  C CA . UNK A 1 42  ? 10.617  -11.184 -38.707 1.00 842.86 ? 138 UNK B CA 1 
ATOM 208  C C  . UNK A 1 42  ? 9.904   -10.039 -38.026 1.00 842.86 ? 138 UNK B C  1 
ATOM 209  O O  . UNK A 1 42  ? 10.059  -9.746  -36.836 1.00 842.86 ? 138 UNK B O  1 
ATOM 210  C CB . UNK A 1 42  ? 11.605  -10.652 -39.737 1.00 842.86 ? 138 UNK B CB 1 
ATOM 211  N N  . UNK A 1 43  ? 9.096   -9.379  -38.831 1.00 807.06 ? 139 UNK B N  1 
ATOM 212  C CA . UNK A 1 43  ? 8.313   -8.264  -38.368 1.00 807.06 ? 139 UNK B CA 1 
ATOM 213  C C  . UNK A 1 43  ? 7.424   -8.745  -37.253 1.00 807.06 ? 139 UNK B C  1 
ATOM 214  O O  . UNK A 1 43  ? 7.219   -8.064  -36.252 1.00 807.06 ? 139 UNK B O  1 
ATOM 215  C CB . UNK A 1 43  ? 7.484   -7.688  -39.508 1.00 807.06 ? 139 UNK B CB 1 
ATOM 216  N N  . UNK A 1 44  ? 6.897   -9.945  -37.439 1.00 865.08 ? 140 UNK B N  1 
ATOM 217  C CA . UNK A 1 44  ? 6.044   -10.533 -36.428 1.00 865.08 ? 140 UNK B CA 1 
ATOM 218  C C  . UNK A 1 44  ? 6.798   -10.564 -35.104 1.00 865.08 ? 140 UNK B C  1 
ATOM 219  O O  . UNK A 1 44  ? 6.278   -10.184 -34.060 1.00 865.08 ? 140 UNK B O  1 
ATOM 220  C CB . UNK A 1 44  ? 5.606   -11.934 -36.846 1.00 865.08 ? 140 UNK B CB 1 
ATOM 221  N N  . UNK A 1 45  ? 8.051   -10.994 -35.181 1.00 830.41 ? 141 UNK B N  1 
ATOM 222  C CA . UNK A 1 45  ? 8.899   -11.169 -34.012 1.00 830.41 ? 141 UNK B CA 1 
ATOM 223  C C  . UNK A 1 45  ? 9.123   -9.834  -33.363 1.00 830.41 ? 141 UNK B C  1 
ATOM 224  O O  . UNK A 1 45  ? 9.275   -9.717  -32.151 1.00 830.41 ? 141 UNK B O  1 
ATOM 225  C CB . UNK A 1 45  ? 10.237  -11.795 -34.399 1.00 830.41 ? 141 UNK B CB 1 
ATOM 226  N N  . UNK A 1 46  ? 9.170   -8.820  -34.207 1.00 789.49 ? 142 UNK B N  1 
ATOM 227  C CA . UNK A 1 46  ? 9.308   -7.469  -33.713 1.00 789.49 ? 142 UNK B CA 1 
ATOM 228  C C  . UNK A 1 46  ? 8.140   -7.193  -32.783 1.00 789.49 ? 142 UNK B C  1 
ATOM 229  O O  . UNK A 1 46  ? 8.323   -6.786  -31.638 1.00 789.49 ? 142 UNK B O  1 
ATOM 230  C CB . UNK A 1 46  ? 9.349   -6.464  -34.857 1.00 789.49 ? 142 UNK B CB 1 
ATOM 231  N N  . UNK A 1 47  ? 6.938   -7.452  -33.278 1.00 827.72 ? 143 UNK B N  1 
ATOM 232  C CA . UNK A 1 47  ? 5.724   -7.214  -32.515 1.00 827.72 ? 143 UNK B CA 1 
ATOM 233  C C  . UNK A 1 47  ? 5.741   -7.999  -31.229 1.00 827.72 ? 143 UNK B C  1 
ATOM 234  O O  . UNK A 1 47  ? 5.303   -7.566  -30.165 1.00 827.72 ? 143 UNK B O  1 
ATOM 235  C CB . UNK A 1 47  ? 4.502   -7.606  -33.334 1.00 827.72 ? 143 UNK B CB 1 
ATOM 236  N N  . UNK A 1 48  ? 6.254   -9.205  -31.363 1.00 828.27 ? 144 UNK B N  1 
ATOM 237  C CA . UNK A 1 48  ? 6.320   -10.126 -30.254 1.00 828.27 ? 144 UNK B CA 1 
ATOM 238  C C  . UNK A 1 48  ? 7.148   -9.523  -29.141 1.00 828.27 ? 144 UNK B C  1 
ATOM 239  O O  . UNK A 1 48  ? 6.688   -9.334  -28.020 1.00 828.27 ? 144 UNK B O  1 
ATOM 240  C CB . UNK A 1 48  ? 6.921   -11.452 -30.700 1.00 828.27 ? 144 UNK B CB 1 
ATOM 241  N N  . UNK A 1 49  ? 8.388   -9.215  -29.475 1.00 770.59 ? 145 UNK B N  1 
ATOM 242  C CA . UNK A 1 49  ? 9.314   -8.651  -28.516 1.00 770.59 ? 145 UNK B CA 1 
ATOM 243  C C  . UNK A 1 49  ? 8.739   -7.370  -27.938 1.00 770.59 ? 145 UNK B C  1 
ATOM 244  O O  . UNK A 1 49  ? 8.959   -7.030  -26.775 1.00 770.59 ? 145 UNK B O  1 
ATOM 245  C CB . UNK A 1 49  ? 10.660  -8.385  -29.175 1.00 770.59 ? 145 UNK B CB 1 
ATOM 246  N N  . UNK A 1 50  ? 7.988   -6.663  -28.769 1.00 753.36 ? 146 UNK B N  1 
ATOM 247  C CA . UNK A 1 50  ? 7.341   -5.444  -28.339 1.00 753.36 ? 146 UNK B CA 1 
ATOM 248  C C  . UNK A 1 50  ? 6.431   -5.764  -27.176 1.00 753.36 ? 146 UNK B C  1 
ATOM 249  O O  . UNK A 1 50  ? 6.456   -5.140  -26.114 1.00 753.36 ? 146 UNK B O  1 
ATOM 250  C CB . UNK A 1 50  ? 6.552   -4.829  -29.486 1.00 753.36 ? 146 UNK B CB 1 
ATOM 251  N N  . UNK A 1 51  ? 5.617   -6.778  -27.399 1.00 811.33 ? 147 UNK B N  1 
ATOM 252  C CA . UNK A 1 51  ? 4.701   -7.225  -26.378 1.00 811.33 ? 147 UNK B CA 1 
ATOM 253  C C  . UNK A 1 51  ? 5.484   -7.655  -25.142 1.00 811.33 ? 147 UNK B C  1 
ATOM 254  O O  . UNK A 1 51  ? 5.030   -7.467  -24.028 1.00 811.33 ? 147 UNK B O  1 
ATOM 255  C CB . UNK A 1 51  ? 3.834   -8.367  -26.904 1.00 811.33 ? 147 UNK B CB 1 
ATOM 256  N N  . UNK A 1 52  ? 6.662   -8.227  -25.348 1.00 775.10 ? 148 UNK B N  1 
ATOM 257  C CA . UNK A 1 52  ? 7.468   -8.739  -24.234 1.00 775.10 ? 148 UNK B CA 1 
ATOM 258  C C  . UNK A 1 52  ? 7.873   -7.590  -23.336 1.00 775.10 ? 148 UNK B C  1 
ATOM 259  O O  . UNK A 1 52  ? 7.876   -7.632  -22.099 1.00 775.10 ? 148 UNK B O  1 
ATOM 260  C CB . UNK A 1 52  ? 8.709   -9.467  -24.746 1.00 775.10 ? 148 UNK B CB 1 
ATOM 261  N N  . UNK A 1 53  ? 8.232   -6.523  -24.019 1.00 792.41 ? 149 UNK B N  1 
ATOM 262  C CA . UNK A 1 53  ? 8.566   -5.287  -23.358 1.00 792.41 ? 149 UNK B CA 1 
ATOM 263  C C  . UNK A 1 53  ? 7.368   -4.837  -22.554 1.00 792.41 ? 149 UNK B C  1 
ATOM 264  O O  . UNK A 1 53  ? 7.468   -4.481  -21.379 1.00 792.41 ? 149 UNK B O  1 
ATOM 265  C CB . UNK A 1 53  ? 8.954   -4.224  -24.377 1.00 792.41 ? 149 UNK B CB 1 
ATOM 266  N N  . UNK A 1 54  ? 6.224   -4.860  -23.221 1.00 810.74 ? 150 UNK B N  1 
ATOM 267  C CA . UNK A 1 54  ? 4.978   -4.426  -22.614 1.00 810.74 ? 150 UNK B CA 1 
ATOM 268  C C  . UNK A 1 54  ? 4.739   -5.201  -21.335 1.00 810.74 ? 150 UNK B C  1 
ATOM 269  O O  . UNK A 1 54  ? 4.236   -4.706  -20.332 1.00 810.74 ? 150 UNK B O  1 
ATOM 270  C CB . UNK A 1 54  ? 3.816   -4.626  -23.582 1.00 810.74 ? 150 UNK B CB 1 
ATOM 271  N N  . UNK A 1 55  ? 5.131   -6.460  -21.398 1.00 816.54 ? 151 UNK B N  1 
ATOM 272  C CA . UNK A 1 55  ? 4.951   -7.377  -20.297 1.00 816.54 ? 151 UNK B CA 1 
ATOM 273  C C  . UNK A 1 55  ? 5.790   -6.921  -19.136 1.00 816.54 ? 151 UNK B C  1 
ATOM 274  O O  . UNK A 1 55  ? 5.339   -6.851  -17.997 1.00 816.54 ? 151 UNK B O  1 
ATOM 275  C CB . UNK A 1 55  ? 5.344   -8.792  -20.709 1.00 816.54 ? 151 UNK B CB 1 
ATOM 276  N N  . UNK A 1 56  ? 7.041   -6.630  -19.447 1.00 838.43 ? 152 UNK B N  1 
ATOM 277  C CA . UNK A 1 56  ? 7.956   -6.154  -18.430 1.00 838.43 ? 152 UNK B CA 1 
ATOM 278  C C  . UNK A 1 56  ? 7.362   -4.915  -17.774 1.00 838.43 ? 152 UNK B C  1 
ATOM 279  O O  . UNK A 1 56  ? 7.445   -4.710  -16.568 1.00 838.43 ? 152 UNK B O  1 
ATOM 280  C CB . UNK A 1 56  ? 9.315   -5.848  -19.040 1.00 838.43 ? 152 UNK B CB 1 
ATOM 281  N N  . UNK A 1 57  ? 6.734   -4.094  -18.600 1.00 843.95 ? 153 UNK B N  1 
ATOM 282  C CA . UNK A 1 57  ? 6.147   -2.849  -18.132 1.00 843.95 ? 153 UNK B CA 1 
ATOM 283  C C  . UNK A 1 57  ? 5.012   -3.126  -17.165 1.00 843.95 ? 153 UNK B C  1 
ATOM 284  O O  . UNK A 1 57  ? 4.807   -2.451  -16.148 1.00 843.95 ? 153 UNK B O  1 
ATOM 285  C CB . UNK A 1 57  ? 5.639   -2.027  -19.311 1.00 843.95 ? 153 UNK B CB 1 
ATOM 286  N N  . UNK A 1 58  ? 4.241   -4.137  -17.520 1.00 824.65 ? 154 UNK B N  1 
ATOM 287  C CA . UNK A 1 58  ? 3.140   -4.563  -16.688 1.00 824.65 ? 154 UNK B CA 1 
ATOM 288  C C  . UNK A 1 58  ? 3.713   -4.967  -15.345 1.00 824.65 ? 154 UNK B C  1 
ATOM 289  O O  . UNK A 1 58  ? 3.198   -4.596  -14.294 1.00 824.65 ? 154 UNK B O  1 
ATOM 290  C CB . UNK A 1 58  ? 2.386   -5.720  -17.333 1.00 824.65 ? 154 UNK B CB 1 
ATOM 291  N N  . UNK A 1 59  ? 4.804   -5.720  -15.412 1.00 789.94 ? 155 UNK B N  1 
ATOM 292  C CA . UNK A 1 59  ? 5.489   -6.234  -14.232 1.00 789.94 ? 155 UNK B CA 1 
ATOM 293  C C  . UNK A 1 59  ? 5.914   -5.088  -13.343 1.00 789.94 ? 155 UNK B C  1 
ATOM 294  O O  . UNK A 1 59  ? 5.926   -5.148  -12.114 1.00 789.94 ? 155 UNK B O  1 
ATOM 295  C CB . UNK A 1 59  ? 6.710   -7.057  -14.638 1.00 789.94 ? 155 UNK B CB 1 
ATOM 296  N N  . UNK A 1 60  ? 6.293   -4.020  -14.016 1.00 800.07 ? 156 UNK B N  1 
ATOM 297  C CA . UNK A 1 60  ? 6.706   -2.814  -13.338 1.00 800.07 ? 156 UNK B CA 1 
ATOM 298  C C  . UNK A 1 60  ? 5.552   -2.244  -12.532 1.00 800.07 ? 156 UNK B C  1 
ATOM 299  O O  . UNK A 1 60  ? 5.657   -2.043  -11.316 1.00 800.07 ? 156 UNK B O  1 
ATOM 300  C CB . UNK A 1 60  ? 7.204   -1.784  -14.349 1.00 800.07 ? 156 UNK B CB 1 
ATOM 301  N N  . UNK A 1 61  ? 4.467   -1.964  -13.244 1.00 819.98 ? 157 UNK B N  1 
ATOM 302  C CA . UNK A 1 61  ? 3.276   -1.363  -12.650 1.00 819.98 ? 157 UNK B CA 1 
ATOM 303  C C  . UNK A 1 61  ? 2.860   -2.182  -11.447 1.00 819.98 ? 157 UNK B C  1 
ATOM 304  O O  . UNK A 1 61  ? 2.425   -1.695  -10.393 1.00 819.98 ? 157 UNK B O  1 
ATOM 305  C CB . UNK A 1 61  ? 2.142   -1.299  -13.667 1.00 819.98 ? 157 UNK B CB 1 
ATOM 306  N N  . UNK A 1 62  ? 3.017   -3.478  -11.640 1.00 747.27 ? 158 UNK B N  1 
ATOM 307  C CA . UNK A 1 62  ? 2.780   -4.446  -10.606 1.00 747.27 ? 158 UNK B CA 1 
ATOM 308  C C  . UNK A 1 62  ? 3.635   -4.120  -9.410  1.00 747.27 ? 158 UNK B C  1 
ATOM 309  O O  . UNK A 1 62  ? 3.151   -3.500  -8.475  1.00 747.27 ? 158 UNK B O  1 
ATOM 310  C CB . UNK A 1 62  ? 3.089   -5.848  -11.114 1.00 747.27 ? 158 UNK B CB 1 
ATOM 311  N N  . UNK A 1 63  ? 4.902   -4.522  -9.476  1.00 803.76 ? 159 UNK B N  1 
ATOM 312  C CA . UNK A 1 63  ? 5.846   -4.388  -8.370  1.00 803.76 ? 159 UNK B CA 1 
ATOM 313  C C  . UNK A 1 63  ? 5.621   -3.084  -7.636  1.00 803.76 ? 159 UNK B C  1 
ATOM 314  O O  . UNK A 1 63  ? 5.686   -3.011  -6.403  1.00 803.76 ? 159 UNK B O  1 
ATOM 315  C CB . UNK A 1 63  ? 7.279   -4.465  -8.886  1.00 803.76 ? 159 UNK B CB 1 
ATOM 316  N N  . UNK A 1 64  ? 5.313   -2.063  -8.426  1.00 835.28 ? 160 UNK B N  1 
ATOM 317  C CA . UNK A 1 64  ? 4.883   -0.784  -7.913  1.00 835.28 ? 160 UNK B CA 1 
ATOM 318  C C  . UNK A 1 64  ? 3.741   -0.970  -6.943  1.00 835.28 ? 160 UNK B C  1 
ATOM 319  O O  . UNK A 1 64  ? 3.953   -0.961  -5.731  1.00 835.28 ? 160 UNK B O  1 
ATOM 320  C CB . UNK A 1 64  ? 4.456   0.129   -9.057  1.00 835.28 ? 160 UNK B CB 1 
ATOM 321  N N  . UNK A 1 65  ? 2.542   -1.157  -7.486  1.00 822.55 ? 161 UNK B N  1 
ATOM 322  C CA . UNK A 1 65  ? 1.332   -1.271  -6.675  1.00 822.55 ? 161 UNK B CA 1 
ATOM 323  C C  . UNK A 1 65  ? 1.572   -2.178  -5.484  1.00 822.55 ? 161 UNK B C  1 
ATOM 324  O O  . UNK A 1 65  ? 1.149   -1.944  -4.351  1.00 822.55 ? 161 UNK B O  1 
ATOM 325  C CB . UNK A 1 65  ? 0.180   -1.812  -7.516  1.00 822.55 ? 161 UNK B CB 1 
ATOM 326  N N  . UNK A 1 66  ? 2.322   -3.221  -5.787  1.00 779.95 ? 162 UNK B N  1 
ATOM 327  C CA . UNK A 1 66  ? 2.692   -4.257  -4.855  1.00 779.95 ? 162 UNK B CA 1 
ATOM 328  C C  . UNK A 1 66  ? 3.333   -3.718  -3.603  1.00 779.95 ? 162 UNK B C  1 
ATOM 329  O O  . UNK A 1 66  ? 2.677   -3.511  -2.589  1.00 779.95 ? 162 UNK B O  1 
ATOM 330  C CB . UNK A 1 66  ? 3.658   -5.226  -5.527  1.00 779.95 ? 162 UNK B CB 1 
ATOM 331  N N  . UNK A 1 67  ? 4.634   -3.493  -3.696  1.00 806.71 ? 163 UNK B N  1 
ATOM 332  C CA . UNK A 1 67  ? 5.427   -3.142  -2.527  1.00 806.71 ? 163 UNK B CA 1 
ATOM 333  C C  . UNK A 1 67  ? 4.817   -1.949  -1.815  1.00 806.71 ? 163 UNK B C  1 
ATOM 334  O O  . UNK A 1 67  ? 4.942   -1.759  -0.599  1.00 806.71 ? 163 UNK B O  1 
ATOM 335  C CB . UNK A 1 67  ? 6.863   -2.843  -2.934  1.00 806.71 ? 163 UNK B CB 1 
ATOM 336  N N  . UNK A 1 68  ? 4.148   -1.133  -2.616  1.00 812.53 ? 164 UNK B N  1 
ATOM 337  C CA . UNK A 1 68  ? 3.361   -0.040  -2.104  1.00 812.53 ? 164 UNK B CA 1 
ATOM 338  C C  . UNK A 1 68  ? 2.457   -0.585  -1.035  1.00 812.53 ? 164 UNK B C  1 
ATOM 339  O O  . UNK A 1 68  ? 2.668   -0.373  0.165   1.00 812.53 ? 164 UNK B O  1 
ATOM 340  C CB . UNK A 1 68  ? 2.543   0.602   -3.218  1.00 812.53 ? 164 UNK B CB 1 
ATOM 341  N N  . UNK A 1 69  ? 1.466   -1.330  -1.502  1.00 751.72 ? 165 UNK B N  1 
ATOM 342  C CA . UNK A 1 69  ? 0.479   -1.938  -0.642  1.00 751.72 ? 165 UNK B CA 1 
ATOM 343  C C  . UNK A 1 69  ? 1.149   -2.638  0.520   1.00 751.72 ? 165 UNK B C  1 
ATOM 344  O O  . UNK A 1 69  ? 0.635   -2.672  1.632   1.00 751.72 ? 165 UNK B O  1 
ATOM 345  C CB . UNK A 1 69  ? -0.365  -2.925  -1.442  1.00 751.72 ? 165 UNK B CB 1 
ATOM 346  N N  . UNK A 1 70  ? 2.312   -3.198  0.239   1.00 779.63 ? 166 UNK B N  1 
ATOM 347  C CA . UNK A 1 70  ? 3.060   -3.929  1.240   1.00 779.63 ? 166 UNK B CA 1 
ATOM 348  C C  . UNK A 1 70  ? 3.288   -3.032  2.434   1.00 779.63 ? 166 UNK B C  1 
ATOM 349  O O  . UNK A 1 70  ? 2.730   -3.221  3.516   1.00 779.63 ? 166 UNK B O  1 
ATOM 350  C CB . UNK A 1 70  ? 4.393   -4.412  0.679   1.00 779.63 ? 166 UNK B CB 1 
ATOM 351  N N  . UNK A 1 71  ? 4.106   -2.023  2.202   1.00 808.66 ? 167 UNK B N  1 
ATOM 352  C CA . UNK A 1 71  ? 4.460   -1.080  3.243   1.00 808.66 ? 167 UNK B CA 1 
ATOM 353  C C  . UNK A 1 71  ? 3.220   -0.500  3.893   1.00 808.66 ? 167 UNK B C  1 
ATOM 354  O O  . UNK A 1 71  ? 3.146   -0.258  5.107   1.00 808.66 ? 167 UNK B O  1 
ATOM 355  C CB . UNK A 1 71  ? 5.312   0.036   2.661   1.00 808.66 ? 167 UNK B CB 1 
ATOM 356  N N  . UNK A 1 72  ? 2.231   -0.272  3.047   1.00 810.04 ? 168 UNK B N  1 
ATOM 357  C CA . UNK A 1 72  ? 0.997   0.326   3.485   1.00 810.04 ? 168 UNK B CA 1 
ATOM 358  C C  . UNK A 1 72  ? 0.399   -0.499  4.601   1.00 810.04 ? 168 UNK B C  1 
ATOM 359  O O  . UNK A 1 72  ? 0.193   -0.011  5.705   1.00 810.04 ? 168 UNK B O  1 
ATOM 360  C CB . UNK A 1 72  ? 0.023   0.432   2.321   1.00 810.04 ? 168 UNK B CB 1 
ATOM 361  N N  . UNK A 1 73  ? 0.151   -1.764  4.294   1.00 805.17 ? 169 UNK B N  1 
ATOM 362  C CA . UNK A 1 73  ? -0.524  -2.677  5.201   1.00 805.17 ? 169 UNK B CA 1 
ATOM 363  C C  . UNK A 1 73  ? 0.271   -2.828  6.465   1.00 805.17 ? 169 UNK B C  1 
ATOM 364  O O  . UNK A 1 73  ? -0.270  -3.057  7.548   1.00 805.17 ? 169 UNK B O  1 
ATOM 365  C CB . UNK A 1 73  ? -0.719  -4.043  4.548   1.00 805.17 ? 169 UNK B CB 1 
ATOM 366  N N  . UNK A 1 74  ? 1.579   -2.720  6.307   1.00 814.58 ? 170 UNK B N  1 
ATOM 367  C CA . UNK A 1 74  ? 2.467   -2.764  7.438   1.00 814.58 ? 170 UNK B CA 1 
ATOM 368  C C  . UNK A 1 74  ? 2.030   -1.677  8.389   1.00 814.58 ? 170 UNK B C  1 
ATOM 369  O O  . UNK A 1 74  ? 1.613   -1.943  9.525   1.00 814.58 ? 170 UNK B O  1 
ATOM 370  C CB . UNK A 1 74  ? 3.914   -2.562  7.001   1.00 814.58 ? 170 UNK B CB 1 
ATOM 371  N N  . UNK A 1 75  ? 2.118   -0.452  7.883   1.00 795.71 ? 171 UNK B N  1 
ATOM 372  C CA . UNK A 1 75  ? 1.776   0.738   8.649   1.00 795.71 ? 171 UNK B CA 1 
ATOM 373  C C  . UNK A 1 75  ? 0.425   0.569   9.306   1.00 795.71 ? 171 UNK B C  1 
ATOM 374  O O  . UNK A 1 75  ? 0.193   0.875   10.483  1.00 795.71 ? 171 UNK B O  1 
ATOM 375  C CB . UNK A 1 75  ? 1.757   1.961   7.739   1.00 795.71 ? 171 UNK B CB 1 
ATOM 376  N N  . UNK A 1 76  ? -0.473  0.050   8.488   1.00 808.46 ? 172 UNK B N  1 
ATOM 377  C CA . UNK A 1 76  ? -1.848  -0.173  8.861   1.00 808.46 ? 172 UNK B CA 1 
ATOM 378  C C  . UNK A 1 76  ? -1.947  -1.037  10.097  1.00 808.46 ? 172 UNK B C  1 
ATOM 379  O O  . UNK A 1 76  ? -2.090  -0.531  11.213  1.00 808.46 ? 172 UNK B O  1 
ATOM 380  C CB . UNK A 1 76  ? -2.596  -0.831  7.708   1.00 808.46 ? 172 UNK B CB 1 
ATOM 381  N N  . UNK A 1 77  ? -1.838  -2.342  9.873   1.00 805.36 ? 173 UNK B N  1 
ATOM 382  C CA . UNK A 1 77  ? -2.001  -3.336  10.920  1.00 805.36 ? 173 UNK B CA 1 
ATOM 383  C C  . UNK A 1 77  ? -1.204  -2.940  12.141  1.00 805.36 ? 173 UNK B C  1 
ATOM 384  O O  . UNK A 1 77  ? -1.609  -3.228  13.267  1.00 805.36 ? 173 UNK B O  1 
ATOM 385  C CB . UNK A 1 77  ? -1.571  -4.714  10.425  1.00 805.36 ? 173 UNK B CB 1 
ATOM 386  N N  . UNK A 1 78  ? -0.084  -2.257  11.920  1.00 821.56 ? 174 UNK B N  1 
ATOM 387  C CA . UNK A 1 78  ? 0.694   -1.718  13.012  1.00 821.56 ? 174 UNK B CA 1 
ATOM 388  C C  . UNK A 1 78  ? -0.170  -0.807  13.850  1.00 821.56 ? 174 UNK B C  1 
ATOM 389  O O  . UNK A 1 78  ? -0.609  -1.164  14.942  1.00 821.56 ? 174 UNK B O  1 
ATOM 390  C CB . UNK A 1 78  ? 1.900   -0.952  12.477  1.00 821.56 ? 174 UNK B CB 1 
ATOM 391  N N  . UNK A 1 79  ? -0.436  0.369   13.302  1.00 815.61 ? 175 UNK B N  1 
ATOM 392  C CA . UNK A 1 79  ? -1.180  1.390   14.016  1.00 815.61 ? 175 UNK B CA 1 
ATOM 393  C C  . UNK A 1 79  ? -2.496  0.857   14.549  1.00 815.61 ? 175 UNK B C  1 
ATOM 394  O O  . UNK A 1 79  ? -3.045  1.393   15.491  1.00 815.61 ? 175 UNK B O  1 
ATOM 395  C CB . UNK A 1 79  ? -1.433  2.583   13.105  1.00 815.61 ? 175 UNK B CB 1 
ATOM 396  N N  . UNK A 1 80  ? -2.977  -0.217  13.944  1.00 793.16 ? 176 UNK B N  1 
ATOM 397  C CA . UNK A 1 80  ? -4.270  -0.786  14.277  1.00 793.16 ? 176 UNK B CA 1 
ATOM 398  C C  . UNK A 1 80  ? -4.454  -1.082  15.752  1.00 793.16 ? 176 UNK B C  1 
ATOM 399  O O  . UNK A 1 80  ? -4.900  -0.267  16.576  1.00 793.16 ? 176 UNK B O  1 
ATOM 400  C CB . UNK A 1 80  ? -4.473  -2.079  13.490  1.00 793.16 ? 176 UNK B CB 1 
ATOM 401  N N  . UNK A 1 81  ? -4.094  -2.308  16.084  1.00 797.86 ? 177 UNK B N  1 
ATOM 402  C CA . UNK A 1 81  ? -4.209  -2.774  17.439  1.00 797.86 ? 177 UNK B CA 1 
ATOM 403  C C  . UNK A 1 81  ? -3.423  -1.845  18.328  1.00 797.86 ? 177 UNK B C  1 
ATOM 404  O O  . UNK A 1 81  ? -3.663  -1.769  19.518  1.00 797.86 ? 177 UNK B O  1 
ATOM 405  C CB . UNK A 1 81  ? -3.703  -4.202  17.561  1.00 797.86 ? 177 UNK B CB 1 
ATOM 406  N N  . UNK A 1 82  ? -2.480  -1.133  17.733  1.00 832.11 ? 178 UNK B N  1 
ATOM 407  C CA . UNK A 1 82  ? -1.754  -0.115  18.452  1.00 832.11 ? 178 UNK B CA 1 
ATOM 408  C C  . UNK A 1 82  ? -2.735  0.838   19.098  1.00 832.11 ? 178 UNK B C  1 
ATOM 409  O O  . UNK A 1 82  ? -2.803  0.974   20.317  1.00 832.11 ? 178 UNK B O  1 
ATOM 410  C CB . UNK A 1 82  ? -0.822  0.642   17.514  1.00 832.11 ? 178 UNK B CB 1 
ATOM 411  N N  . UNK A 1 83  ? -3.510  1.487   18.251  1.00 816.09 ? 179 UNK B N  1 
ATOM 412  C CA . UNK A 1 83  ? -4.478  2.465   18.680  1.00 816.09 ? 179 UNK B CA 1 
ATOM 413  C C  . UNK A 1 83  ? -5.421  1.800   19.637  1.00 816.09 ? 179 UNK B C  1 
ATOM 414  O O  . UNK A 1 83  ? -5.870  2.383   20.628  1.00 816.09 ? 179 UNK B O  1 
ATOM 415  C CB . UNK A 1 83  ? -5.236  3.021   17.484  1.00 816.09 ? 179 UNK B CB 1 
ATOM 416  N N  . UNK A 1 84  ? -5.726  0.557   19.305  1.00 766.44 ? 180 UNK B N  1 
ATOM 417  C CA . UNK A 1 84  ? -6.626  -0.227  20.121  1.00 766.44 ? 180 UNK B CA 1 
ATOM 418  C C  . UNK A 1 84  ? -6.132  -0.209  21.554  1.00 766.44 ? 180 UNK B C  1 
ATOM 419  O O  . UNK A 1 84  ? -6.869  0.010   22.506  1.00 766.44 ? 180 UNK B O  1 
ATOM 420  C CB . UNK A 1 84  ? -6.721  -1.655  19.599  1.00 766.44 ? 180 UNK B CB 1 
ATOM 421  N N  . UNK A 1 85  ? -4.837  -0.414  21.686  1.00 814.93 ? 181 UNK B N  1 
ATOM 422  C CA . UNK A 1 85  ? -4.217  -0.536  22.985  1.00 814.93 ? 181 UNK B CA 1 
ATOM 423  C C  . UNK A 1 85  ? -4.171  0.803   23.669  1.00 814.93 ? 181 UNK B C  1 
ATOM 424  O O  . UNK A 1 85  ? -4.311  0.909   24.883  1.00 814.93 ? 181 UNK B O  1 
ATOM 425  C CB . UNK A 1 85  ? -2.808  -1.097  22.843  1.00 814.93 ? 181 UNK B CB 1 
ATOM 426  N N  . UNK A 1 86  ? -3.921  1.820   22.862  1.00 855.02 ? 182 UNK B N  1 
ATOM 427  C CA . UNK A 1 86  ? -3.843  3.180   23.358  1.00 855.02 ? 182 UNK B CA 1 
ATOM 428  C C  . UNK A 1 86  ? -5.096  3.423   24.147  1.00 855.02 ? 182 UNK B C  1 
ATOM 429  O O  . UNK A 1 86  ? -5.106  3.777   25.347  1.00 855.02 ? 182 UNK B O  1 
ATOM 430  C CB . UNK A 1 86  ? -3.737  4.175   22.208  1.00 855.02 ? 182 UNK B CB 1 
ATOM 431  N N  . UNK A 1 87  ? -6.173  3.200   23.410  1.00 793.56 ? 183 UNK B N  1 
ATOM 432  C CA . UNK A 1 87  ? -7.507  3.216   23.947  1.00 793.56 ? 183 UNK B CA 1 
ATOM 433  C C  . UNK A 1 87  ? -7.500  2.426   25.228  1.00 793.56 ? 183 UNK B C  1 
ATOM 434  O O  . UNK A 1 87  ? -7.468  3.014   26.292  1.00 793.56 ? 183 UNK B O  1 
ATOM 435  C CB . UNK A 1 87  ? -8.499  2.625   22.950  1.00 793.56 ? 183 UNK B CB 1 
ATOM 436  N N  . UNK A 1 88  ? -7.498  1.108   25.098  1.00 813.66 ? 184 UNK B N  1 
ATOM 437  C CA . UNK A 1 88  ? -7.490  0.180   26.221  1.00 813.66 ? 184 UNK B CA 1 
ATOM 438  C C  . UNK A 1 88  ? -6.908  0.744   27.506  1.00 813.66 ? 184 UNK B C  1 
ATOM 439  O O  . UNK A 1 88  ? -7.526  0.767   28.573  1.00 813.66 ? 184 UNK B O  1 
ATOM 440  C CB . UNK A 1 88  ? -6.703  -1.061  25.826  1.00 813.66 ? 184 UNK B CB 1 
ATOM 441  N N  . UNK A 1 89  ? -5.682  1.216   27.371  1.00 861.23 ? 185 UNK B N  1 
ATOM 442  C CA . UNK A 1 89  ? -4.952  1.784   28.474  1.00 861.23 ? 185 UNK B CA 1 
ATOM 443  C C  . UNK A 1 89  ? -5.731  2.923   29.083  1.00 861.23 ? 185 UNK B C  1 
ATOM 444  O O  . UNK A 1 89  ? -6.157  2.897   30.251  1.00 861.23 ? 185 UNK B O  1 
ATOM 445  C CB . UNK A 1 89  ? -3.595  2.278   27.991  1.00 861.23 ? 185 UNK B CB 1 
ATOM 446  N N  . UNK A 1 90  ? -5.935  3.937   28.256  1.00 851.65 ? 186 UNK B N  1 
ATOM 447  C CA . UNK A 1 90  ? -6.582  5.143   28.736  1.00 851.65 ? 186 UNK B CA 1 
ATOM 448  C C  . UNK A 1 90  ? -7.960  4.810   29.285  1.00 851.65 ? 186 UNK B C  1 
ATOM 449  O O  . UNK A 1 90  ? -8.501  5.493   30.134  1.00 851.65 ? 186 UNK B O  1 
ATOM 450  C CB . UNK A 1 90  ? -6.684  6.173   27.616  1.00 851.65 ? 186 UNK B CB 1 
ATOM 451  N N  . UNK A 1 91  ? -8.511  3.718   28.784  1.00 779.48 ? 187 UNK B N  1 
ATOM 452  C CA . UNK A 1 91  ? -9.868  3.313   29.094  1.00 779.48 ? 187 UNK B CA 1 
ATOM 453  C C  . UNK A 1 91  ? -9.913  2.836   30.511  1.00 779.48 ? 187 UNK B C  1 
ATOM 454  O O  . UNK A 1 91  ? -10.795 3.167   31.305  1.00 779.48 ? 187 UNK B O  1 
ATOM 455  C CB . UNK A 1 91  ? -10.328 2.203   28.151  1.00 779.48 ? 187 UNK B CB 1 
ATOM 456  N N  . UNK A 1 92  ? -8.936  2.000   30.799  1.00 827.01 ? 188 UNK B N  1 
ATOM 457  C CA . UNK A 1 92  ? -8.732  1.526   32.137  1.00 827.01 ? 188 UNK B CA 1 
ATOM 458  C C  . UNK A 1 92  ? -8.689  2.744   33.019  1.00 827.01 ? 188 UNK B C  1 
ATOM 459  O O  . UNK A 1 92  ? -9.402  2.850   34.028  1.00 827.01 ? 188 UNK B O  1 
ATOM 460  C CB . UNK A 1 92  ? -7.435  0.738   32.233  1.00 827.01 ? 188 UNK B CB 1 
ATOM 461  N N  . UNK A 1 93  ? -7.839  3.668   32.594  1.00 873.93 ? 189 UNK B N  1 
ATOM 462  C CA . UNK A 1 93  ? -7.602  4.889   33.343  1.00 873.93 ? 189 UNK B CA 1 
ATOM 463  C C  . UNK A 1 93  ? -8.921  5.545   33.694  1.00 873.93 ? 189 UNK B C  1 
ATOM 464  O O  . UNK A 1 93  ? -9.212  5.894   34.842  1.00 873.93 ? 189 UNK B O  1 
ATOM 465  C CB . UNK A 1 93  ? -6.731  5.850   32.538  1.00 873.93 ? 189 UNK B CB 1 
ATOM 466  N N  . UNK A 1 94  ? -9.730  5.684   32.663  1.00 744.66 ? 190 UNK B N  1 
ATOM 467  C CA . UNK A 1 94  ? -10.978 6.400   32.745  1.00 744.66 ? 190 UNK B CA 1 
ATOM 468  C C  . UNK A 1 94  ? -11.903 5.736   33.728  1.00 744.66 ? 190 UNK B C  1 
ATOM 469  O O  . UNK A 1 94  ? -12.579 6.379   34.528  1.00 744.66 ? 190 UNK B O  1 
ATOM 470  C CB . UNK A 1 94  ? -11.631 6.456   31.372  1.00 744.66 ? 190 UNK B CB 1 
ATOM 471  N N  . UNK A 1 95  ? -11.942 4.422   33.642  1.00 774.12 ? 191 UNK B N  1 
ATOM 472  C CA . UNK A 1 95  ? -12.794 3.661   34.515  1.00 774.12 ? 191 UNK B CA 1 
ATOM 473  C C  . UNK A 1 95  ? -12.417 3.976   35.954  1.00 774.12 ? 191 UNK B C  1 
ATOM 474  O O  . UNK A 1 95  ? -13.269 4.300   36.794  1.00 774.12 ? 191 UNK B O  1 
ATOM 475  C CB . UNK A 1 95  ? -12.651 2.176   34.219  1.00 774.12 ? 191 UNK B CB 1 
ATOM 476  N N  . UNK A 1 96  ? -11.117 3.899   36.213  1.00 837.90 ? 192 UNK B N  1 
ATOM 477  C CA . UNK A 1 96  ? -10.589 4.041   37.571  1.00 837.90 ? 192 UNK B CA 1 
ATOM 478  C C  . UNK A 1 96  ? -10.929 5.395   38.134  1.00 837.90 ? 192 UNK B C  1 
ATOM 479  O O  . UNK A 1 96  ? -11.230 5.605   39.321  1.00 837.90 ? 192 UNK B O  1 
ATOM 480  C CB . UNK A 1 96  ? -9.077  3.855   37.581  1.00 837.90 ? 192 UNK B CB 1 
ATOM 481  N N  . UNK A 1 97  ? -10.850 6.348   37.226  1.00 775.38 ? 193 UNK B N  1 
ATOM 482  C CA . UNK A 1 97  ? -11.172 7.706   37.562  1.00 775.38 ? 193 UNK B CA 1 
ATOM 483  C C  . UNK A 1 97  ? -12.631 7.769   37.967  1.00 775.38 ? 193 UNK B C  1 
ATOM 484  O O  . UNK A 1 97  ? -12.928 8.329   39.016  1.00 775.38 ? 193 UNK B O  1 
ATOM 485  C CB . UNK A 1 97  ? -10.889 8.630   36.383  1.00 775.38 ? 193 UNK B CB 1 
ATOM 486  N N  . UNK A 1 98  ? -13.512 7.210   37.137  1.00 735.59 ? 194 UNK B N  1 
ATOM 487  C CA . UNK A 1 98  ? -14.959 7.264   37.354  1.00 735.59 ? 194 UNK B CA 1 
ATOM 488  C C  . UNK A 1 98  ? -15.261 6.777   38.752  1.00 735.59 ? 194 UNK B C  1 
ATOM 489  O O  . UNK A 1 98  ? -16.067 7.326   39.529  1.00 735.59 ? 194 UNK B O  1 
ATOM 490  C CB . UNK A 1 98  ? -15.695 6.411   36.319  1.00 735.59 ? 194 UNK B CB 1 
ATOM 491  N N  . UNK A 1 99  ? -14.553 5.705   39.061  1.00 756.74 ? 195 UNK B N  1 
ATOM 492  C CA . UNK A 1 99  ? -14.595 5.109   40.378  1.00 756.74 ? 195 UNK B CA 1 
ATOM 493  C C  . UNK A 1 99  ? -14.291 6.130   41.457  1.00 756.74 ? 195 UNK B C  1 
ATOM 494  O O  . UNK A 1 99  ? -15.203 6.647   42.137  1.00 756.74 ? 195 UNK B O  1 
ATOM 495  C CB . UNK A 1 99  ? -13.592 3.965   40.462  1.00 756.74 ? 195 UNK B CB 1 
ATOM 496  N N  . UNK A 1 100 ? -12.997 6.426   41.566  1.00 825.59 ? 196 UNK B N  1 
ATOM 497  C CA . UNK A 1 100 ? -12.466 7.312   42.594  1.00 825.59 ? 196 UNK B CA 1 
ATOM 498  C C  . UNK A 1 100 ? -13.361 8.527   42.752  1.00 825.59 ? 196 UNK B C  1 
ATOM 499  O O  . UNK A 1 100 ? -13.581 9.051   43.847  1.00 825.59 ? 196 UNK B O  1 
ATOM 500  C CB . UNK A 1 100 ? -11.044 7.739   42.241  1.00 825.59 ? 196 UNK B CB 1 
ATOM 501  N N  . UNK A 1 101 ? -13.912 8.936   41.618  1.00 758.32 ? 197 UNK B N  1 
ATOM 502  C CA . UNK A 1 101 ? -14.781 10.086  41.523  1.00 758.32 ? 197 UNK B CA 1 
ATOM 503  C C  . UNK A 1 101 ? -16.036 9.904   42.326  1.00 758.32 ? 197 UNK B C  1 
ATOM 504  O O  . UNK A 1 101 ? -16.273 10.665  43.257  1.00 758.32 ? 197 UNK B O  1 
ATOM 505  C CB . UNK A 1 101 ? -15.148 10.345  40.063  1.00 758.32 ? 197 UNK B CB 1 
ATOM 506  N N  . UNK A 1 102 ? -16.847 8.929   41.932  1.00 816.60 ? 198 UNK B N  1 
ATOM 507  C CA . UNK A 1 102 ? -18.104 8.686   42.619  1.00 816.60 ? 198 UNK B CA 1 
ATOM 508  C C  . UNK A 1 102 ? -17.822 8.604   44.104  1.00 816.60 ? 198 UNK B C  1 
ATOM 509  O O  . UNK A 1 102 ? -18.508 9.193   44.955  1.00 816.60 ? 198 UNK B O  1 
ATOM 510  C CB . UNK A 1 102 ? -18.754 7.401   42.120  1.00 816.60 ? 198 UNK B CB 1 
ATOM 511  N N  . UNK A 1 103 ? -16.745 7.883   44.389  1.00 810.56 ? 199 UNK B N  1 
ATOM 512  C CA . UNK A 1 103 ? -16.301 7.646   45.751  1.00 810.56 ? 199 UNK B CA 1 
ATOM 513  C C  . UNK A 1 103 ? -16.176 8.910   46.576  1.00 810.56 ? 199 UNK B C  1 
ATOM 514  O O  . UNK A 1 103 ? -16.981 9.258   47.453  1.00 810.56 ? 199 UNK B O  1 
ATOM 515  C CB . UNK A 1 103 ? -14.947 6.943   45.728  1.00 810.56 ? 199 UNK B CB 1 
ATOM 516  N N  . UNK A 1 104 ? -15.104 9.617   46.278  1.00 827.92 ? 200 UNK B N  1 
ATOM 517  C CA . UNK A 1 104 ? -14.769 10.784  47.047  1.00 827.92 ? 200 UNK B CA 1 
ATOM 518  C C  . UNK A 1 104 ? -15.845 11.842  46.897  1.00 827.92 ? 200 UNK B C  1 
ATOM 519  O O  . UNK A 1 104 ? -15.916 12.752  47.703  1.00 827.92 ? 200 UNK B O  1 
ATOM 520  C CB . UNK A 1 104 ? -13.416 11.326  46.614  1.00 827.92 ? 200 UNK B CB 1 
ATOM 521  N N  . UNK A 1 105 ? -16.693 11.721  45.884  1.00 856.45 ? 201 UNK B N  1 
ATOM 522  C CA . UNK A 1 105 ? -17.788 12.652  45.739  1.00 856.45 ? 201 UNK B CA 1 
ATOM 523  C C  . UNK A 1 105 ? -18.688 12.449  46.928  1.00 856.45 ? 201 UNK B C  1 
ATOM 524  O O  . UNK A 1 105 ? -18.940 13.367  47.717  1.00 856.45 ? 201 UNK B O  1 
ATOM 525  C CB . UNK A 1 105 ? -18.541 12.413  44.430  1.00 856.45 ? 201 UNK B CB 1 
ATOM 526  N N  . UNK A 1 106 ? -19.145 11.209  47.056  1.00 848.62 ? 202 UNK B N  1 
ATOM 527  C CA . UNK A 1 106 ? -19.997 10.815  48.166  1.00 848.62 ? 202 UNK B CA 1 
ATOM 528  C C  . UNK A 1 106 ? -19.371 11.263  49.466  1.00 848.62 ? 202 UNK B C  1 
ATOM 529  O O  . UNK A 1 106 ? -20.040 11.744  50.386  1.00 848.62 ? 202 UNK B O  1 
ATOM 530  C CB . UNK A 1 106 ? -20.203 9.306   48.173  1.00 848.62 ? 202 UNK B CB 1 
ATOM 531  N N  . UNK A 1 107 ? -18.060 11.090  49.520  1.00 856.19 ? 203 UNK B N  1 
ATOM 532  C CA . UNK A 1 107 ? -17.298 11.576  50.647  1.00 856.19 ? 203 UNK B CA 1 
ATOM 533  C C  . UNK A 1 107 ? -17.638 13.043  50.855  1.00 856.19 ? 203 UNK B C  1 
ATOM 534  O O  . UNK A 1 107 ? -18.328 13.380  51.803  1.00 856.19 ? 203 UNK B O  1 
ATOM 535  C CB . UNK A 1 107 ? -15.803 11.385  50.420  1.00 856.19 ? 203 UNK B CB 1 
ATOM 536  N N  . UNK A 1 108 ? -17.188 13.881  49.933  1.00 869.37 ? 204 UNK B N  1 
ATOM 537  C CA . UNK A 1 108 ? -17.396 15.321  49.969  1.00 869.37 ? 204 UNK B CA 1 
ATOM 538  C C  . UNK A 1 108 ? -18.842 15.673  50.190  1.00 869.37 ? 204 UNK B C  1 
ATOM 539  O O  . UNK A 1 108 ? -19.184 16.645  50.858  1.00 869.37 ? 204 UNK B O  1 
ATOM 540  C CB . UNK A 1 108 ? -16.919 15.954  48.665  1.00 869.37 ? 204 UNK B CB 1 
ATOM 541  N N  . UNK A 1 109 ? -19.701 14.866  49.599  1.00 912.89 ? 205 UNK B N  1 
ATOM 542  C CA . UNK A 1 109 ? -21.118 15.050  49.772  1.00 912.89 ? 205 UNK B CA 1 
ATOM 543  C C  . UNK A 1 109 ? -21.429 15.082  51.247  1.00 912.89 ? 205 UNK B C  1 
ATOM 544  O O  . UNK A 1 109 ? -21.733 16.118  51.832  1.00 912.89 ? 205 UNK B O  1 
ATOM 545  C CB . UNK A 1 109 ? -21.883 13.926  49.093  1.00 912.89 ? 205 UNK B CB 1 
ATOM 546  N N  . UNK A 1 110 ? -21.302 13.916  51.855  1.00 894.58 ? 206 UNK B N  1 
ATOM 547  C CA . UNK A 1 110 ? -21.637 13.744  53.254  1.00 894.58 ? 206 UNK B CA 1 
ATOM 548  C C  . UNK A 1 110 ? -20.819 14.675  54.123  1.00 894.58 ? 206 UNK B C  1 
ATOM 549  O O  . UNK A 1 110 ? -21.170 15.006  55.253  1.00 894.58 ? 206 UNK B O  1 
ATOM 550  C CB . UNK A 1 110 ? -21.405 12.300  53.669  1.00 894.58 ? 206 UNK B CB 1 
ATOM 551  N N  . UNK A 1 111 ? -19.692 15.087  53.576  1.00 877.58 ? 207 UNK B N  1 
ATOM 552  C CA . UNK A 1 111 ? -18.858 16.038  54.248  1.00 877.58 ? 207 UNK B CA 1 
ATOM 553  C C  . UNK A 1 111 ? -19.696 17.271  54.416  1.00 877.58 ? 207 UNK B C  1 
ATOM 554  O O  . UNK A 1 111 ? -19.854 17.774  55.512  1.00 877.58 ? 207 UNK B O  1 
ATOM 555  C CB . UNK A 1 111 ? -17.600 16.328  53.445  1.00 877.58 ? 207 UNK B CB 1 
ATOM 556  N N  . UNK A 1 112 ? -20.263 17.725  53.310  1.00 859.34 ? 208 UNK B N  1 
ATOM 557  C CA . UNK A 1 112 ? -21.089 18.917  53.314  1.00 859.34 ? 208 UNK B CA 1 
ATOM 558  C C  . UNK A 1 112 ? -22.262 18.726  54.255  1.00 859.34 ? 208 UNK B C  1 
ATOM 559  O O  . UNK A 1 112 ? -22.780 19.669  54.858  1.00 859.34 ? 208 UNK B O  1 
ATOM 560  C CB . UNK A 1 112 ? -21.582 19.227  51.907  1.00 859.34 ? 208 UNK B CB 1 
ATOM 561  N N  . UNK A 1 113 ? -22.684 17.477  54.374  1.00 909.64 ? 209 UNK B N  1 
ATOM 562  C CA . UNK A 1 113 ? -23.777 17.150  55.263  1.00 909.64 ? 209 UNK B CA 1 
ATOM 563  C C  . UNK A 1 113 ? -23.379 17.539  56.660  1.00 909.64 ? 209 UNK B C  1 
ATOM 564  O O  . UNK A 1 113 ? -23.979 18.402  57.300  1.00 909.64 ? 209 UNK B O  1 
ATOM 565  C CB . UNK A 1 113 ? -24.107 15.663  55.195  1.00 909.64 ? 209 UNK B CB 1 
ATOM 566  N N  . UNK A 1 114 ? -22.326 16.880  57.108  1.00 871.82 ? 210 UNK B N  1 
ATOM 567  C CA . UNK A 1 114 ? -21.722 17.142  58.393  1.00 871.82 ? 210 UNK B CA 1 
ATOM 568  C C  . UNK A 1 114 ? -21.501 18.628  58.574  1.00 871.82 ? 210 UNK B C  1 
ATOM 569  O O  . UNK A 1 114 ? -21.595 19.173  59.671  1.00 871.82 ? 210 UNK B O  1 
ATOM 570  C CB . UNK A 1 114 ? -20.398 16.397  58.503  1.00 871.82 ? 210 UNK B CB 1 
ATOM 571  N N  . UNK A 1 115 ? -21.200 19.278  57.461  1.00 815.71 ? 211 UNK B N  1 
ATOM 572  C CA . UNK A 1 115 ? -20.869 20.683  57.462  1.00 815.71 ? 211 UNK B CA 1 
ATOM 573  C C  . UNK A 1 115 ? -22.045 21.455  57.972  1.00 815.71 ? 211 UNK B C  1 
ATOM 574  O O  . UNK A 1 115 ? -22.004 22.059  59.041  1.00 815.71 ? 211 UNK B O  1 
ATOM 575  C CB . UNK A 1 115 ? -20.494 21.157  56.060  1.00 815.71 ? 211 UNK B CB 1 
ATOM 576  N N  . UNK A 1 116 ? -23.105 21.407  57.189  1.00 789.89 ? 212 UNK B N  1 
ATOM 577  C CA . UNK A 1 116 ? -24.325 22.099  57.539  1.00 789.89 ? 212 UNK B CA 1 
ATOM 578  C C  . UNK A 1 116 ? -24.783 21.677  58.922  1.00 789.89 ? 212 UNK B C  1 
ATOM 579  O O  . UNK A 1 116 ? -25.390 22.448  59.649  1.00 789.89 ? 212 UNK B O  1 
ATOM 580  C CB . UNK A 1 116 ? -25.408 21.813  56.513  1.00 789.89 ? 212 UNK B CB 1 
ATOM 581  N N  . UNK A 1 117 ? -24.465 20.445  59.287  1.00 841.70 ? 213 UNK B N  1 
ATOM 582  C CA . UNK A 1 117 ? -24.848 19.925  60.584  1.00 841.70 ? 213 UNK B CA 1 
ATOM 583  C C  . UNK A 1 117 ? -24.227 20.736  61.714  1.00 841.70 ? 213 UNK B C  1 
ATOM 584  O O  . UNK A 1 117 ? -24.907 21.360  62.541  1.00 841.70 ? 213 UNK B O  1 
ATOM 585  C CB . UNK A 1 117 ? -24.431 18.464  60.696  1.00 841.70 ? 213 UNK B CB 1 
ATOM 586  N N  . UNK A 1 118 ? -22.903 20.718  61.737  1.00 796.04 ? 214 UNK B N  1 
ATOM 587  C CA . UNK A 1 118 ? -22.159 21.443  62.749  1.00 796.04 ? 214 UNK B CA 1 
ATOM 588  C C  . UNK A 1 118 ? -22.496 22.921  62.647  1.00 796.04 ? 214 UNK B C  1 
ATOM 589  O O  . UNK A 1 118 ? -22.431 23.649  63.623  1.00 796.04 ? 214 UNK B O  1 
ATOM 590  C CB . UNK A 1 118 ? -20.658 21.215  62.593  1.00 796.04 ? 214 UNK B CB 1 
ATOM 591  N N  . UNK A 1 119 ? -22.893 23.353  61.458  1.00 785.15 ? 215 UNK B N  1 
ATOM 592  C CA . UNK A 1 119 ? -23.277 24.739  61.241  1.00 785.15 ? 215 UNK B CA 1 
ATOM 593  C C  . UNK A 1 119 ? -24.542 25.071  62.013  1.00 785.15 ? 215 UNK B C  1 
ATOM 594  O O  . UNK A 1 119 ? -24.689 26.126  62.624  1.00 785.15 ? 215 UNK B O  1 
ATOM 595  C CB . UNK A 1 119 ? -23.490 24.999  59.752  1.00 785.15 ? 215 UNK B CB 1 
ATOM 596  N N  . UNK A 1 120 ? -25.478 24.143  61.952  1.00 813.09 ? 216 UNK B N  1 
ATOM 597  C CA . UNK A 1 120 ? -26.723 24.281  62.674  1.00 813.09 ? 216 UNK B CA 1 
ATOM 598  C C  . UNK A 1 120 ? -26.390 24.371  64.139  1.00 813.09 ? 216 UNK B C  1 
ATOM 599  O O  . UNK A 1 120 ? -26.881 25.226  64.876  1.00 813.09 ? 216 UNK B O  1 
ATOM 600  C CB . UNK A 1 120 ? -27.639 23.095  62.402  1.00 813.09 ? 216 UNK B CB 1 
ATOM 601  N N  . UNK A 1 121 ? -25.525 23.454  64.543  1.00 813.85 ? 217 UNK B N  1 
ATOM 602  C CA . UNK A 1 121 ? -25.051 23.415  65.912  1.00 813.85 ? 217 UNK B CA 1 
ATOM 603  C C  . UNK A 1 121 ? -24.543 24.795  66.309  1.00 813.85 ? 217 UNK B C  1 
ATOM 604  O O  . UNK A 1 121 ? -24.811 25.305  67.400  1.00 813.85 ? 217 UNK B O  1 
ATOM 605  C CB . UNK A 1 121 ? -23.948 22.372  66.064  1.00 813.85 ? 217 UNK B CB 1 
ATOM 606  N N  . UNK A 1 122 ? -23.805 25.395  65.387  1.00 783.05 ? 218 UNK B N  1 
ATOM 607  C CA . UNK A 1 122 ? -23.217 26.703  65.598  1.00 783.05 ? 218 UNK B CA 1 
ATOM 608  C C  . UNK A 1 122 ? -24.313 27.717  65.830  1.00 783.05 ? 218 UNK B C  1 
ATOM 609  O O  . UNK A 1 122 ? -24.247 28.551  66.728  1.00 783.05 ? 218 UNK B O  1 
ATOM 610  C CB . UNK A 1 122 ? -22.360 27.109  64.399  1.00 783.05 ? 218 UNK B CB 1 
ATOM 611  N N  . UNK A 1 123 ? -25.327 27.629  64.989  1.00 837.71 ? 219 UNK B N  1 
ATOM 612  C CA . UNK A 1 123 ? -26.468 28.509  65.094  1.00 837.71 ? 219 UNK B CA 1 
ATOM 613  C C  . UNK A 1 123 ? -27.042 28.393  66.493  1.00 837.71 ? 219 UNK B C  1 
ATOM 614  O O  . UNK A 1 123 ? -27.325 29.384  67.163  1.00 837.71 ? 219 UNK B O  1 
ATOM 615  C CB . UNK A 1 123 ? -27.514 28.156  64.047  1.00 837.71 ? 219 UNK B CB 1 
ATOM 616  N N  . UNK A 1 124 ? -27.178 27.154  66.940  1.00 835.18 ? 220 UNK B N  1 
ATOM 617  C CA . UNK A 1 124 ? -27.756 26.861  68.240  1.00 835.18 ? 220 UNK B CA 1 
ATOM 618  C C  . UNK A 1 124 ? -26.979 27.520  69.359  1.00 835.18 ? 220 UNK B C  1 
ATOM 619  O O  . UNK A 1 124 ? -27.520 28.122  70.282  1.00 835.18 ? 220 UNK B O  1 
ATOM 620  C CB . UNK A 1 124 ? -27.792 25.354  68.464  1.00 835.18 ? 220 UNK B CB 1 
ATOM 621  N N  . UNK A 1 125 ? -25.672 27.377  69.272  1.00 725.96 ? 221 UNK B N  1 
ATOM 622  C CA . UNK A 1 125 ? -24.810 27.934  70.293  1.00 725.96 ? 221 UNK B CA 1 
ATOM 623  C C  . UNK A 1 125 ? -24.943 29.441  70.262  1.00 725.96 ? 221 UNK B C  1 
ATOM 624  O O  . UNK A 1 125 ? -24.861 30.118  71.279  1.00 725.96 ? 221 UNK B O  1 
ATOM 625  C CB . UNK A 1 125 ? -23.362 27.518  70.072  1.00 725.96 ? 221 UNK B CB 1 
ATOM 626  N N  . UNK A 1 126 ? -25.150 29.967  69.068  1.00 810.81 ? 222 UNK B N  1 
ATOM 627  C CA . UNK A 1 126 ? -25.299 31.394  68.909  1.00 810.81 ? 222 UNK B CA 1 
ATOM 628  C C  . UNK A 1 126 ? -26.537 31.812  69.657  1.00 810.81 ? 222 UNK B C  1 
ATOM 629  O O  . UNK A 1 126 ? -26.572 32.836  70.339  1.00 810.81 ? 222 UNK B O  1 
ATOM 630  C CB . UNK A 1 126 ? -25.405 31.771  67.437  1.00 810.81 ? 222 UNK B CB 1 
ATOM 631  N N  . UNK A 1 127 ? -27.561 30.987  69.519  1.00 825.44 ? 223 UNK B N  1 
ATOM 632  C CA . UNK A 1 127 ? -28.817 31.229  70.187  1.00 825.44 ? 223 UNK B CA 1 
ATOM 633  C C  . UNK A 1 127 ? -28.566 31.296  71.668  1.00 825.44 ? 223 UNK B C  1 
ATOM 634  O O  . UNK A 1 127 ? -29.062 32.149  72.402  1.00 825.44 ? 223 UNK B O  1 
ATOM 635  C CB . UNK A 1 127 ? -29.809 30.121  69.869  1.00 825.44 ? 223 UNK B CB 1 
ATOM 636  N N  . UNK A 1 128 ? -27.764 30.343  72.098  1.00 800.47 ? 224 UNK B N  1 
ATOM 637  C CA . UNK A 1 128 ? -27.410 30.232  73.489  1.00 800.47 ? 224 UNK B CA 1 
ATOM 638  C C  . UNK A 1 128 ? -26.783 31.538  73.963  1.00 800.47 ? 224 UNK B C  1 
ATOM 639  O O  . UNK A 1 128 ? -27.109 32.078  75.017  1.00 800.47 ? 224 UNK B O  1 
ATOM 640  C CB . UNK A 1 128 ? -26.454 29.060  73.689  1.00 800.47 ? 224 UNK B CB 1 
ATOM 641  N N  . UNK A 1 129 ? -25.874 32.050  73.152  1.00 799.29 ? 225 UNK B N  1 
ATOM 642  C CA . UNK A 1 129 ? -25.146 33.264  73.498  1.00 799.29 ? 225 UNK B CA 1 
ATOM 643  C C  . UNK A 1 129 ? -26.115 34.424  73.664  1.00 799.29 ? 225 UNK B C  1 
ATOM 644  O O  . UNK A 1 129 ? -26.070 35.249  74.596  1.00 799.29 ? 225 UNK B O  1 
ATOM 645  C CB . UNK A 1 129 ? -24.115 33.585  72.420  1.00 799.29 ? 225 UNK B CB 1 
ATOM 646  N N  . UNK A 1 130 ? -27.018 34.473  72.701  1.00 773.54 ? 226 UNK B N  1 
ATOM 647  C CA . UNK A 1 130 ? -28.047 35.483  72.691  1.00 773.54 ? 226 UNK B CA 1 
ATOM 648  C C  . UNK A 1 130 ? -28.742 35.441  74.032  1.00 773.54 ? 226 UNK B C  1 
ATOM 649  O O  . UNK A 1 130 ? -28.950 36.457  74.687  1.00 773.54 ? 226 UNK B O  1 
ATOM 650  C CB . UNK A 1 130 ? -29.029 35.238  71.553  1.00 773.54 ? 226 UNK B CB 1 
ATOM 651  N N  . UNK A 1 131 ? -29.075 34.229  74.446  1.00 818.59 ? 227 UNK B N  1 
ATOM 652  C CA . UNK A 1 131 ? -29.729 34.033  75.724  1.00 818.59 ? 227 UNK B CA 1 
ATOM 653  C C  . UNK A 1 131 ? -28.884 34.653  76.813  1.00 818.59 ? 227 UNK B C  1 
ATOM 654  O O  . UNK A 1 131 ? -29.376 35.361  77.693  1.00 818.59 ? 227 UNK B O  1 
ATOM 655  C CB . UNK A 1 131 ? -29.946 32.549  75.998  1.00 818.59 ? 227 UNK B CB 1 
ATOM 656  N N  . UNK A 1 132 ? -27.590 34.387  76.716  1.00 773.28 ? 228 UNK B N  1 
ATOM 657  C CA . UNK A 1 132 ? -26.641 34.856  77.709  1.00 773.28 ? 228 UNK B CA 1 
ATOM 658  C C  . UNK A 1 132 ? -26.804 36.347  77.870  1.00 773.28 ? 228 UNK B C  1 
ATOM 659  O O  . UNK A 1 132 ? -26.632 36.893  78.954  1.00 773.28 ? 228 UNK B O  1 
ATOM 660  C CB . UNK A 1 132 ? -25.205 34.511  77.319  1.00 773.28 ? 228 UNK B CB 1 
ATOM 661  N N  . UNK A 1 133 ? -27.153 37.012  76.783  1.00 720.23 ? 229 UNK B N  1 
ATOM 662  C CA . UNK A 1 133 ? -27.529 38.405  76.926  1.00 720.23 ? 229 UNK B CA 1 
ATOM 663  C C  . UNK A 1 133 ? -28.776 38.509  77.801  1.00 720.23 ? 229 UNK B C  1 
ATOM 664  O O  . UNK A 1 133 ? -28.688 38.657  79.020  1.00 720.23 ? 229 UNK B O  1 
ATOM 665  C CB . UNK A 1 133 ? -27.775 39.049  75.570  1.00 720.23 ? 229 UNK B CB 1 
ATOM 666  N N  . UNK B 1 1   ? 34.478  -19.571 -83.983 1.00 614.23 ? 97  UNK A N  1 
ATOM 667  C CA . UNK B 1 1   ? 34.267  -18.201 -84.430 1.00 614.23 ? 97  UNK A CA 1 
ATOM 668  C C  . UNK B 1 1   ? 33.200  -17.540 -83.581 1.00 614.23 ? 97  UNK A C  1 
ATOM 669  O O  . UNK B 1 1   ? 33.322  -17.446 -82.354 1.00 614.23 ? 97  UNK A O  1 
ATOM 670  C CB . UNK B 1 1   ? 33.862  -18.167 -85.903 1.00 614.23 ? 97  UNK A CB 1 
ATOM 671  N N  . UNK B 1 2   ? 32.141  -17.094 -84.250 1.00 670.22 ? 98  UNK A N  1 
ATOM 672  C CA . UNK B 1 2   ? 30.951  -16.598 -83.578 1.00 670.22 ? 98  UNK A CA 1 
ATOM 673  C C  . UNK B 1 2   ? 30.520  -17.617 -82.543 1.00 670.22 ? 98  UNK A C  1 
ATOM 674  O O  . UNK B 1 2   ? 29.964  -17.295 -81.490 1.00 670.22 ? 98  UNK A O  1 
ATOM 675  C CB . UNK B 1 2   ? 29.830  -16.348 -84.581 1.00 670.22 ? 98  UNK A CB 1 
ATOM 676  N N  . UNK B 1 3   ? 30.793  -18.872 -82.877 1.00 639.71 ? 99  UNK A N  1 
ATOM 677  C CA . UNK B 1 3   ? 30.624  -19.992 -81.972 1.00 639.71 ? 99  UNK A CA 1 
ATOM 678  C C  . UNK B 1 3   ? 31.313  -19.742 -80.643 1.00 639.71 ? 99  UNK A C  1 
ATOM 679  O O  . UNK B 1 3   ? 30.658  -19.613 -79.604 1.00 639.71 ? 99  UNK A O  1 
ATOM 680  C CB . UNK B 1 3   ? 31.179  -21.268 -82.604 1.00 639.71 ? 99  UNK A CB 1 
ATOM 681  N N  . UNK B 1 4   ? 32.638  -19.687 -80.690 1.00 704.67 ? 100 UNK A N  1 
ATOM 682  C CA . UNK B 1 4   ? 33.436  -19.492 -79.495 1.00 704.67 ? 100 UNK A CA 1 
ATOM 683  C C  . UNK B 1 4   ? 32.967  -18.250 -78.751 1.00 704.67 ? 100 UNK A C  1 
ATOM 684  O O  . UNK B 1 4   ? 32.974  -18.195 -77.519 1.00 704.67 ? 100 UNK A O  1 
ATOM 685  C CB . UNK B 1 4   ? 34.913  -19.379 -79.863 1.00 704.67 ? 100 UNK A CB 1 
ATOM 686  N N  . UNK B 1 5   ? 32.538  -17.255 -79.517 1.00 747.55 ? 101 UNK A N  1 
ATOM 687  C CA . UNK B 1 5   ? 32.051  -16.005 -78.944 1.00 747.55 ? 101 UNK A CA 1 
ATOM 688  C C  . UNK B 1 5   ? 30.863  -16.227 -78.018 1.00 747.55 ? 101 UNK A C  1 
ATOM 689  O O  . UNK B 1 5   ? 30.846  -15.859 -76.826 1.00 747.55 ? 101 UNK A O  1 
ATOM 690  C CB . UNK B 1 5   ? 31.656  -15.038 -80.057 1.00 747.55 ? 101 UNK A CB 1 
ATOM 691  N N  . UNK B 1 6   ? 29.842  -16.830 -78.604 1.00 760.58 ? 102 UNK A N  1 
ATOM 692  C CA . UNK B 1 6   ? 28.640  -17.153 -77.866 1.00 760.58 ? 102 UNK A CA 1 
ATOM 693  C C  . UNK B 1 6   ? 29.014  -18.002 -76.658 1.00 760.58 ? 102 UNK A C  1 
ATOM 694  O O  . UNK B 1 6   ? 28.442  -17.843 -75.581 1.00 760.58 ? 102 UNK A O  1 
ATOM 695  C CB . UNK B 1 6   ? 27.640  -17.884 -78.759 1.00 760.58 ? 102 UNK A CB 1 
ATOM 696  N N  . UNK B 1 7   ? 29.985  -18.889 -76.848 1.00 787.88 ? 103 UNK A N  1 
ATOM 697  C CA . UNK B 1 7   ? 30.430  -19.786 -75.787 1.00 787.88 ? 103 UNK A CA 1 
ATOM 698  C C  . UNK B 1 7   ? 30.913  -18.991 -74.591 1.00 787.88 ? 103 UNK A C  1 
ATOM 699  O O  . UNK B 1 7   ? 30.613  -19.271 -73.426 1.00 787.88 ? 103 UNK A O  1 
ATOM 700  C CB . UNK B 1 7   ? 31.545  -20.699 -76.294 1.00 787.88 ? 103 UNK A CB 1 
ATOM 701  N N  . UNK B 1 8   ? 31.692  -17.973 -74.911 1.00 839.00 ? 104 UNK A N  1 
ATOM 702  C CA . UNK B 1 8   ? 32.218  -17.083 -73.899 1.00 839.00 ? 104 UNK A CA 1 
ATOM 703  C C  . UNK B 1 8   ? 31.079  -16.429 -73.140 1.00 839.00 ? 104 UNK A C  1 
ATOM 704  O O  . UNK B 1 8   ? 31.054  -16.402 -71.903 1.00 839.00 ? 104 UNK A O  1 
ATOM 705  C CB . UNK B 1 8   ? 33.101  -16.018 -74.540 1.00 839.00 ? 104 UNK A CB 1 
ATOM 706  N N  . UNK B 1 9   ? 30.148  -15.884 -73.911 1.00 856.92 ? 105 UNK A N  1 
ATOM 707  C CA . UNK B 1 9   ? 29.006  -15.178 -73.341 1.00 856.92 ? 105 UNK A CA 1 
ATOM 708  C C  . UNK B 1 9   ? 28.308  -16.078 -72.338 1.00 856.92 ? 105 UNK A C  1 
ATOM 709  O O  . UNK B 1 9   ? 27.910  -15.701 -71.231 1.00 856.92 ? 105 UNK A O  1 
ATOM 710  C CB . UNK B 1 9   ? 28.037  -14.751 -74.438 1.00 856.92 ? 105 UNK A CB 1 
ATOM 711  N N  . UNK B 1 10  ? 28.186  -17.322 -72.758 1.00 827.86 ? 106 UNK A N  1 
ATOM 712  C CA . UNK B 1 10  ? 27.535  -18.331 -71.962 1.00 827.86 ? 106 UNK A CA 1 
ATOM 713  C C  . UNK B 1 10  ? 28.278  -18.527 -70.665 1.00 827.86 ? 106 UNK A C  1 
ATOM 714  O O  . UNK B 1 10  ? 27.678  -18.577 -69.603 1.00 827.86 ? 106 UNK A O  1 
ATOM 715  C CB . UNK B 1 10  ? 27.468  -19.646 -72.730 1.00 827.86 ? 106 UNK A CB 1 
ATOM 716  N N  . UNK B 1 11  ? 29.588  -18.662 -70.766 1.00 862.79 ? 107 UNK A N  1 
ATOM 717  C CA . UNK B 1 11  ? 30.398  -18.910 -69.591 1.00 862.79 ? 107 UNK A CA 1 
ATOM 718  C C  . UNK B 1 11  ? 30.178  -17.787 -68.599 1.00 862.79 ? 107 UNK A C  1 
ATOM 719  O O  . UNK B 1 11  ? 30.090  -17.976 -67.381 1.00 862.79 ? 107 UNK A O  1 
ATOM 720  C CB . UNK B 1 11  ? 31.866  -19.010 -69.970 1.00 862.79 ? 107 UNK A CB 1 
ATOM 721  N N  . UNK B 1 12  ? 30.081  -16.593 -69.158 1.00 837.27 ? 108 UNK A N  1 
ATOM 722  C CA . UNK B 1 12  ? 29.855  -15.410 -68.357 1.00 837.27 ? 108 UNK A CA 1 
ATOM 723  C C  . UNK B 1 12  ? 28.558  -15.585 -67.597 1.00 837.27 ? 108 UNK A C  1 
ATOM 724  O O  . UNK B 1 12  ? 28.455  -15.358 -66.382 1.00 837.27 ? 108 UNK A O  1 
ATOM 725  C CB . UNK B 1 12  ? 29.798  -14.169 -69.239 1.00 837.27 ? 108 UNK A CB 1 
ATOM 726  N N  . UNK B 1 13  ? 27.554  -16.006 -68.346 1.00 813.48 ? 109 UNK A N  1 
ATOM 727  C CA . UNK B 1 13  ? 26.247  -16.235 -67.772 1.00 813.48 ? 109 UNK A CA 1 
ATOM 728  C C  . UNK B 1 13  ? 26.367  -17.224 -66.626 1.00 813.48 ? 109 UNK A C  1 
ATOM 729  O O  . UNK B 1 13  ? 25.746  -17.073 -65.586 1.00 813.48 ? 109 UNK A O  1 
ATOM 730  C CB . UNK B 1 13  ? 25.281  -16.749 -68.833 1.00 813.48 ? 109 UNK A CB 1 
ATOM 731  N N  . UNK B 1 14  ? 27.201  -18.229 -66.832 1.00 819.36 ? 110 UNK A N  1 
ATOM 732  C CA . UNK B 1 14  ? 27.347  -19.325 -65.887 1.00 819.36 ? 110 UNK A CA 1 
ATOM 733  C C  . UNK B 1 14  ? 27.895  -18.805 -64.586 1.00 819.36 ? 110 UNK A C  1 
ATOM 734  O O  . UNK B 1 14  ? 27.540  -19.210 -63.483 1.00 819.36 ? 110 UNK A O  1 
ATOM 735  C CB . UNK B 1 14  ? 28.276  -20.395 -66.448 1.00 819.36 ? 110 UNK A CB 1 
ATOM 736  N N  . UNK B 1 15  ? 28.817  -17.879 -64.746 1.00 803.48 ? 111 UNK A N  1 
ATOM 737  C CA . UNK B 1 15  ? 29.426  -17.248 -63.599 1.00 803.48 ? 111 UNK A CA 1 
ATOM 738  C C  . UNK B 1 15  ? 28.363  -16.495 -62.822 1.00 803.48 ? 111 UNK A C  1 
ATOM 739  O O  . UNK B 1 15  ? 28.249  -16.590 -61.594 1.00 803.48 ? 111 UNK A O  1 
ATOM 740  C CB . UNK B 1 15  ? 30.535  -16.304 -64.045 1.00 803.48 ? 111 UNK A CB 1 
ATOM 741  N N  . UNK B 1 16  ? 27.583  -15.730 -63.575 1.00 757.91 ? 112 UNK A N  1 
ATOM 742  C CA . UNK B 1 16  ? 26.521  -14.924 -62.994 1.00 757.91 ? 112 UNK A CA 1 
ATOM 743  C C  . UNK B 1 16  ? 25.611  -15.832 -62.200 1.00 757.91 ? 112 UNK A C  1 
ATOM 744  O O  . UNK B 1 16  ? 25.083  -15.510 -61.136 1.00 757.91 ? 112 UNK A O  1 
ATOM 745  C CB . UNK B 1 16  ? 25.735  -14.202 -64.083 1.00 757.91 ? 112 UNK A CB 1 
ATOM 746  N N  . UNK B 1 17  ? 25.449  -17.013 -62.764 1.00 745.70 ? 113 UNK A N  1 
ATOM 747  C CA . UNK B 1 17  ? 24.599  -18.026 -62.197 1.00 745.70 ? 113 UNK A CA 1 
ATOM 748  C C  . UNK B 1 17  ? 25.146  -18.457 -60.863 1.00 745.70 ? 113 UNK A C  1 
ATOM 749  O O  . UNK B 1 17  ? 24.412  -18.566 -59.887 1.00 745.70 ? 113 UNK A O  1 
ATOM 750  C CB . UNK B 1 17  ? 24.500  -19.221 -63.138 1.00 745.70 ? 113 UNK A CB 1 
ATOM 751  N N  . UNK B 1 18  ? 26.438  -18.735 -60.852 1.00 770.90 ? 114 UNK A N  1 
ATOM 752  C CA . UNK B 1 18  ? 27.110  -19.159 -59.641 1.00 770.90 ? 114 UNK A CA 1 
ATOM 753  C C  . UNK B 1 18  ? 26.817  -18.144 -58.555 1.00 770.90 ? 114 UNK A C  1 
ATOM 754  O O  . UNK B 1 18  ? 26.445  -18.461 -57.408 1.00 770.90 ? 114 UNK A O  1 
ATOM 755  C CB . UNK B 1 18  ? 28.611  -19.281 -59.878 1.00 770.90 ? 114 UNK A CB 1 
ATOM 756  N N  . UNK B 1 19  ? 26.979  -16.894 -58.962 1.00 750.82 ? 115 UNK A N  1 
ATOM 757  C CA . UNK B 1 19  ? 26.761  -15.762 -58.082 1.00 750.82 ? 115 UNK A CA 1 
ATOM 758  C C  . UNK B 1 19  ? 25.382  -15.837 -57.453 1.00 750.82 ? 115 UNK A C  1 
ATOM 759  O O  . UNK B 1 19  ? 25.212  -15.870 -56.226 1.00 750.82 ? 115 UNK A O  1 
ATOM 760  C CB . UNK B 1 19  ? 26.913  -14.454 -58.855 1.00 750.82 ? 115 UNK A CB 1 
ATOM 761  N N  . UNK B 1 20  ? 24.390  -15.876 -58.326 1.00 739.67 ? 116 UNK A N  1 
ATOM 762  C CA . UNK B 1 20  ? 23.003  -15.873 -57.899 1.00 739.67 ? 116 UNK A CA 1 
ATOM 763  C C  . UNK B 1 20  ? 22.707  -17.043 -56.971 1.00 739.67 ? 116 UNK A C  1 
ATOM 764  O O  . UNK B 1 20  ? 21.935  -16.928 -56.020 1.00 739.67 ? 116 UNK A O  1 
ATOM 765  C CB . UNK B 1 20  ? 22.081  -15.918 -59.113 1.00 739.67 ? 116 UNK A CB 1 
ATOM 766  N N  . UNK B 1 21  ? 23.331  -18.174 -57.260 1.00 799.64 ? 117 UNK A N  1 
ATOM 767  C CA . UNK B 1 21  ? 23.083  -19.390 -56.508 1.00 799.64 ? 117 UNK A CA 1 
ATOM 768  C C  . UNK B 1 21  ? 23.513  -19.180 -55.082 1.00 799.64 ? 117 UNK A C  1 
ATOM 769  O O  . UNK B 1 21  ? 22.797  -19.467 -54.117 1.00 799.64 ? 117 UNK A O  1 
ATOM 770  C CB . UNK B 1 21  ? 23.838  -20.565 -57.121 1.00 799.64 ? 117 UNK A CB 1 
ATOM 771  N N  . UNK B 1 22  ? 24.722  -18.662 -54.960 1.00 781.15 ? 118 UNK A N  1 
ATOM 772  C CA . UNK B 1 22  ? 25.266  -18.381 -53.650 1.00 781.15 ? 118 UNK A CA 1 
ATOM 773  C C  . UNK B 1 22  ? 24.358  -17.412 -52.917 1.00 781.15 ? 118 UNK A C  1 
ATOM 774  O O  . UNK B 1 22  ? 24.116  -17.520 -51.710 1.00 781.15 ? 118 UNK A O  1 
ATOM 775  C CB . UNK B 1 22  ? 26.669  -17.804 -53.776 1.00 781.15 ? 118 UNK A CB 1 
ATOM 776  N N  . UNK B 1 23  ? 23.861  -16.443 -53.671 1.00 750.72 ? 119 UNK A N  1 
ATOM 777  C CA . UNK B 1 23  ? 22.992  -15.432 -53.100 1.00 750.72 ? 119 UNK A CA 1 
ATOM 778  C C  . UNK B 1 23  ? 21.797  -16.104 -52.458 1.00 750.72 ? 119 UNK A C  1 
ATOM 779  O O  . UNK B 1 23  ? 21.441  -15.864 -51.306 1.00 750.72 ? 119 UNK A O  1 
ATOM 780  C CB . UNK B 1 23  ? 22.539  -14.449 -54.175 1.00 750.72 ? 119 UNK A CB 1 
ATOM 781  N N  . UNK B 1 24  ? 21.191  -16.983 -53.239 1.00 804.10 ? 120 UNK A N  1 
ATOM 782  C CA . UNK B 1 24  ? 20.005  -17.700 -52.815 1.00 804.10 ? 120 UNK A CA 1 
ATOM 783  C C  . UNK B 1 24  ? 20.306  -18.495 -51.560 1.00 804.10 ? 120 UNK A C  1 
ATOM 784  O O  . UNK B 1 24  ? 19.471  -18.643 -50.660 1.00 804.10 ? 120 UNK A O  1 
ATOM 785  C CB . UNK B 1 24  ? 19.521  -18.625 -53.927 1.00 804.10 ? 120 UNK A CB 1 
ATOM 786  N N  . UNK B 1 25  ? 21.518  -19.028 -51.525 1.00 856.14 ? 121 UNK A N  1 
ATOM 787  C CA . UNK B 1 25  ? 21.959  -19.784 -50.370 1.00 856.14 ? 121 UNK A CA 1 
ATOM 788  C C  . UNK B 1 25  ? 21.857  -18.891 -49.149 1.00 856.14 ? 121 UNK A C  1 
ATOM 789  O O  . UNK B 1 25  ? 21.264  -19.238 -48.119 1.00 856.14 ? 121 UNK A O  1 
ATOM 790  C CB . UNK B 1 25  ? 23.392  -20.279 -50.559 1.00 856.14 ? 121 UNK A CB 1 
ATOM 791  N N  . UNK B 1 26  ? 22.450  -17.719 -49.305 1.00 804.46 ? 122 UNK A N  1 
ATOM 792  C CA . UNK B 1 26  ? 22.489  -16.727 -48.248 1.00 804.46 ? 122 UNK A CA 1 
ATOM 793  C C  . UNK B 1 26  ? 21.088  -16.435 -47.767 1.00 804.46 ? 122 UNK A C  1 
ATOM 794  O O  . UNK B 1 26  ? 20.804  -16.332 -46.571 1.00 804.46 ? 122 UNK A O  1 
ATOM 795  C CB . UNK B 1 26  ? 23.150  -15.446 -48.744 1.00 804.46 ? 122 UNK A CB 1 
ATOM 796  N N  . UNK B 1 27  ? 20.207  -16.296 -48.741 1.00 789.83 ? 123 UNK A N  1 
ATOM 797  C CA . UNK B 1 27  ? 18.820  -16.029 -48.464 1.00 789.83 ? 123 UNK A CA 1 
ATOM 798  C C  . UNK B 1 27  ? 18.284  -17.083 -47.523 1.00 789.83 ? 123 UNK A C  1 
ATOM 799  O O  . UNK B 1 27  ? 17.956  -16.783 -46.383 1.00 789.83 ? 123 UNK A O  1 
ATOM 800  C CB . UNK B 1 27  ? 18.015  -16.009 -49.758 1.00 789.83 ? 123 UNK A CB 1 
ATOM 801  N N  . UNK B 1 28  ? 18.242  -18.315 -48.010 1.00 847.91 ? 124 UNK A N  1 
ATOM 802  C CA . UNK B 1 28  ? 17.655  -19.425 -47.269 1.00 847.91 ? 124 UNK A CA 1 
ATOM 803  C C  . UNK B 1 28  ? 18.205  -19.470 -45.862 1.00 847.91 ? 124 UNK A C  1 
ATOM 804  O O  . UNK B 1 28  ? 17.501  -19.743 -44.883 1.00 847.91 ? 124 UNK A O  1 
ATOM 805  C CB . UNK B 1 28  ? 17.926  -20.744 -47.984 1.00 847.91 ? 124 UNK A CB 1 
ATOM 806  N N  . UNK B 1 29  ? 19.494  -19.185 -45.774 1.00 882.35 ? 125 UNK A N  1 
ATOM 807  C CA . UNK B 1 29  ? 20.153  -19.124 -44.494 1.00 882.35 ? 125 UNK A CA 1 
ATOM 808  C C  . UNK B 1 29  ? 19.413  -18.146 -43.623 1.00 882.35 ? 125 UNK A C  1 
ATOM 809  O O  . UNK B 1 29  ? 18.864  -18.491 -42.579 1.00 882.35 ? 125 UNK A O  1 
ATOM 810  C CB . UNK B 1 29  ? 21.604  -18.698 -44.659 1.00 882.35 ? 125 UNK A CB 1 
ATOM 811  N N  . UNK B 1 30  ? 19.387  -16.911 -44.099 1.00 821.26 ? 126 UNK A N  1 
ATOM 812  C CA . UNK B 1 30  ? 18.768  -15.821 -43.378 1.00 821.26 ? 126 UNK A CA 1 
ATOM 813  C C  . UNK B 1 30  ? 17.374  -16.210 -42.942 1.00 821.26 ? 126 UNK A C  1 
ATOM 814  O O  . UNK B 1 30  ? 16.920  -15.898 -41.848 1.00 821.26 ? 126 UNK A O  1 
ATOM 815  C CB . UNK B 1 30  ? 18.718  -14.575 -44.255 1.00 821.26 ? 126 UNK A CB 1 
ATOM 816  N N  . UNK B 1 31  ? 16.709  -16.923 -43.833 1.00 826.84 ? 127 UNK A N  1 
ATOM 817  C CA . UNK B 1 31  ? 15.343  -17.355 -43.621 1.00 826.84 ? 127 UNK A CA 1 
ATOM 818  C C  . UNK B 1 31  ? 15.274  -18.209 -42.380 1.00 826.84 ? 127 UNK A C  1 
ATOM 819  O O  . UNK B 1 31  ? 14.445  -18.034 -41.492 1.00 826.84 ? 127 UNK A O  1 
ATOM 820  C CB . UNK B 1 31  ? 14.838  -18.137 -44.827 1.00 826.84 ? 127 UNK A CB 1 
ATOM 821  N N  . UNK B 1 32  ? 16.181  -19.162 -42.331 1.00 863.20 ? 128 UNK A N  1 
ATOM 822  C CA . UNK B 1 32  ? 16.222  -20.071 -41.208 1.00 863.20 ? 128 UNK A CA 1 
ATOM 823  C C  . UNK B 1 32  ? 16.503  -19.312 -39.917 1.00 863.20 ? 128 UNK A C  1 
ATOM 824  O O  . UNK B 1 32  ? 15.927  -19.573 -38.854 1.00 863.20 ? 128 UNK A O  1 
ATOM 825  C CB . UNK B 1 32  ? 17.282  -21.135 -41.442 1.00 863.20 ? 128 UNK A CB 1 
ATOM 826  N N  . UNK B 1 33  ? 17.418  -18.361 -40.024 1.00 871.95 ? 129 UNK A N  1 
ATOM 827  C CA . UNK B 1 33  ? 17.823  -17.574 -38.877 1.00 871.95 ? 129 UNK A CA 1 
ATOM 828  C C  . UNK B 1 33  ? 16.619  -16.854 -38.335 1.00 871.95 ? 129 UNK A C  1 
ATOM 829  O O  . UNK B 1 33  ? 16.428  -16.681 -37.140 1.00 871.95 ? 129 UNK A O  1 
ATOM 830  C CB . UNK B 1 33  ? 18.906  -16.577 -39.269 1.00 871.95 ? 129 UNK A CB 1 
ATOM 831  N N  . UNK B 1 34  ? 15.797  -16.416 -39.268 1.00 840.58 ? 130 UNK A N  1 
ATOM 832  C CA . UNK B 1 34  ? 14.591  -15.712 -38.927 1.00 840.58 ? 130 UNK A CA 1 
ATOM 833  C C  . UNK B 1 34  ? 13.669  -16.671 -38.226 1.00 840.58 ? 130 UNK A C  1 
ATOM 834  O O  . UNK B 1 34  ? 12.988  -16.296 -37.286 1.00 840.58 ? 130 UNK A O  1 
ATOM 835  C CB . UNK B 1 34  ? 13.926  -15.147 -40.176 1.00 840.58 ? 130 UNK A CB 1 
ATOM 836  N N  . UNK B 1 35  ? 13.630  -17.899 -38.725 1.00 865.00 ? 131 UNK A N  1 
ATOM 837  C CA . UNK B 1 35  ? 12.743  -18.910 -38.176 1.00 865.00 ? 131 UNK A CA 1 
ATOM 838  C C  . UNK B 1 35  ? 13.021  -18.970 -36.704 1.00 865.00 ? 131 UNK A C  1 
ATOM 839  O O  . UNK B 1 35  ? 12.139  -18.872 -35.838 1.00 865.00 ? 131 UNK A O  1 
ATOM 840  C CB . UNK B 1 35  ? 12.978  -20.269 -38.830 1.00 865.00 ? 131 UNK A CB 1 
ATOM 841  N N  . UNK B 1 36  ? 14.311  -19.103 -36.452 1.00 880.67 ? 132 UNK A N  1 
ATOM 842  C CA . UNK B 1 36  ? 14.838  -19.043 -35.112 1.00 880.67 ? 132 UNK A CA 1 
ATOM 843  C C  . UNK B 1 36  ? 14.281  -17.819 -34.422 1.00 880.67 ? 132 UNK A C  1 
ATOM 844  O O  . UNK B 1 36  ? 13.319  -17.911 -33.669 1.00 880.67 ? 132 UNK A O  1 
ATOM 845  C CB . UNK B 1 36  ? 16.359  -18.992 -35.138 1.00 880.67 ? 132 UNK A CB 1 
ATOM 846  N N  . UNK B 1 37  ? 14.880  -16.681 -34.741 1.00 856.07 ? 133 UNK A N  1 
ATOM 847  C CA . UNK B 1 37  ? 14.566  -15.384 -34.155 1.00 856.07 ? 133 UNK A CA 1 
ATOM 848  C C  . UNK B 1 37  ? 13.116  -15.211 -33.747 1.00 856.07 ? 133 UNK A C  1 
ATOM 849  O O  . UNK B 1 37  ? 12.769  -14.794 -32.644 1.00 856.07 ? 133 UNK A O  1 
ATOM 850  C CB . UNK B 1 37  ? 14.933  -14.286 -35.149 1.00 856.07 ? 133 UNK A CB 1 
ATOM 851  N N  . UNK B 1 38  ? 12.248  -15.571 -34.671 1.00 827.92 ? 134 UNK A N  1 
ATOM 852  C CA . UNK B 1 38  ? 10.838  -15.345 -34.503 1.00 827.92 ? 134 UNK A CA 1 
ATOM 853  C C  . UNK B 1 38  ? 10.266  -16.304 -33.492 1.00 827.92 ? 134 UNK A C  1 
ATOM 854  O O  . UNK B 1 38  ? 9.577   -15.886 -32.557 1.00 827.92 ? 134 UNK A O  1 
ATOM 855  C CB . UNK B 1 38  ? 10.126  -15.497 -35.840 1.00 827.92 ? 134 UNK A CB 1 
ATOM 856  N N  . UNK B 1 39  ? 10.535  -17.590 -33.681 1.00 849.38 ? 135 UNK A N  1 
ATOM 857  C CA . UNK B 1 39  ? 10.023  -18.569 -32.754 1.00 849.38 ? 135 UNK A CA 1 
ATOM 858  C C  . UNK B 1 39  ? 10.513  -18.189 -31.372 1.00 849.38 ? 135 UNK A C  1 
ATOM 859  O O  . UNK B 1 39  ? 9.841   -18.385 -30.377 1.00 849.38 ? 135 UNK A O  1 
ATOM 860  C CB . UNK B 1 39  ? 10.480  -19.967 -33.142 1.00 849.38 ? 135 UNK A CB 1 
ATOM 861  N N  . UNK B 1 40  ? 11.696  -17.595 -31.336 1.00 895.72 ? 136 UNK A N  1 
ATOM 862  C CA . UNK B 1 40  ? 12.327  -17.188 -30.092 1.00 895.72 ? 136 UNK A CA 1 
ATOM 863  C C  . UNK B 1 40  ? 11.573  -16.051 -29.433 1.00 895.72 ? 136 UNK A C  1 
ATOM 864  O O  . UNK B 1 40  ? 11.384  -16.005 -28.217 1.00 895.72 ? 136 UNK A O  1 
ATOM 865  C CB . UNK B 1 40  ? 13.770  -16.765 -30.350 1.00 895.72 ? 136 UNK A CB 1 
ATOM 866  N N  . UNK B 1 41  ? 11.175  -15.098 -30.258 1.00 815.36 ? 137 UNK A N  1 
ATOM 867  C CA . UNK B 1 41  ? 10.390  -13.993 -29.766 1.00 815.36 ? 137 UNK A CA 1 
ATOM 868  C C  . UNK B 1 41  ? 9.135   -14.589 -29.152 1.00 815.36 ? 137 UNK A C  1 
ATOM 869  O O  . UNK B 1 41  ? 8.680   -14.178 -28.088 1.00 815.36 ? 137 UNK A O  1 
ATOM 870  C CB . UNK B 1 41  ? 10.061  -13.015 -30.887 1.00 815.36 ? 137 UNK A CB 1 
ATOM 871  N N  . UNK B 1 42  ? 8.605   -15.600 -29.827 1.00 816.85 ? 138 UNK A N  1 
ATOM 872  C CA . UNK B 1 42  ? 7.395   -16.276 -29.375 1.00 816.85 ? 138 UNK A CA 1 
ATOM 873  C C  . UNK B 1 42  ? 7.629   -16.928 -28.021 1.00 816.85 ? 138 UNK A C  1 
ATOM 874  O O  . UNK B 1 42  ? 6.783   -16.959 -27.120 1.00 816.85 ? 138 UNK A O  1 
ATOM 875  C CB . UNK B 1 42  ? 6.957   -17.324 -30.395 1.00 816.85 ? 138 UNK A CB 1 
ATOM 876  N N  . UNK B 1 43  ? 8.824   -17.476 -27.906 1.00 886.16 ? 139 UNK A N  1 
ATOM 877  C CA . UNK B 1 43  ? 9.244   -18.155 -26.702 1.00 886.16 ? 139 UNK A CA 1 
ATOM 878  C C  . UNK B 1 43  ? 9.159   -17.186 -25.555 1.00 886.16 ? 139 UNK A C  1 
ATOM 879  O O  . UNK B 1 43  ? 8.531   -17.445 -24.528 1.00 886.16 ? 139 UNK A O  1 
ATOM 880  C CB . UNK B 1 43  ? 10.669  -18.676 -26.845 1.00 886.16 ? 139 UNK A CB 1 
ATOM 881  N N  . UNK B 1 44  ? 9.822   -16.060 -25.762 1.00 910.00 ? 140 UNK A N  1 
ATOM 882  C CA . UNK B 1 44  ? 9.777   -14.959 -24.823 1.00 910.00 ? 140 UNK A CA 1 
ATOM 883  C C  . UNK B 1 44  ? 8.334   -14.762 -24.423 1.00 910.00 ? 140 UNK A C  1 
ATOM 884  O O  . UNK B 1 44  ? 7.961   -14.922 -23.259 1.00 910.00 ? 140 UNK A O  1 
ATOM 885  C CB . UNK B 1 44  ? 10.343  -13.685 -25.448 1.00 910.00 ? 140 UNK A CB 1 
ATOM 886  N N  . UNK B 1 45  ? 7.529   -14.486 -25.440 1.00 787.43 ? 141 UNK A N  1 
ATOM 887  C CA . UNK B 1 45  ? 6.116   -14.179 -25.293 1.00 787.43 ? 141 UNK A CA 1 
ATOM 888  C C  . UNK B 1 45  ? 5.410   -15.106 -24.334 1.00 787.43 ? 141 UNK A C  1 
ATOM 889  O O  . UNK B 1 45  ? 4.561   -14.692 -23.551 1.00 787.43 ? 141 UNK A O  1 
ATOM 890  C CB . UNK B 1 45  ? 5.425   -14.242 -26.652 1.00 787.43 ? 141 UNK A CB 1 
ATOM 891  N N  . UNK B 1 46  ? 5.758   -16.375 -24.429 1.00 801.54 ? 142 UNK A N  1 
ATOM 892  C CA . UNK B 1 46  ? 5.152   -17.364 -23.564 1.00 801.54 ? 142 UNK A CA 1 
ATOM 893  C C  . UNK B 1 46  ? 5.263   -16.933 -22.107 1.00 801.54 ? 142 UNK A C  1 
ATOM 894  O O  . UNK B 1 46  ? 4.292   -16.509 -21.468 1.00 801.54 ? 142 UNK A O  1 
ATOM 895  C CB . UNK B 1 46  ? 5.816   -18.717 -23.766 1.00 801.54 ? 142 UNK A CB 1 
ATOM 896  N N  . UNK B 1 47  ? 6.479   -17.019 -21.595 1.00 848.55 ? 143 UNK A N  1 
ATOM 897  C CA . UNK B 1 47  ? 6.749   -16.717 -20.201 1.00 848.55 ? 143 UNK A CA 1 
ATOM 898  C C  . UNK B 1 47  ? 6.340   -15.308 -19.858 1.00 848.55 ? 143 UNK A C  1 
ATOM 899  O O  . UNK B 1 47  ? 6.001   -14.970 -18.716 1.00 848.55 ? 143 UNK A O  1 
ATOM 900  C CB . UNK B 1 47  ? 8.230   -16.903 -19.907 1.00 848.55 ? 143 UNK A CB 1 
ATOM 901  N N  . UNK B 1 48  ? 6.409   -14.468 -20.876 1.00 819.61 ? 144 UNK A N  1 
ATOM 902  C CA . UNK B 1 48  ? 6.020   -13.093 -20.729 1.00 819.61 ? 144 UNK A CA 1 
ATOM 903  C C  . UNK B 1 48  ? 4.599   -13.077 -20.221 1.00 819.61 ? 144 UNK A C  1 
ATOM 904  O O  . UNK B 1 48  ? 4.357   -12.742 -19.064 1.00 819.61 ? 144 UNK A O  1 
ATOM 905  C CB . UNK B 1 48  ? 6.143   -12.355 -22.058 1.00 819.61 ? 144 UNK A CB 1 
ATOM 906  N N  . UNK B 1 49  ? 3.681   -13.497 -21.082 1.00 792.17 ? 145 UNK A N  1 
ATOM 907  C CA . UNK B 1 49  ? 2.261   -13.510 -20.769 1.00 792.17 ? 145 UNK A CA 1 
ATOM 908  C C  . UNK B 1 49  ? 2.034   -14.244 -19.467 1.00 792.17 ? 145 UNK A C  1 
ATOM 909  O O  . UNK B 1 49  ? 1.101   -13.933 -18.721 1.00 792.17 ? 145 UNK A O  1 
ATOM 910  C CB . UNK B 1 49  ? 1.462   -14.163 -21.897 1.00 792.17 ? 145 UNK A CB 1 
ATOM 911  N N  . UNK B 1 50  ? 2.904   -15.216 -19.202 1.00 840.96 ? 146 UNK A N  1 
ATOM 912  C CA . UNK B 1 50  ? 2.836   -15.969 -17.961 1.00 840.96 ? 146 UNK A CA 1 
ATOM 913  C C  . UNK B 1 50  ? 2.868   -15.028 -16.775 1.00 840.96 ? 146 UNK A C  1 
ATOM 914  O O  . UNK B 1 50  ? 1.860   -14.779 -16.097 1.00 840.96 ? 146 UNK A O  1 
ATOM 915  C CB . UNK B 1 50  ? 3.988   -16.967 -17.870 1.00 840.96 ? 146 UNK A CB 1 
ATOM 916  N N  . UNK B 1 51  ? 4.047   -14.483 -16.547 1.00 898.93 ? 147 UNK A N  1 
ATOM 917  C CA . UNK B 1 51  ? 4.228   -13.573 -15.436 1.00 898.93 ? 147 UNK A CA 1 
ATOM 918  C C  . UNK B 1 51  ? 3.244   -12.413 -15.531 1.00 898.93 ? 147 UNK A C  1 
ATOM 919  O O  . UNK B 1 51  ? 2.884   -11.812 -14.529 1.00 898.93 ? 147 UNK A O  1 
ATOM 920  C CB . UNK B 1 51  ? 5.657   -13.058 -15.401 1.00 898.93 ? 147 UNK A CB 1 
ATOM 921  N N  . UNK B 1 52  ? 2.788   -12.122 -16.742 1.00 839.48 ? 148 UNK A N  1 
ATOM 922  C CA . UNK B 1 52  ? 1.871   -11.016 -16.970 1.00 839.48 ? 148 UNK A CA 1 
ATOM 923  C C  . UNK B 1 52  ? 0.537   -11.225 -16.275 1.00 839.48 ? 148 UNK A C  1 
ATOM 924  O O  . UNK B 1 52  ? 0.118   -10.461 -15.404 1.00 839.48 ? 148 UNK A O  1 
ATOM 925  C CB . UNK B 1 52  ? 1.639   -10.827 -18.466 1.00 839.48 ? 148 UNK A CB 1 
ATOM 926  N N  . UNK B 1 53  ? -0.149  -12.278 -16.682 1.00 839.52 ? 149 UNK A N  1 
ATOM 927  C CA . UNK B 1 53  ? -1.421  -12.599 -16.060 1.00 839.52 ? 149 UNK A CA 1 
ATOM 928  C C  . UNK B 1 53  ? -1.186  -12.880 -14.576 1.00 839.52 ? 149 UNK A C  1 
ATOM 929  O O  . UNK B 1 53  ? -2.090  -12.677 -13.743 1.00 839.52 ? 149 UNK A O  1 
ATOM 930  C CB . UNK B 1 53  ? -2.082  -13.788 -16.755 1.00 839.52 ? 149 UNK A CB 1 
ATOM 931  N N  . UNK B 1 54  ? 0.026   -13.337 -14.246 1.00 878.13 ? 150 UNK A N  1 
ATOM 932  C CA . UNK B 1 54  ? 0.400   -13.544 -12.853 1.00 878.13 ? 150 UNK A CA 1 
ATOM 933  C C  . UNK B 1 54  ? 0.175   -12.248 -12.107 1.00 878.13 ? 150 UNK A C  1 
ATOM 934  O O  . UNK B 1 54  ? -0.545  -12.158 -11.106 1.00 878.13 ? 150 UNK A O  1 
ATOM 935  C CB . UNK B 1 54  ? 1.859   -13.992 -12.729 1.00 878.13 ? 150 UNK A CB 1 
ATOM 936  N N  . UNK B 1 55  ? 0.800   -11.221 -12.652 1.00 821.41 ? 151 UNK A N  1 
ATOM 937  C CA . UNK B 1 55  ? 0.670   -9.879  -12.140 1.00 821.41 ? 151 UNK A CA 1 
ATOM 938  C C  . UNK B 1 55  ? -0.787  -9.455  -12.077 1.00 821.41 ? 151 UNK A C  1 
ATOM 939  O O  . UNK B 1 55  ? -1.199  -8.779  -11.151 1.00 821.41 ? 151 UNK A O  1 
ATOM 940  C CB . UNK B 1 55  ? 1.459   -8.909  -13.016 1.00 821.41 ? 151 UNK A CB 1 
ATOM 941  N N  . UNK B 1 56  ? -1.554  -9.841  -13.083 1.00 838.50 ? 152 UNK A N  1 
ATOM 942  C CA . UNK B 1 56  ? -2.953  -9.432  -13.148 1.00 838.50 ? 152 UNK A CA 1 
ATOM 943  C C  . UNK B 1 56  ? -3.705  -9.886  -11.903 1.00 838.50 ? 152 UNK A C  1 
ATOM 944  O O  . UNK B 1 56  ? -4.345  -9.116  -11.165 1.00 838.50 ? 152 UNK A O  1 
ATOM 945  C CB . UNK B 1 56  ? -3.618  -10.006 -14.395 1.00 838.50 ? 152 UNK A CB 1 
ATOM 946  N N  . UNK B 1 57  ? -3.610  -11.183 -11.674 1.00 832.06 ? 153 UNK A N  1 
ATOM 947  C CA . UNK B 1 57  ? -4.281  -11.773 -10.533 1.00 832.06 ? 153 UNK A CA 1 
ATOM 948  C C  . UNK B 1 57  ? -3.731  -11.168 -9.250  1.00 832.06 ? 153 UNK A C  1 
ATOM 949  O O  . UNK B 1 57  ? -4.458  -10.916 -8.289  1.00 832.06 ? 153 UNK A O  1 
ATOM 950  C CB . UNK B 1 57  ? -4.111  -13.286 -10.530 1.00 832.06 ? 153 UNK A CB 1 
ATOM 951  N N  . UNK B 1 58  ? -2.430  -10.909 -9.240  1.00 833.71 ? 154 UNK A N  1 
ATOM 952  C CA . UNK B 1 58  ? -1.809  -10.354 -8.047  1.00 833.71 ? 154 UNK A CA 1 
ATOM 953  C C  . UNK B 1 58  ? -2.314  -8.938  -7.802  1.00 833.71 ? 154 UNK A C  1 
ATOM 954  O O  . UNK B 1 58  ? -2.294  -8.422  -6.695  1.00 833.71 ? 154 UNK A O  1 
ATOM 955  C CB . UNK B 1 58  ? -0.288  -10.367 -8.179  1.00 833.71 ? 154 UNK A CB 1 
ATOM 956  N N  . UNK B 1 59  ? -2.774  -8.302  -8.864  1.00 846.10 ? 155 UNK A N  1 
ATOM 957  C CA . UNK B 1 59  ? -3.286  -6.950  -8.753  1.00 846.10 ? 155 UNK A CA 1 
ATOM 958  C C  . UNK B 1 59  ? -4.643  -7.040  -8.114  1.00 846.10 ? 155 UNK A C  1 
ATOM 959  O O  . UNK B 1 59  ? -5.031  -6.223  -7.278  1.00 846.10 ? 155 UNK A O  1 
ATOM 960  C CB . UNK B 1 59  ? -3.374  -6.281  -10.121 1.00 846.10 ? 155 UNK A CB 1 
ATOM 961  N N  . UNK B 1 60  ? -5.370  -8.055  -8.558  1.00 848.11 ? 156 UNK A N  1 
ATOM 962  C CA . UNK B 1 60  ? -6.666  -8.362  -7.975  1.00 848.11 ? 156 UNK A CA 1 
ATOM 963  C C  . UNK B 1 60  ? -6.484  -8.471  -6.478  1.00 848.11 ? 156 UNK A C  1 
ATOM 964  O O  . UNK B 1 60  ? -7.252  -7.957  -5.657  1.00 848.11 ? 156 UNK A O  1 
ATOM 965  C CB . UNK B 1 60  ? -7.227  -9.661  -8.542  1.00 848.11 ? 156 UNK A CB 1 
ATOM 966  N N  . UNK B 1 61  ? -5.416  -9.173  -6.141  1.00 833.23 ? 157 UNK A N  1 
ATOM 967  C CA . UNK B 1 61  ? -4.993  -9.279  -4.764  1.00 833.23 ? 157 UNK A CA 1 
ATOM 968  C C  . UNK B 1 61  ? -4.847  -7.885  -4.194  1.00 833.23 ? 157 UNK A C  1 
ATOM 969  O O  . UNK B 1 61  ? -5.705  -7.454  -3.446  1.00 833.23 ? 157 UNK A O  1 
ATOM 970  C CB . UNK B 1 61  ? -3.679  -10.045 -4.647  1.00 833.23 ? 157 UNK A CB 1 
ATOM 971  N N  . UNK B 1 62  ? -3.774  -7.206  -4.585  1.00 838.61 ? 158 UNK A N  1 
ATOM 972  C CA . UNK B 1 62  ? -3.443  -5.850  -4.148  1.00 838.61 ? 158 UNK A CA 1 
ATOM 973  C C  . UNK B 1 62  ? -4.674  -5.067  -3.768  1.00 838.61 ? 158 UNK A C  1 
ATOM 974  O O  . UNK B 1 62  ? -4.794  -4.486  -2.690  1.00 838.61 ? 158 UNK A O  1 
ATOM 975  C CB . UNK B 1 62  ? -2.693  -5.111  -5.253  1.00 838.61 ? 158 UNK A CB 1 
ATOM 976  N N  . UNK B 1 63  ? -5.615  -5.094  -4.692  1.00 885.81 ? 159 UNK A N  1 
ATOM 977  C CA . UNK B 1 63  ? -6.928  -4.550  -4.467  1.00 885.81 ? 159 UNK A CA 1 
ATOM 978  C C  . UNK B 1 63  ? -7.527  -5.118  -3.196  1.00 885.81 ? 159 UNK A C  1 
ATOM 979  O O  . UNK B 1 63  ? -7.538  -4.461  -2.147  1.00 885.81 ? 159 UNK A O  1 
ATOM 980  C CB . UNK B 1 63  ? -7.825  -4.865  -5.653  1.00 885.81 ? 159 UNK A CB 1 
ATOM 981  N N  . UNK B 1 64  ? -7.977  -6.364  -3.299  1.00 835.81 ? 160 UNK A N  1 
ATOM 982  C CA . UNK B 1 64  ? -8.707  -7.043  -2.230  1.00 835.81 ? 160 UNK A CA 1 
ATOM 983  C C  . UNK B 1 64  ? -8.054  -6.839  -0.872  1.00 835.81 ? 160 UNK A C  1 
ATOM 984  O O  . UNK B 1 64  ? -8.674  -6.840  0.189   1.00 835.81 ? 160 UNK A O  1 
ATOM 985  C CB . UNK B 1 64  ? -8.804  -8.534  -2.541  1.00 835.81 ? 160 UNK A CB 1 
ATOM 986  N N  . UNK B 1 65  ? -6.749  -6.669  -0.943  1.00 837.93 ? 161 UNK A N  1 
ATOM 987  C CA . UNK B 1 65  ? -5.927  -6.419  0.214   1.00 837.93 ? 161 UNK A CA 1 
ATOM 988  C C  . UNK B 1 65  ? -6.273  -5.061  0.759   1.00 837.93 ? 161 UNK A C  1 
ATOM 989  O O  . UNK B 1 65  ? -6.875  -4.937  1.830   1.00 837.93 ? 161 UNK A O  1 
ATOM 990  C CB . UNK B 1 65  ? -4.447  -6.481  -0.152  1.00 837.93 ? 161 UNK A CB 1 
ATOM 991  N N  . UNK B 1 66  ? -5.899  -4.051  -0.020  1.00 919.31 ? 162 UNK A N  1 
ATOM 992  C CA . UNK B 1 66  ? -6.099  -2.654  0.329   1.00 919.31 ? 162 UNK A CA 1 
ATOM 993  C C  . UNK B 1 66  ? -7.461  -2.469  0.935   1.00 919.31 ? 162 UNK A C  1 
ATOM 994  O O  . UNK B 1 66  ? -7.664  -1.680  1.851   1.00 919.31 ? 162 UNK A O  1 
ATOM 995  C CB . UNK B 1 66  ? -5.952  -1.776  -0.906  1.00 919.31 ? 162 UNK A CB 1 
ATOM 996  N N  . UNK B 1 67  ? -8.390  -3.240  0.393   1.00 887.97 ? 163 UNK A N  1 
ATOM 997  C CA . UNK B 1 67  ? -9.721  -3.348  0.944   1.00 887.97 ? 163 UNK A CA 1 
ATOM 998  C C  . UNK B 1 67  ? -9.670  -3.599  2.439   1.00 887.97 ? 163 UNK A C  1 
ATOM 999  O O  . UNK B 1 67  ? -9.661  -2.657  3.240   1.00 887.97 ? 163 UNK A O  1 
ATOM 1000 C CB . UNK B 1 67  ? -10.486 -4.472  0.258   1.00 887.97 ? 163 UNK A CB 1 
ATOM 1001 N N  . UNK B 1 68  ? -9.615  -4.880  2.787   1.00 839.15 ? 164 UNK A N  1 
ATOM 1002 C CA . UNK B 1 68  ? -9.640  -5.337  4.168   1.00 839.15 ? 164 UNK A CA 1 
ATOM 1003 C C  . UNK B 1 68  ? -8.754  -4.472  5.038   1.00 839.15 ? 164 UNK A C  1 
ATOM 1004 O O  . UNK B 1 68  ? -9.050  -4.159  6.200   1.00 839.15 ? 164 UNK A O  1 
ATOM 1005 C CB . UNK B 1 68  ? -9.187  -6.792  4.240   1.00 839.15 ? 164 UNK A CB 1 
ATOM 1006 N N  . UNK B 1 69  ? -7.648  -4.080  4.427   1.00 884.09 ? 165 UNK A N  1 
ATOM 1007 C CA . UNK B 1 69  ? -6.708  -3.165  5.024   1.00 884.09 ? 165 UNK A CA 1 
ATOM 1008 C C  . UNK B 1 69  ? -7.417  -1.940  5.563   1.00 884.09 ? 165 UNK A C  1 
ATOM 1009 O O  . UNK B 1 69  ? -7.738  -1.848  6.757   1.00 884.09 ? 165 UNK A O  1 
ATOM 1010 C CB . UNK B 1 69  ? -5.665  -2.751  3.993   1.00 884.09 ? 165 UNK A CB 1 
ATOM 1011 N N  . UNK B 1 70  ? -7.673  -1.015  4.648   1.00 948.11 ? 166 UNK A N  1 
ATOM 1012 C CA . UNK B 1 70  ? -8.277  0.263   4.966   1.00 948.11 ? 166 UNK A CA 1 
ATOM 1013 C C  . UNK B 1 70  ? -9.483  0.070   5.855   1.00 948.11 ? 166 UNK A C  1 
ATOM 1014 O O  . UNK B 1 70  ? -9.799  0.899   6.704   1.00 948.11 ? 166 UNK A O  1 
ATOM 1015 C CB . UNK B 1 70  ? -8.674  0.986   3.684   1.00 948.11 ? 166 UNK A CB 1 
ATOM 1016 N N  . UNK B 1 71  ? -10.151 -1.056  5.648   1.00 853.24 ? 167 UNK A N  1 
ATOM 1017 C CA . UNK B 1 71  ? -11.299 -1.416  6.450   1.00 853.24 ? 167 UNK A CA 1 
ATOM 1018 C C  . UNK B 1 71  ? -10.962 -1.380  7.920   1.00 853.24 ? 167 UNK A C  1 
ATOM 1019 O O  . UNK B 1 71  ? -11.392 -0.490  8.684   1.00 853.24 ? 167 UNK A O  1 
ATOM 1020 C CB . UNK B 1 71  ? -11.784 -2.811  6.071   1.00 853.24 ? 167 UNK A CB 1 
ATOM 1021 N N  . UNK B 1 72  ? -10.181 -2.382  8.292   1.00 798.33 ? 168 UNK A N  1 
ATOM 1022 C CA . UNK B 1 72  ? -9.748  -2.547  9.659   1.00 798.33 ? 168 UNK A CA 1 
ATOM 1023 C C  . UNK B 1 72  ? -9.249  -1.219  10.170  1.00 798.33 ? 168 UNK A C  1 
ATOM 1024 O O  . UNK B 1 72  ? -9.555  -0.787  11.289  1.00 798.33 ? 168 UNK A O  1 
ATOM 1025 C CB . UNK B 1 72  ? -8.650  -3.598  9.740   1.00 798.33 ? 168 UNK A CB 1 
ATOM 1026 N N  . UNK B 1 73  ? -8.483  -0.573  9.303   1.00 882.85 ? 169 UNK A N  1 
ATOM 1027 C CA . UNK B 1 73  ? -7.848  0.689   9.615   1.00 882.85 ? 169 UNK A CA 1 
ATOM 1028 C C  . UNK B 1 73  ? -8.833  1.677   10.196  1.00 882.85 ? 169 UNK A C  1 
ATOM 1029 O O  . UNK B 1 73  ? -8.728  2.128   11.340  1.00 882.85 ? 169 UNK A O  1 
ATOM 1030 C CB . UNK B 1 73  ? -7.214  1.271   8.358   1.00 882.85 ? 169 UNK A CB 1 
ATOM 1031 N N  . UNK B 1 74  ? -9.805  2.008   9.368   1.00 862.95 ? 170 UNK A N  1 
ATOM 1032 C CA . UNK B 1 74  ? -10.783 3.008   9.715   1.00 862.95 ? 170 UNK A CA 1 
ATOM 1033 C C  . UNK B 1 74  ? -11.505 2.607   10.976  1.00 862.95 ? 170 UNK A C  1 
ATOM 1034 O O  . UNK B 1 74  ? -11.772 3.442   11.854  1.00 862.95 ? 170 UNK A O  1 
ATOM 1035 C CB . UNK B 1 74  ? -11.775 3.189   8.575   1.00 862.95 ? 170 UNK A CB 1 
ATOM 1036 N N  . UNK B 1 75  ? -11.835 1.321   11.040  1.00 797.34 ? 171 UNK A N  1 
ATOM 1037 C CA . UNK B 1 75  ? -12.578 0.803   12.172  1.00 797.34 ? 171 UNK A CA 1 
ATOM 1038 C C  . UNK B 1 75  ? -11.877 1.243   13.435  1.00 797.34 ? 171 UNK A C  1 
ATOM 1039 O O  . UNK B 1 75  ? -12.444 1.860   14.350  1.00 797.34 ? 171 UNK A O  1 
ATOM 1040 C CB . UNK B 1 75  ? -12.669 -0.719  12.105  1.00 797.34 ? 171 UNK A CB 1 
ATOM 1041 N N  . UNK B 1 76  ? -10.589 0.952   13.437  1.00 803.53 ? 172 UNK A N  1 
ATOM 1042 C CA . UNK B 1 76  ? -9.753  1.222   14.587  1.00 803.53 ? 172 UNK A CA 1 
ATOM 1043 C C  . UNK B 1 76  ? -9.681  2.699   14.882  1.00 803.53 ? 172 UNK A C  1 
ATOM 1044 O O  . UNK B 1 76  ? -9.751  3.121   16.038  1.00 803.53 ? 172 UNK A O  1 
ATOM 1045 C CB . UNK B 1 76  ? -8.344  0.684   14.356  1.00 803.53 ? 172 UNK A CB 1 
ATOM 1046 N N  . UNK B 1 77  ? -9.481  3.470   13.825  1.00 908.71 ? 173 UNK A N  1 
ATOM 1047 C CA . UNK B 1 77  ? -9.314  4.902   13.963  1.00 908.71 ? 173 UNK A CA 1 
ATOM 1048 C C  . UNK B 1 77  ? -10.455 5.400   14.806  1.00 908.71 ? 173 UNK A C  1 
ATOM 1049 O O  . UNK B 1 77  ? -10.296 5.990   15.884  1.00 908.71 ? 173 UNK A O  1 
ATOM 1050 C CB . UNK B 1 77  ? -9.311  5.582   12.600  1.00 908.71 ? 173 UNK A CB 1 
ATOM 1051 N N  . UNK B 1 78  ? -11.632 5.082   14.295  1.00 850.61 ? 174 UNK A N  1 
ATOM 1052 C CA . UNK B 1 78  ? -12.879 5.460   14.914  1.00 850.61 ? 174 UNK A CA 1 
ATOM 1053 C C  . UNK B 1 78  ? -12.925 5.073   16.370  1.00 850.61 ? 174 UNK A C  1 
ATOM 1054 O O  . UNK B 1 78  ? -13.129 5.902   17.276  1.00 850.61 ? 174 UNK A O  1 
ATOM 1055 C CB . UNK B 1 78  ? -14.036 4.793   14.181  1.00 850.61 ? 174 UNK A CB 1 
ATOM 1056 N N  . UNK B 1 79  ? -12.750 3.776   16.574  1.00 788.75 ? 175 UNK A N  1 
ATOM 1057 C CA . UNK B 1 79  ? -12.922 3.191   17.882  1.00 788.75 ? 175 UNK A CA 1 
ATOM 1058 C C  . UNK B 1 79  ? -12.061 3.911   18.904  1.00 788.75 ? 175 UNK A C  1 
ATOM 1059 O O  . UNK B 1 79  ? -12.567 4.487   19.879  1.00 788.75 ? 175 UNK A O  1 
ATOM 1060 C CB . UNK B 1 79  ? -12.576 1.705   17.838  1.00 788.75 ? 175 UNK A CB 1 
ATOM 1061 N N  . UNK B 1 80  ? -10.760 3.888   18.647  1.00 826.60 ? 176 UNK A N  1 
ATOM 1062 C CA . UNK B 1 80  ? -9.775  4.428   19.567  1.00 826.60 ? 176 UNK A CA 1 
ATOM 1063 C C  . UNK B 1 80  ? -10.073 5.878   19.844  1.00 826.60 ? 176 UNK A C  1 
ATOM 1064 O O  . UNK B 1 80  ? -9.945  6.344   20.982  1.00 826.60 ? 176 UNK A O  1 
ATOM 1065 C CB . UNK B 1 80  ? -8.363  4.279   18.997  1.00 826.60 ? 176 UNK A CB 1 
ATOM 1066 N N  . UNK B 1 81  ? -10.466 6.592   18.795  1.00 898.85 ? 177 UNK A N  1 
ATOM 1067 C CA . UNK B 1 81  ? -10.795 7.987   18.942  1.00 898.85 ? 177 UNK A CA 1 
ATOM 1068 C C  . UNK B 1 81  ? -11.828 8.139   20.032  1.00 898.85 ? 177 UNK A C  1 
ATOM 1069 O O  . UNK B 1 81  ? -11.627 8.847   21.020  1.00 898.85 ? 177 UNK A O  1 
ATOM 1070 C CB . UNK B 1 81  ? -11.318 8.545   17.624  1.00 898.85 ? 177 UNK A CB 1 
ATOM 1071 N N  . UNK B 1 82  ? -12.930 7.434   19.841  1.00 849.60 ? 178 UNK A N  1 
ATOM 1072 C CA . UNK B 1 82  ? -14.078 7.575   20.721  1.00 849.60 ? 178 UNK A CA 1 
ATOM 1073 C C  . UNK B 1 82  ? -13.715 7.251   22.150  1.00 849.60 ? 178 UNK A C  1 
ATOM 1074 O O  . UNK B 1 82  ? -14.104 7.921   23.124  1.00 849.60 ? 178 UNK A O  1 
ATOM 1075 C CB . UNK B 1 82  ? -15.200 6.657   20.256  1.00 849.60 ? 178 UNK A CB 1 
ATOM 1076 N N  . UNK B 1 83  ? -12.968 6.165   22.255  1.00 800.52 ? 179 UNK A N  1 
ATOM 1077 C CA . UNK B 1 83  ? -12.551 5.677   23.541  1.00 800.52 ? 179 UNK A CA 1 
ATOM 1078 C C  . UNK B 1 83  ? -11.845 6.815   24.233  1.00 800.52 ? 179 UNK A C  1 
ATOM 1079 O O  . UNK B 1 83  ? -12.337 7.350   25.228  1.00 800.52 ? 179 UNK A O  1 
ATOM 1080 C CB . UNK B 1 83  ? -11.636 4.467   23.393  1.00 800.52 ? 179 UNK A CB 1 
ATOM 1081 N N  . UNK B 1 84  ? -10.720 7.211   23.655  1.00 847.42 ? 180 UNK A N  1 
ATOM 1082 C CA . UNK B 1 84  ? -9.853  8.219   24.240  1.00 847.42 ? 180 UNK A CA 1 
ATOM 1083 C C  . UNK B 1 84  ? -10.634 9.467   24.595  1.00 847.42 ? 180 UNK A C  1 
ATOM 1084 O O  . UNK B 1 84  ? -10.356 10.158  25.586  1.00 847.42 ? 180 UNK A O  1 
ATOM 1085 C CB . UNK B 1 84  ? -8.725  8.564   23.273  1.00 847.42 ? 180 UNK A CB 1 
ATOM 1086 N N  . UNK B 1 85  ? -11.626 9.745   23.764  1.00 887.10 ? 181 UNK A N  1 
ATOM 1087 C CA . UNK B 1 85  ? -12.491 10.876  23.982  1.00 887.10 ? 181 UNK A CA 1 
ATOM 1088 C C  . UNK B 1 85  ? -13.104 10.767  25.357  1.00 887.10 ? 181 UNK A C  1 
ATOM 1089 O O  . UNK B 1 85  ? -12.837 11.583  26.266  1.00 887.10 ? 181 UNK A O  1 
ATOM 1090 C CB . UNK B 1 85  ? -13.578 10.920  22.915  1.00 887.10 ? 181 UNK A CB 1 
ATOM 1091 N N  . UNK B 1 86  ? -13.915 9.727   25.490  1.00 821.88 ? 182 UNK A N  1 
ATOM 1092 C CA . UNK B 1 86  ? -14.622 9.466   26.728  1.00 821.88 ? 182 UNK A CA 1 
ATOM 1093 C C  . UNK B 1 86  ? -13.646 9.523   27.893  1.00 821.88 ? 182 UNK A C  1 
ATOM 1094 O O  . UNK B 1 86  ? -13.939 10.055  28.968  1.00 821.88 ? 182 UNK A O  1 
ATOM 1095 C CB . UNK B 1 86  ? -15.313 8.107   26.668  1.00 821.88 ? 182 UNK A CB 1 
ATOM 1096 N N  . UNK B 1 87  ? -12.456 8.990   27.634  1.00 746.64 ? 183 UNK A N  1 
ATOM 1097 C CA . UNK B 1 87  ? -11.417 8.833   28.651  1.00 746.64 ? 183 UNK A CA 1 
ATOM 1098 C C  . UNK B 1 87  ? -10.982 10.143  29.272  1.00 746.64 ? 183 UNK A C  1 
ATOM 1099 O O  . UNK B 1 87  ? -11.062 10.367  30.486  1.00 746.64 ? 183 UNK A O  1 
ATOM 1100 C CB . UNK B 1 87  ? -10.191 8.148   28.048  1.00 746.64 ? 183 UNK A CB 1 
ATOM 1101 N N  . UNK B 1 88  ? -10.477 11.003  28.408  1.00 818.89 ? 184 UNK A N  1 
ATOM 1102 C CA . UNK B 1 88  ? -10.001 12.290  28.853  1.00 818.89 ? 184 UNK A CA 1 
ATOM 1103 C C  . UNK B 1 88  ? -11.143 13.023  29.521  1.00 818.89 ? 184 UNK A C  1 
ATOM 1104 O O  . UNK B 1 88  ? -10.949 13.698  30.539  1.00 818.89 ? 184 UNK A O  1 
ATOM 1105 C CB . UNK B 1 88  ? -9.452  13.093  27.683  1.00 818.89 ? 184 UNK A CB 1 
ATOM 1106 N N  . UNK B 1 89  ? -12.333 12.880  28.946  1.00 819.51 ? 185 UNK A N  1 
ATOM 1107 C CA . UNK B 1 89  ? -13.506 13.551  29.480  1.00 819.51 ? 185 UNK A CA 1 
ATOM 1108 C C  . UNK B 1 89  ? -13.684 13.233  30.947  1.00 819.51 ? 185 UNK A C  1 
ATOM 1109 O O  . UNK B 1 89  ? -13.830 14.093  31.832  1.00 819.51 ? 185 UNK A O  1 
ATOM 1110 C CB . UNK B 1 89  ? -14.751 13.122  28.710  1.00 819.51 ? 185 UNK A CB 1 
ATOM 1111 N N  . UNK B 1 90  ? -13.673 11.939  31.198  1.00 722.89 ? 186 UNK A N  1 
ATOM 1112 C CA . UNK B 1 90  ? -13.887 11.458  32.538  1.00 722.89 ? 186 UNK A CA 1 
ATOM 1113 C C  . UNK B 1 90  ? -12.764 11.934  33.434  1.00 722.89 ? 186 UNK A C  1 
ATOM 1114 O O  . UNK B 1 90  ? -13.023 12.308  34.569  1.00 722.89 ? 186 UNK A O  1 
ATOM 1115 C CB . UNK B 1 90  ? -13.978 9.936   32.552  1.00 722.89 ? 186 UNK A CB 1 
ATOM 1116 N N  . UNK B 1 91  ? -11.535 11.903  32.930  1.00 778.13 ? 187 UNK A N  1 
ATOM 1117 C CA . UNK B 1 91  ? -10.375 12.279  33.728  1.00 778.13 ? 187 UNK A CA 1 
ATOM 1118 C C  . UNK B 1 91  ? -10.588 13.685  34.259  1.00 778.13 ? 187 UNK A C  1 
ATOM 1119 O O  . UNK B 1 91  ? -10.322 14.046  35.424  1.00 778.13 ? 187 UNK A O  1 
ATOM 1120 C CB . UNK B 1 91  ? -9.102  12.202  32.888  1.00 778.13 ? 187 UNK A CB 1 
ATOM 1121 N N  . UNK B 1 92  ? -11.113 14.486  33.348  1.00 787.15 ? 188 UNK A N  1 
ATOM 1122 C CA . UNK B 1 92  ? -11.443 15.860  33.638  1.00 787.15 ? 188 UNK A CA 1 
ATOM 1123 C C  . UNK B 1 92  ? -12.445 15.929  34.769  1.00 787.15 ? 188 UNK A C  1 
ATOM 1124 O O  . UNK B 1 92  ? -12.190 16.558  35.801  1.00 787.15 ? 188 UNK A O  1 
ATOM 1125 C CB . UNK B 1 92  ? -12.008 16.540  32.397  1.00 787.15 ? 188 UNK A CB 1 
ATOM 1126 N N  . UNK B 1 93  ? -13.581 15.280  34.550  1.00 727.14 ? 189 UNK A N  1 
ATOM 1127 C CA . UNK B 1 93  ? -14.672 15.297  35.519  1.00 727.14 ? 189 UNK A CA 1 
ATOM 1128 C C  . UNK B 1 93  ? -14.153 14.930  36.901  1.00 727.14 ? 189 UNK A C  1 
ATOM 1129 O O  . UNK B 1 93  ? -14.527 15.496  37.946  1.00 727.14 ? 189 UNK A O  1 
ATOM 1130 C CB . UNK B 1 93  ? -15.773 14.328  35.093  1.00 727.14 ? 189 UNK A CB 1 
ATOM 1131 N N  . UNK B 1 94  ? -13.258 13.951  36.869  1.00 740.59 ? 190 UNK A N  1 
ATOM 1132 C CA . UNK B 1 94  ? -12.634 13.406  38.052  1.00 740.59 ? 190 UNK A CA 1 
ATOM 1133 C C  . UNK B 1 94  ? -11.979 14.519  38.806  1.00 740.59 ? 190 UNK A C  1 
ATOM 1134 O O  . UNK B 1 94  ? -12.432 14.901  39.881  1.00 740.59 ? 190 UNK A O  1 
ATOM 1135 C CB . UNK B 1 94  ? -11.598 12.347  37.680  1.00 740.59 ? 190 UNK A CB 1 
ATOM 1136 N N  . UNK B 1 95  ? -10.926 15.047  38.204  1.00 824.50 ? 191 UNK A N  1 
ATOM 1137 C CA . UNK B 1 95  ? -10.160 16.105  38.834  1.00 824.50 ? 191 UNK A CA 1 
ATOM 1138 C C  . UNK B 1 95  ? -11.062 17.238  39.316  1.00 824.50 ? 191 UNK A C  1 
ATOM 1139 O O  . UNK B 1 95  ? -10.803 17.874  40.334  1.00 824.50 ? 191 UNK A O  1 
ATOM 1140 C CB . UNK B 1 95  ? -9.116  16.639  37.861  1.00 824.50 ? 191 UNK A CB 1 
ATOM 1141 N N  . UNK B 1 96  ? -12.138 17.473  38.581  1.00 807.21 ? 192 UNK A N  1 
ATOM 1142 C CA . UNK B 1 96  ? -13.056 18.541  38.931  1.00 807.21 ? 192 UNK A CA 1 
ATOM 1143 C C  . UNK B 1 96  ? -13.635 18.305  40.301  1.00 807.21 ? 192 UNK A C  1 
ATOM 1144 O O  . UNK B 1 96  ? -13.422 19.057  41.257  1.00 807.21 ? 192 UNK A O  1 
ATOM 1145 C CB . UNK B 1 96  ? -14.180 18.636  37.907  1.00 807.21 ? 192 UNK A CB 1 
ATOM 1146 N N  . UNK B 1 97  ? -14.380 17.216  40.384  1.00 768.08 ? 193 UNK A N  1 
ATOM 1147 C CA . UNK B 1 97  ? -15.045 16.878  41.624  1.00 768.08 ? 193 UNK A CA 1 
ATOM 1148 C C  . UNK B 1 97  ? -14.007 16.730  42.715  1.00 768.08 ? 193 UNK A C  1 
ATOM 1149 O O  . UNK B 1 97  ? -14.278 16.926  43.893  1.00 768.08 ? 193 UNK A O  1 
ATOM 1150 C CB . UNK B 1 97  ? -15.852 15.594  41.473  1.00 768.08 ? 193 UNK A CB 1 
ATOM 1151 N N  . UNK B 1 98  ? -12.798 16.385  42.303  1.00 824.29 ? 194 UNK A N  1 
ATOM 1152 C CA . UNK B 1 98  ? -11.707 16.213  43.233  1.00 824.29 ? 194 UNK A CA 1 
ATOM 1153 C C  . UNK B 1 98  ? -11.479 17.524  43.931  1.00 824.29 ? 194 UNK A C  1 
ATOM 1154 O O  . UNK B 1 98  ? -11.538 17.646  45.156  1.00 824.29 ? 194 UNK A O  1 
ATOM 1155 C CB . UNK B 1 98  ? -10.443 15.766  42.506  1.00 824.29 ? 194 UNK A CB 1 
ATOM 1156 N N  . UNK B 1 99  ? -11.224 18.518  43.100  1.00 826.03 ? 195 UNK A N  1 
ATOM 1157 C CA . UNK B 1 99  ? -11.015 19.868  43.555  1.00 826.03 ? 195 UNK A CA 1 
ATOM 1158 C C  . UNK B 1 99  ? -12.129 20.237  44.502  1.00 826.03 ? 195 UNK A C  1 
ATOM 1159 O O  . UNK B 1 99  ? -11.914 20.817  45.574  1.00 826.03 ? 195 UNK A O  1 
ATOM 1160 C CB . UNK B 1 99  ? -10.983 20.820  42.367  1.00 826.03 ? 195 UNK A CB 1 
ATOM 1161 N N  . UNK B 1 100 ? -13.330 19.879  44.075  1.00 835.10 ? 196 UNK A N  1 
ATOM 1162 C CA . UNK B 1 100 ? -14.525 20.173  44.839  1.00 835.10 ? 196 UNK A CA 1 
ATOM 1163 C C  . UNK B 1 100 ? -14.347 19.672  46.253  1.00 835.10 ? 196 UNK A C  1 
ATOM 1164 O O  . UNK B 1 100 ? -14.525 20.381  47.241  1.00 835.10 ? 196 UNK A O  1 
ATOM 1165 C CB . UNK B 1 100 ? -15.748 19.526  44.195  1.00 835.10 ? 196 UNK A CB 1 
ATOM 1166 N N  . UNK B 1 101 ? -13.964 18.414  46.325  1.00 846.54 ? 197 UNK A N  1 
ATOM 1167 C CA . UNK B 1 101 ? -13.832 17.738  47.593  1.00 846.54 ? 197 UNK A CA 1 
ATOM 1168 C C  . UNK B 1 101 ? -12.790 18.412  48.463  1.00 846.54 ? 197 UNK A C  1 
ATOM 1169 O O  . UNK B 1 101 ? -12.960 18.557  49.668  1.00 846.54 ? 197 UNK A O  1 
ATOM 1170 C CB . UNK B 1 101 ? -13.464 16.281  47.368  1.00 846.54 ? 197 UNK A CB 1 
ATOM 1171 N N  . UNK B 1 102 ? -11.695 18.817  47.848  1.00 889.25 ? 198 UNK A N  1 
ATOM 1172 C CA . UNK B 1 102 ? -10.636 19.446  48.603  1.00 889.25 ? 198 UNK A CA 1 
ATOM 1173 C C  . UNK B 1 102 ? -11.170 20.706  49.247  1.00 889.25 ? 198 UNK A C  1 
ATOM 1174 O O  . UNK B 1 102 ? -10.937 21.008  50.421  1.00 889.25 ? 198 UNK A O  1 
ATOM 1175 C CB . UNK B 1 102 ? -9.458  19.766  47.696  1.00 889.25 ? 198 UNK A CB 1 
ATOM 1176 N N  . UNK B 1 103 ? -11.910 21.447  48.438  1.00 827.93 ? 199 UNK A N  1 
ATOM 1177 C CA . UNK B 1 103 ? -12.477 22.708  48.874  1.00 827.93 ? 199 UNK A CA 1 
ATOM 1178 C C  . UNK B 1 103 ? -13.371 22.454  50.057  1.00 827.93 ? 199 UNK A C  1 
ATOM 1179 O O  . UNK B 1 103 ? -13.452 23.209  51.030  1.00 827.93 ? 199 UNK A O  1 
ATOM 1180 C CB . UNK B 1 103 ? -13.268 23.356  47.744  1.00 827.93 ? 199 UNK A CB 1 
ATOM 1181 N N  . UNK B 1 104 ? -14.073 21.345  49.939  1.00 851.60 ? 200 UNK A N  1 
ATOM 1182 C CA . UNK B 1 104 ? -14.965 20.930  50.985  1.00 851.60 ? 200 UNK A CA 1 
ATOM 1183 C C  . UNK B 1 104 ? -14.150 20.760  52.247  1.00 851.60 ? 200 UNK A C  1 
ATOM 1184 O O  . UNK B 1 104 ? -14.536 21.245  53.296  1.00 851.60 ? 200 UNK A O  1 
ATOM 1185 C CB . UNK B 1 104 ? -15.677 19.635  50.611  1.00 851.60 ? 200 UNK A CB 1 
ATOM 1186 N N  . UNK B 1 105 ? -13.023 20.078  52.114  1.00 888.68 ? 201 UNK A N  1 
ATOM 1187 C CA . UNK B 1 105 ? -12.178 19.747  53.253  1.00 888.68 ? 201 UNK A CA 1 
ATOM 1188 C C  . UNK B 1 105 ? -11.797 21.015  53.963  1.00 888.68 ? 201 UNK A C  1 
ATOM 1189 O O  . UNK B 1 105 ? -11.755 21.140  55.190  1.00 888.68 ? 201 UNK A O  1 
ATOM 1190 C CB . UNK B 1 105 ? -10.926 19.005  52.798  1.00 888.68 ? 201 UNK A CB 1 
ATOM 1191 N N  . UNK B 1 106 ? -11.503 21.985  53.122  1.00 847.80 ? 202 UNK A N  1 
ATOM 1192 C CA . UNK B 1 106 ? -11.126 23.294  53.590  1.00 847.80 ? 202 UNK A CA 1 
ATOM 1193 C C  . UNK B 1 106 ? -12.217 23.838  54.483  1.00 847.80 ? 202 UNK A C  1 
ATOM 1194 O O  . UNK B 1 106 ? -12.036 24.099  55.684  1.00 847.80 ? 202 UNK A O  1 
ATOM 1195 C CB . UNK B 1 106 ? -10.893 24.228  52.411  1.00 847.80 ? 202 UNK A CB 1 
ATOM 1196 N N  . UNK B 1 107 ? -13.373 23.988  53.857  1.00 799.72 ? 203 UNK A N  1 
ATOM 1197 C CA . UNK B 1 107 ? -14.536 24.550  54.508  1.00 799.72 ? 203 UNK A CA 1 
ATOM 1198 C C  . UNK B 1 107 ? -14.763 23.842  55.821  1.00 799.72 ? 203 UNK A C  1 
ATOM 1199 O O  . UNK B 1 107 ? -15.147 24.425  56.830  1.00 799.72 ? 203 UNK A O  1 
ATOM 1200 C CB . UNK B 1 107 ? -15.758 24.413  53.612  1.00 799.72 ? 203 UNK A CB 1 
ATOM 1201 N N  . UNK B 1 108 ? -14.488 22.551  55.781  1.00 823.30 ? 204 UNK A N  1 
ATOM 1202 C CA . UNK B 1 108 ? -14.720 21.672  56.895  1.00 823.30 ? 204 UNK A CA 1 
ATOM 1203 C C  . UNK B 1 108 ? -13.877 22.107  58.053  1.00 823.30 ? 204 UNK A C  1 
ATOM 1204 O O  . UNK B 1 108 ? -14.342 22.271  59.179  1.00 823.30 ? 204 UNK A O  1 
ATOM 1205 C CB . UNK B 1 108 ? -14.386 20.236  56.511  1.00 823.30 ? 204 UNK A CB 1 
ATOM 1206 N N  . UNK B 1 109 ? -12.604 22.270  57.756  1.00 836.75 ? 205 UNK A N  1 
ATOM 1207 C CA . UNK B 1 109 ? -11.664 22.685  58.767  1.00 836.75 ? 205 UNK A CA 1 
ATOM 1208 C C  . UNK B 1 109 ? -12.150 23.982  59.383  1.00 836.75 ? 205 UNK A C  1 
ATOM 1209 O O  . UNK B 1 109 ? -12.150 24.174  60.607  1.00 836.75 ? 205 UNK A O  1 
ATOM 1210 C CB . UNK B 1 109 ? -10.282 22.859  58.157  1.00 836.75 ? 205 UNK A CB 1 
ATOM 1211 N N  . UNK B 1 110 ? -12.576 24.871  58.498  1.00 773.30 ? 206 UNK A N  1 
ATOM 1212 C CA . UNK B 1 110 ? -13.006 26.200  58.902  1.00 773.30 ? 206 UNK A CA 1 
ATOM 1213 C C  . UNK B 1 110 ? -14.105 26.103  59.938  1.00 773.30 ? 206 UNK A C  1 
ATOM 1214 O O  . UNK B 1 110 ? -14.123 26.740  61.001  1.00 773.30 ? 206 UNK A O  1 
ATOM 1215 C CB . UNK B 1 110 ? -13.501 26.985  57.694  1.00 773.30 ? 206 UNK A CB 1 
ATOM 1216 N N  . UNK B 1 111 ? -15.057 25.262  59.588  1.00 732.43 ? 207 UNK A N  1 
ATOM 1217 C CA . UNK B 1 111 ? -16.232 25.086  60.401  1.00 732.43 ? 207 UNK A CA 1 
ATOM 1218 C C  . UNK B 1 111 ? -15.850 24.477  61.729  1.00 732.43 ? 207 UNK A C  1 
ATOM 1219 O O  . UNK B 1 111 ? -16.414 24.830  62.750  1.00 732.43 ? 207 UNK A O  1 
ATOM 1220 C CB . UNK B 1 111 ? -17.245 24.207  59.683  1.00 732.43 ? 207 UNK A CB 1 
ATOM 1221 N N  . UNK B 1 112 ? -14.898 23.556  61.699  1.00 755.13 ? 208 UNK A N  1 
ATOM 1222 C CA . UNK B 1 112 ? -14.463 22.876  62.907  1.00 755.13 ? 208 UNK A CA 1 
ATOM 1223 C C  . UNK B 1 112 ? -13.923 23.907  63.872  1.00 755.13 ? 208 UNK A C  1 
ATOM 1224 O O  . UNK B 1 112 ? -14.154 23.885  65.092  1.00 755.13 ? 208 UNK A O  1 
ATOM 1225 C CB . UNK B 1 112 ? -13.397 21.836  62.584  1.00 755.13 ? 208 UNK A CB 1 
ATOM 1226 N N  . UNK B 1 113 ? -13.180 24.831  63.283  1.00 766.06 ? 209 UNK A N  1 
ATOM 1227 C CA . UNK B 1 113 ? -12.607 25.932  64.029  1.00 766.06 ? 209 UNK A CA 1 
ATOM 1228 C C  . UNK B 1 113 ? -13.705 26.712  64.722  1.00 766.06 ? 209 UNK A C  1 
ATOM 1229 O O  . UNK B 1 113 ? -13.714 26.871  65.953  1.00 766.06 ? 209 UNK A O  1 
ATOM 1230 C CB . UNK B 1 113 ? -11.819 26.851  63.101  1.00 766.06 ? 209 UNK A CB 1 
ATOM 1231 N N  . UNK B 1 114 ? -14.632 27.194  63.904  1.00 726.40 ? 210 UNK A N  1 
ATOM 1232 C CA . UNK B 1 114 ? -15.747 27.995  64.392  1.00 726.40 ? 210 UNK A CA 1 
ATOM 1233 C C  . UNK B 1 114 ? -16.482 27.270  65.509  1.00 726.40 ? 210 UNK A C  1 
ATOM 1234 O O  . UNK B 1 114 ? -16.927 27.859  66.497  1.00 726.40 ? 210 UNK A O  1 
ATOM 1235 C CB . UNK B 1 114 ? -16.711 28.313  63.252  1.00 726.40 ? 210 UNK A CB 1 
ATOM 1236 N N  . UNK B 1 115 ? -16.587 25.961  65.337  1.00 670.67 ? 211 UNK A N  1 
ATOM 1237 C CA . UNK B 1 115 ? -17.330 25.107  66.240  1.00 670.67 ? 211 UNK A CA 1 
ATOM 1238 C C  . UNK B 1 115 ? -16.682 25.072  67.605  1.00 670.67 ? 211 UNK A C  1 
ATOM 1239 O O  . UNK B 1 115 ? -17.341 25.320  68.605  1.00 670.67 ? 211 UNK A O  1 
ATOM 1240 C CB . UNK B 1 115 ? -17.429 23.691  65.669  1.00 670.67 ? 211 UNK A CB 1 
ATOM 1241 N N  . UNK B 1 116 ? -15.397 24.750  67.639  1.00 735.82 ? 212 UNK A N  1 
ATOM 1242 C CA . UNK B 1 116 ? -14.688 24.690  68.907  1.00 735.82 ? 212 UNK A CA 1 
ATOM 1243 C C  . UNK B 1 116 ? -14.749 26.057  69.569  1.00 735.82 ? 212 UNK A C  1 
ATOM 1244 O O  . UNK B 1 116 ? -14.873 26.183  70.796  1.00 735.82 ? 212 UNK A O  1 
ATOM 1245 C CB . UNK B 1 116 ? -13.242 24.253  68.702  1.00 735.82 ? 212 UNK A CB 1 
ATOM 1246 N N  . UNK B 1 117 ? -14.670 27.086  68.730  1.00 758.67 ? 213 UNK A N  1 
ATOM 1247 C CA . UNK B 1 117 ? -14.722 28.458  69.198  1.00 758.67 ? 213 UNK A CA 1 
ATOM 1248 C C  . UNK B 1 117 ? -15.986 28.678  69.997  1.00 758.67 ? 213 UNK A C  1 
ATOM 1249 O O  . UNK B 1 117 ? -15.968 29.042  71.169  1.00 758.67 ? 213 UNK A O  1 
ATOM 1250 C CB . UNK B 1 117 ? -14.667 29.431  68.020  1.00 758.67 ? 213 UNK A CB 1 
ATOM 1251 N N  . UNK B 1 118 ? -17.102 28.427  69.338  1.00 690.36 ? 214 UNK A N  1 
ATOM 1252 C CA . UNK B 1 118 ? -18.396 28.628  69.953  1.00 690.36 ? 214 UNK A CA 1 
ATOM 1253 C C  . UNK B 1 118 ? -18.570 27.697  71.138  1.00 690.36 ? 214 UNK A C  1 
ATOM 1254 O O  . UNK B 1 118 ? -19.285 28.018  72.080  1.00 690.36 ? 214 UNK A O  1 
ATOM 1255 C CB . UNK B 1 118 ? -19.507 28.400  68.937  1.00 690.36 ? 214 UNK A CB 1 
ATOM 1256 N N  . UNK B 1 119 ? -17.919 26.544  71.080  1.00 730.01 ? 215 UNK A N  1 
ATOM 1257 C CA . UNK B 1 119 ? -17.998 25.576  72.153  1.00 730.01 ? 215 UNK A CA 1 
ATOM 1258 C C  . UNK B 1 119 ? -17.517 26.262  73.407  1.00 730.01 ? 215 UNK A C  1 
ATOM 1259 O O  . UNK B 1 119 ? -18.224 26.377  74.407  1.00 730.01 ? 215 UNK A O  1 
ATOM 1260 C CB . UNK B 1 119 ? -17.151 24.344  71.841  1.00 730.01 ? 215 UNK A CB 1 
ATOM 1261 N N  . UNK B 1 120 ? -16.297 26.759  73.319  1.00 792.62 ? 216 UNK A N  1 
ATOM 1262 C CA . UNK B 1 120 ? -15.706 27.478  74.429  1.00 792.62 ? 216 UNK A CA 1 
ATOM 1263 C C  . UNK B 1 120 ? -16.553 28.684  74.807  1.00 792.62 ? 216 UNK A C  1 
ATOM 1264 O O  . UNK B 1 120 ? -16.691 29.030  75.976  1.00 792.62 ? 216 UNK A O  1 
ATOM 1265 C CB . UNK B 1 120 ? -14.294 27.919  74.076  1.00 792.62 ? 216 UNK A CB 1 
ATOM 1266 N N  . UNK B 1 121 ? -17.119 29.325  73.795  1.00 757.47 ? 217 UNK A N  1 
ATOM 1267 C CA . UNK B 1 121 ? -17.885 30.541  74.002  1.00 757.47 ? 217 UNK A CA 1 
ATOM 1268 C C  . UNK B 1 121 ? -19.085 30.275  74.890  1.00 757.47 ? 217 UNK A C  1 
ATOM 1269 O O  . UNK B 1 121 ? -19.438 31.064  75.751  1.00 757.47 ? 217 UNK A O  1 
ATOM 1270 C CB . UNK B 1 121 ? -18.339 31.115  72.662  1.00 757.47 ? 217 UNK A CB 1 
ATOM 1271 N N  . UNK B 1 122 ? -19.716 29.137  74.661  1.00 688.45 ? 218 UNK A N  1 
ATOM 1272 C CA . UNK B 1 122 ? -20.905 28.766  75.402  1.00 688.45 ? 218 UNK A CA 1 
ATOM 1273 C C  . UNK B 1 122 ? -20.524 28.550  76.843  1.00 688.45 ? 218 UNK A C  1 
ATOM 1274 O O  . UNK B 1 122 ? -21.228 28.934  77.778  1.00 688.45 ? 218 UNK A O  1 
ATOM 1275 C CB . UNK B 1 122 ? -21.529 27.502  74.822  1.00 688.45 ? 218 UNK A CB 1 
ATOM 1276 N N  . UNK B 1 123 ? -19.384 27.900  77.001  1.00 807.19 ? 219 UNK A N  1 
ATOM 1277 C CA . UNK B 1 123 ? -18.827 27.660  78.307  1.00 807.19 ? 219 UNK A CA 1 
ATOM 1278 C C  . UNK B 1 123 ? -18.722 28.987  78.997  1.00 807.19 ? 219 UNK A C  1 
ATOM 1279 O O  . UNK B 1 123 ? -19.119 29.159  80.134  1.00 807.19 ? 219 UNK A O  1 
ATOM 1280 C CB . UNK B 1 123 ? -17.457 27.000  78.201  1.00 807.19 ? 219 UNK A CB 1 
ATOM 1281 N N  . UNK B 1 124 ? -18.185 29.939  78.261  1.00 779.84 ? 220 UNK A N  1 
ATOM 1282 C CA . UNK B 1 124 ? -17.942 31.262  78.787  1.00 779.84 ? 220 UNK A CA 1 
ATOM 1283 C C  . UNK B 1 124 ? -19.237 31.908  79.227  1.00 779.84 ? 220 UNK A C  1 
ATOM 1284 O O  . UNK B 1 124 ? -19.330 32.580  80.253  1.00 779.84 ? 220 UNK A O  1 
ATOM 1285 C CB . UNK B 1 124 ? -17.260 32.120  77.730  1.00 779.84 ? 220 UNK A CB 1 
ATOM 1286 N N  . UNK B 1 125 ? -20.240 31.713  78.394  1.00 713.27 ? 221 UNK A N  1 
ATOM 1287 C CA . UNK B 1 125 ? -21.538 32.289  78.635  1.00 713.27 ? 221 UNK A CA 1 
ATOM 1288 C C  . UNK B 1 125 ? -21.980 31.802  79.983  1.00 713.27 ? 221 UNK A C  1 
ATOM 1289 O O  . UNK B 1 125 ? -22.349 32.556  80.887  1.00 713.27 ? 221 UNK A O  1 
ATOM 1290 C CB . UNK B 1 125 ? -22.524 31.869  77.554  1.00 713.27 ? 221 UNK A CB 1 
ATOM 1291 N N  . UNK B 1 126 ? -21.901 30.492  80.107  1.00 802.46 ? 222 UNK A N  1 
ATOM 1292 C CA . UNK B 1 126 ? -22.249 29.824  81.328  1.00 802.46 ? 222 UNK A CA 1 
ATOM 1293 C C  . UNK B 1 126 ? -21.480 30.451  82.477  1.00 802.46 ? 222 UNK A C  1 
ATOM 1294 O O  . UNK B 1 126 ? -22.026 30.748  83.533  1.00 802.46 ? 222 UNK A O  1 
ATOM 1295 C CB . UNK B 1 126 ? -21.943 28.338  81.212  1.00 802.46 ? 222 UNK A CB 1 
ATOM 1296 N N  . UNK B 1 127 ? -20.200 30.677  82.240  1.00 880.74 ? 223 UNK A N  1 
ATOM 1297 C CA . UNK B 1 127 ? -19.303 31.160  83.275  1.00 880.74 ? 223 UNK A CA 1 
ATOM 1298 C C  . UNK B 1 127 ? -19.815 32.471  83.811  1.00 880.74 ? 223 UNK A C  1 
ATOM 1299 O O  . UNK B 1 127 ? -19.788 32.768  84.998  1.00 880.74 ? 223 UNK A O  1 
ATOM 1300 C CB . UNK B 1 127 ? -17.893 31.329  82.724  1.00 880.74 ? 223 UNK A CB 1 
ATOM 1301 N N  . UNK B 1 128 ? -20.304 33.265  82.884  1.00 737.60 ? 224 UNK A N  1 
ATOM 1302 C CA . UNK B 1 128 ? -20.810 34.566  83.230  1.00 737.60 ? 224 UNK A CA 1 
ATOM 1303 C C  . UNK B 1 128 ? -22.139 34.435  83.943  1.00 737.60 ? 224 UNK A C  1 
ATOM 1304 O O  . UNK B 1 128 ? -22.502 35.286  84.735  1.00 737.60 ? 224 UNK A O  1 
ATOM 1305 C CB . UNK B 1 128 ? -20.963 35.417  81.978  1.00 737.60 ? 224 UNK A CB 1 
ATOM 1306 N N  . UNK B 1 129 ? -22.858 33.362  83.645  1.00 732.75 ? 225 UNK A N  1 
ATOM 1307 C CA . UNK B 1 129 ? -24.273 33.255  84.010  1.00 732.75 ? 225 UNK A CA 1 
ATOM 1308 C C  . UNK B 1 129 ? -24.673 33.551  85.456  1.00 732.75 ? 225 UNK A C  1 
ATOM 1309 O O  . UNK B 1 129 ? -24.954 34.672  85.866  1.00 732.75 ? 225 UNK A O  1 
ATOM 1310 C CB . UNK B 1 129 ? -24.772 31.854  83.668  1.00 732.75 ? 225 UNK A CB 1 
ATOM 1311 N N  . UNK B 1 130 ? -24.759 32.506  86.256  1.00 769.06 ? 226 UNK A N  1 
ATOM 1312 C CA . UNK B 1 130 ? -25.245 32.703  87.608  1.00 769.06 ? 226 UNK A CA 1 
ATOM 1313 C C  . UNK B 1 130 ? -24.287 33.613  88.336  1.00 769.06 ? 226 UNK A C  1 
ATOM 1314 O O  . UNK B 1 130 ? -24.646 34.310  89.298  1.00 769.06 ? 226 UNK A O  1 
ATOM 1315 C CB . UNK B 1 130 ? -25.393 31.382  88.339  1.00 769.06 ? 226 UNK A CB 1 
ATOM 1316 N N  . UNK B 1 131 ? -23.053 33.588  87.844  1.00 786.80 ? 227 UNK A N  1 
ATOM 1317 C CA . UNK B 1 131 ? -22.022 34.512  88.256  1.00 786.80 ? 227 UNK A CA 1 
ATOM 1318 C C  . UNK B 1 131 ? -22.678 35.855  88.380  1.00 786.80 ? 227 UNK A C  1 
ATOM 1319 O O  . UNK B 1 131 ? -22.670 36.487  89.436  1.00 786.80 ? 227 UNK A O  1 
ATOM 1320 C CB . UNK B 1 131 ? -20.884 34.552  87.240  1.00 786.80 ? 227 UNK A CB 1 
ATOM 1321 N N  . UNK B 1 132 ? -23.296 36.259  87.285  1.00 624.88 ? 228 UNK A N  1 
ATOM 1322 C CA . UNK B 1 132 ? -24.107 37.450  87.282  1.00 624.88 ? 228 UNK A CA 1 
ATOM 1323 C C  . UNK B 1 132 ? -25.161 37.262  88.339  1.00 624.88 ? 228 UNK A C  1 
ATOM 1324 O O  . UNK B 1 132 ? -25.317 38.082  89.239  1.00 624.88 ? 228 UNK A O  1 
ATOM 1325 C CB . UNK B 1 132 ? -24.738 37.687  85.914  1.00 624.88 ? 228 UNK A CB 1 
ATOM 1326 N N  . UNK B 1 133 ? -25.842 36.131  88.273  1.00 693.13 ? 229 UNK A N  1 
ATOM 1327 C CA . UNK B 1 133 ? -26.953 35.892  89.194  1.00 693.13 ? 229 UNK A CA 1 
ATOM 1328 C C  . UNK B 1 133 ? -26.517 35.904  90.659  1.00 693.13 ? 229 UNK A C  1 
ATOM 1329 O O  . UNK B 1 133 ? -27.134 35.269  91.499  1.00 693.13 ? 229 UNK A O  1 
ATOM 1330 C CB . UNK B 1 133 ? -27.655 34.577  88.875  1.00 693.13 ? 229 UNK A CB 1 
ATOM 1331 N N  . UNK B 1 134 ? -25.437 36.618  90.943  1.00 683.56 ? 230 UNK A N  1 
ATOM 1332 C CA . UNK B 1 134 ? -24.981 36.885  92.296  1.00 683.56 ? 230 UNK A CA 1 
ATOM 1333 C C  . UNK B 1 134 ? -26.022 37.542  93.177  1.00 683.56 ? 230 UNK A C  1 
ATOM 1334 O O  . UNK B 1 134 ? -27.068 36.986  93.478  1.00 683.56 ? 230 UNK A O  1 
ATOM 1335 C CB . UNK B 1 134 ? -23.747 37.781  92.258  1.00 683.56 ? 230 UNK A CB 1 
ATOM 1336 N N  . UNK B 1 135 ? -25.696 38.747  93.604  1.00 584.80 ? 231 UNK A N  1 
ATOM 1337 C CA . UNK B 1 135 ? -26.503 39.462  94.561  1.00 584.80 ? 231 UNK A CA 1 
ATOM 1338 C C  . UNK B 1 135 ? -27.964 39.527  94.153  1.00 584.80 ? 231 UNK A C  1 
ATOM 1339 O O  . UNK B 1 135 ? -28.758 38.715  94.619  1.00 584.80 ? 231 UNK A O  1 
ATOM 1340 C CB . UNK B 1 135 ? -25.951 40.862  94.737  1.00 584.80 ? 231 UNK A CB 1 
# 
